data_3PFL
#
_entry.id   3PFL
#
_cell.length_a   159.210
_cell.length_b   159.210
_cell.length_c   160.270
_cell.angle_alpha   90.00
_cell.angle_beta   90.00
_cell.angle_gamma   90.00
#
_symmetry.space_group_name_H-M   'P 43 21 2'
#
loop_
_entity.id
_entity.type
_entity.pdbx_description
1 polymer 'PROTEIN (FORMATE ACETYLTRANSFERASE 1)'
2 non-polymer 'OXAMIC ACID'
3 water water
#
_entity_poly.entity_id   1
_entity_poly.type   'polypeptide(L)'
_entity_poly.pdbx_seq_one_letter_code
;SELNEKLATAWEGFTKGDWQNEVNVRDFIQKNYTPYEGDESFLAGATEATTTLWDKVMEGVKLENRTHAPVDFDTAVAST
ITSHDAGYINKQLEKIVGLQTEAPLKRALIPFGGIKMIEGSCKAYNRELDPMIKKIFTEYRKTHNQGVFDVYTPDILRCR
KSGVLTGLPDAYGRGRIIGDYRRVALYGIDYLMKDKLAQFTSLQADLENGVNLEQTIRLREEIAEQHRALGQMKEMAAKY
GYDISGPATNAQEAIQWTYFGYLAAVKSQNGAAMSFGRTSTFLDVYIERDLKAGKITEQEAQEMVDHLVMKLRMVRFLRT
PEYDELFSGDPIWATESIGGMGLDGRTLVTKNSFRFLNTLYTMGPSPEPNMTILWSEKLPLNFKKFAAKVSIDTSSLQYE
NDDLMRPDFNNDDYAIACCVSPMIVGKQMQFFGARANLAKTMLYAINGGVDEKLKMQVGPKSEPIKGDVLNYDEVMERMD
HFMDWLAKQYITALNIIHYMHDKYSYEASLMALHDRDVIRTMACGIAGLSVAADSLSAIKYAKVKPIRDEDGLAIDFEIE
GEYPQFGNNDPRVDDLAVDLVERFMKKIQKLHTYRDAIPTQSVLTITSNVVYGKKTGNTPDGRRAGAPFGPGANPMHGRD
QKGAVASLTSVAKLPFAYAKDGISYTFSIVPNALGKDDEVRKTNLAGLMDGYFHHEASIEGGQHLNVNVMNREMLLDAME
NPEKYPQLTIRVSGYAVRFNSLTKEQQQDVITRTFTQSM
;
_entity_poly.pdbx_strand_id   A,B
#
# COMPACT_ATOMS: atom_id res chain seq x y z
N SER A 1 3.09 -37.34 -15.01
CA SER A 1 2.59 -36.99 -16.40
C SER A 1 2.66 -35.47 -16.66
N GLU A 2 3.87 -34.90 -16.51
CA GLU A 2 4.05 -33.46 -16.74
C GLU A 2 4.38 -33.29 -18.22
N LEU A 3 3.76 -34.16 -19.04
CA LEU A 3 3.94 -34.15 -20.48
C LEU A 3 2.57 -34.20 -21.14
N ASN A 4 1.90 -33.04 -21.18
CA ASN A 4 0.59 -32.90 -21.82
C ASN A 4 0.78 -33.29 -23.28
N GLU A 5 -0.29 -33.18 -24.07
CA GLU A 5 -0.22 -33.55 -25.49
C GLU A 5 0.42 -32.44 -26.30
N LYS A 6 0.15 -31.20 -25.95
CA LYS A 6 0.74 -30.09 -26.68
C LYS A 6 2.21 -29.95 -26.23
N LEU A 7 2.44 -29.96 -24.92
CA LEU A 7 3.80 -29.88 -24.41
C LEU A 7 4.70 -30.79 -25.27
N ALA A 8 4.32 -32.06 -25.36
CA ALA A 8 5.08 -33.04 -26.14
C ALA A 8 5.20 -32.66 -27.62
N THR A 9 4.09 -32.18 -28.20
CA THR A 9 4.10 -31.77 -29.60
C THR A 9 5.06 -30.60 -29.79
N ALA A 10 4.95 -29.62 -28.90
CA ALA A 10 5.75 -28.41 -28.92
C ALA A 10 7.23 -28.67 -28.67
N TRP A 11 7.53 -29.59 -27.75
CA TRP A 11 8.92 -29.91 -27.41
C TRP A 11 9.49 -31.11 -28.19
N GLU A 12 8.75 -31.55 -29.20
CA GLU A 12 9.18 -32.66 -30.03
C GLU A 12 10.63 -32.50 -30.46
N GLY A 13 11.47 -33.48 -30.13
CA GLY A 13 12.87 -33.41 -30.51
C GLY A 13 13.80 -32.80 -29.47
N PHE A 14 13.23 -32.21 -28.42
CA PHE A 14 14.05 -31.59 -27.38
C PHE A 14 14.56 -32.64 -26.38
N THR A 15 15.79 -32.45 -25.93
CA THR A 15 16.44 -33.33 -24.98
C THR A 15 15.76 -33.19 -23.63
N LYS A 16 15.59 -34.30 -22.92
CA LYS A 16 14.94 -34.31 -21.59
C LYS A 16 15.77 -33.66 -20.50
N GLY A 17 15.10 -33.27 -19.42
CA GLY A 17 15.79 -32.65 -18.31
C GLY A 17 14.79 -32.19 -17.28
N ASP A 18 15.28 -31.72 -16.13
CA ASP A 18 14.37 -31.25 -15.09
C ASP A 18 13.46 -30.14 -15.62
N TRP A 19 13.97 -29.41 -16.60
CA TRP A 19 13.25 -28.31 -17.20
C TRP A 19 11.84 -28.69 -17.67
N GLN A 20 11.55 -29.97 -17.82
CA GLN A 20 10.22 -30.37 -18.26
C GLN A 20 9.29 -30.59 -17.08
N ASN A 21 9.86 -30.64 -15.88
CA ASN A 21 9.05 -30.89 -14.68
C ASN A 21 8.95 -29.67 -13.77
N GLU A 22 9.79 -28.67 -14.01
CA GLU A 22 9.79 -27.47 -13.19
C GLU A 22 10.16 -26.32 -14.10
N VAL A 23 10.10 -25.09 -13.57
CA VAL A 23 10.48 -23.92 -14.36
C VAL A 23 12.00 -23.83 -14.19
N ASN A 24 12.72 -24.07 -15.29
CA ASN A 24 14.17 -24.05 -15.26
C ASN A 24 14.64 -23.78 -16.68
N VAL A 25 14.72 -22.50 -17.04
CA VAL A 25 15.12 -22.11 -18.38
C VAL A 25 16.59 -22.44 -18.61
N ARG A 26 17.40 -22.29 -17.56
CA ARG A 26 18.84 -22.57 -17.65
C ARG A 26 19.09 -24.02 -18.06
N ASP A 27 18.39 -24.95 -17.42
CA ASP A 27 18.53 -26.36 -17.73
C ASP A 27 18.17 -26.62 -19.19
N PHE A 28 17.01 -26.11 -19.61
CA PHE A 28 16.57 -26.28 -20.99
C PHE A 28 17.66 -25.85 -21.95
N ILE A 29 18.22 -24.67 -21.73
CA ILE A 29 19.27 -24.19 -22.60
C ILE A 29 20.43 -25.19 -22.57
N GLN A 30 20.89 -25.55 -21.39
CA GLN A 30 21.99 -26.49 -21.25
C GLN A 30 21.79 -27.81 -22.02
N LYS A 31 20.62 -28.41 -21.90
CA LYS A 31 20.35 -29.67 -22.59
C LYS A 31 20.00 -29.55 -24.07
N ASN A 32 19.89 -28.33 -24.60
CA ASN A 32 19.48 -28.22 -25.99
C ASN A 32 20.24 -27.30 -26.94
N TYR A 33 20.84 -26.24 -26.45
CA TYR A 33 21.55 -25.33 -27.35
C TYR A 33 22.73 -26.02 -28.01
N THR A 34 23.09 -25.58 -29.21
CA THR A 34 24.22 -26.16 -29.91
C THR A 34 25.31 -25.10 -30.07
N PRO A 35 26.46 -25.31 -29.42
CA PRO A 35 27.56 -24.35 -29.51
C PRO A 35 27.99 -24.17 -30.95
N TYR A 36 28.49 -22.98 -31.27
CA TYR A 36 28.94 -22.68 -32.63
C TYR A 36 30.31 -22.02 -32.56
N GLU A 37 31.26 -22.48 -33.37
CA GLU A 37 32.60 -21.89 -33.37
C GLU A 37 33.02 -21.38 -34.75
N GLY A 38 32.10 -21.43 -35.70
CA GLY A 38 32.39 -20.98 -37.05
C GLY A 38 32.47 -19.45 -37.18
N ASP A 39 32.30 -18.95 -38.40
CA ASP A 39 32.37 -17.51 -38.61
C ASP A 39 31.06 -16.95 -39.18
N GLU A 40 31.10 -15.70 -39.62
CA GLU A 40 29.92 -15.01 -40.15
C GLU A 40 29.52 -15.43 -41.55
N SER A 41 30.36 -16.26 -42.17
CA SER A 41 30.14 -16.74 -43.52
C SER A 41 28.69 -17.07 -43.87
N PHE A 42 27.92 -17.56 -42.92
CA PHE A 42 26.55 -17.96 -43.17
C PHE A 42 25.49 -16.85 -43.12
N LEU A 43 25.76 -15.77 -42.40
CA LEU A 43 24.81 -14.67 -42.27
C LEU A 43 24.15 -14.25 -43.59
N ALA A 44 22.83 -14.05 -43.53
CA ALA A 44 22.06 -13.63 -44.68
C ALA A 44 21.81 -12.11 -44.61
N GLY A 45 21.31 -11.55 -45.71
CA GLY A 45 21.03 -10.12 -45.75
C GLY A 45 19.57 -9.84 -45.47
N ALA A 46 19.24 -8.55 -45.38
CA ALA A 46 17.87 -8.11 -45.10
C ALA A 46 16.88 -8.44 -46.22
N THR A 47 15.65 -8.78 -45.84
CA THR A 47 14.62 -9.07 -46.83
C THR A 47 14.02 -7.71 -47.20
N GLU A 48 13.25 -7.68 -48.27
CA GLU A 48 12.64 -6.44 -48.71
C GLU A 48 11.59 -5.94 -47.73
N ALA A 49 10.96 -6.86 -47.01
CA ALA A 49 9.96 -6.49 -46.03
C ALA A 49 10.66 -5.73 -44.90
N THR A 50 11.80 -6.25 -44.48
CA THR A 50 12.58 -5.64 -43.42
C THR A 50 12.95 -4.20 -43.75
N THR A 51 13.63 -4.03 -44.87
CA THR A 51 14.08 -2.72 -45.32
C THR A 51 12.93 -1.75 -45.47
N THR A 52 11.81 -2.24 -46.00
CA THR A 52 10.65 -1.38 -46.18
C THR A 52 10.16 -0.91 -44.82
N LEU A 53 10.02 -1.86 -43.89
CA LEU A 53 9.56 -1.57 -42.54
C LEU A 53 10.50 -0.63 -41.80
N TRP A 54 11.79 -0.94 -41.85
CA TRP A 54 12.77 -0.11 -41.16
C TRP A 54 12.82 1.32 -41.68
N ASP A 55 12.84 1.47 -43.00
CA ASP A 55 12.89 2.80 -43.57
C ASP A 55 11.69 3.62 -43.13
N LYS A 56 10.52 2.99 -43.06
CA LYS A 56 9.33 3.71 -42.65
C LYS A 56 9.56 4.20 -41.22
N VAL A 57 10.07 3.33 -40.37
CA VAL A 57 10.32 3.68 -38.99
C VAL A 57 11.36 4.78 -38.85
N MET A 58 12.40 4.77 -39.68
CA MET A 58 13.43 5.80 -39.60
C MET A 58 12.84 7.18 -39.82
N GLU A 59 11.78 7.26 -40.62
CA GLU A 59 11.16 8.56 -40.85
C GLU A 59 10.70 9.13 -39.52
N GLY A 60 10.13 8.28 -38.66
CA GLY A 60 9.70 8.74 -37.35
C GLY A 60 10.91 9.07 -36.48
N VAL A 61 11.98 8.29 -36.61
CA VAL A 61 13.18 8.51 -35.82
C VAL A 61 13.85 9.84 -36.13
N LYS A 62 13.83 10.22 -37.42
CA LYS A 62 14.41 11.48 -37.85
C LYS A 62 13.60 12.63 -37.26
N LEU A 63 12.29 12.44 -37.18
CA LEU A 63 11.42 13.48 -36.64
C LEU A 63 11.76 13.70 -35.17
N GLU A 64 11.94 12.60 -34.45
CA GLU A 64 12.27 12.64 -33.03
C GLU A 64 13.58 13.37 -32.80
N ASN A 65 14.61 12.96 -33.52
CA ASN A 65 15.93 13.58 -33.36
C ASN A 65 15.87 15.06 -33.70
N ARG A 66 15.25 15.37 -34.82
CA ARG A 66 15.12 16.72 -35.31
C ARG A 66 14.40 17.63 -34.28
N THR A 67 13.23 17.19 -33.81
CA THR A 67 12.46 17.99 -32.85
C THR A 67 12.81 17.73 -31.39
N HIS A 68 13.66 16.74 -31.13
CA HIS A 68 14.04 16.39 -29.76
C HIS A 68 12.77 16.24 -28.94
N ALA A 69 11.73 15.68 -29.56
CA ALA A 69 10.47 15.47 -28.88
C ALA A 69 9.78 14.22 -29.40
N PRO A 70 8.76 13.73 -28.68
CA PRO A 70 8.03 12.54 -29.09
C PRO A 70 7.32 12.77 -30.42
N VAL A 71 7.17 11.72 -31.22
CA VAL A 71 6.47 11.84 -32.50
C VAL A 71 5.01 12.10 -32.15
N ASP A 72 4.57 11.49 -31.05
CA ASP A 72 3.21 11.63 -30.55
C ASP A 72 3.14 10.84 -29.24
N PHE A 73 2.05 11.01 -28.50
CA PHE A 73 1.86 10.29 -27.25
C PHE A 73 0.44 10.45 -26.69
N ASP A 74 0.04 9.54 -25.81
CA ASP A 74 -1.29 9.58 -25.23
C ASP A 74 -1.49 10.79 -24.34
N THR A 75 -2.75 11.19 -24.23
CA THR A 75 -3.12 12.36 -23.47
C THR A 75 -4.30 12.08 -22.57
N ALA A 76 -5.07 11.05 -22.92
CA ALA A 76 -6.25 10.69 -22.18
C ALA A 76 -6.42 9.22 -21.83
N VAL A 77 -5.41 8.41 -22.10
CA VAL A 77 -5.51 6.99 -21.80
C VAL A 77 -4.44 6.55 -20.83
N ALA A 78 -4.85 5.84 -19.79
CA ALA A 78 -3.93 5.30 -18.78
C ALA A 78 -3.45 3.95 -19.31
N SER A 79 -2.16 3.85 -19.63
CA SER A 79 -1.62 2.62 -20.17
C SER A 79 -1.66 1.43 -19.22
N THR A 80 -2.01 0.29 -19.81
CA THR A 80 -2.14 -0.95 -19.09
C THR A 80 -1.69 -2.07 -20.03
N ILE A 81 -1.60 -3.30 -19.53
CA ILE A 81 -1.20 -4.40 -20.40
C ILE A 81 -2.22 -4.61 -21.50
N THR A 82 -3.49 -4.40 -21.18
CA THR A 82 -4.57 -4.60 -22.14
C THR A 82 -5.27 -3.34 -22.61
N SER A 83 -4.79 -2.18 -22.19
CA SER A 83 -5.42 -0.92 -22.56
C SER A 83 -5.46 -0.58 -24.06
N HIS A 84 -4.39 -0.86 -24.79
CA HIS A 84 -4.37 -0.52 -26.21
C HIS A 84 -4.74 -1.64 -27.17
N ASP A 85 -5.17 -1.27 -28.37
CA ASP A 85 -5.50 -2.25 -29.40
C ASP A 85 -4.20 -2.54 -30.13
N ALA A 86 -4.20 -3.56 -30.97
CA ALA A 86 -3.01 -3.91 -31.71
C ALA A 86 -2.64 -2.75 -32.62
N GLY A 87 -1.34 -2.52 -32.77
CA GLY A 87 -0.85 -1.47 -33.63
C GLY A 87 0.19 -2.10 -34.53
N TYR A 88 0.35 -1.58 -35.74
CA TYR A 88 1.34 -2.13 -36.67
C TYR A 88 2.02 -1.04 -37.46
N ILE A 89 3.06 -1.42 -38.18
CA ILE A 89 3.81 -0.51 -39.04
C ILE A 89 3.22 -0.81 -40.41
N ASN A 90 3.05 -2.11 -40.65
CA ASN A 90 2.50 -2.66 -41.90
C ASN A 90 2.20 -4.13 -41.62
N LYS A 91 0.99 -4.40 -41.15
CA LYS A 91 0.58 -5.75 -40.80
C LYS A 91 0.94 -6.85 -41.82
N GLN A 92 0.94 -6.52 -43.10
CA GLN A 92 1.25 -7.52 -44.12
C GLN A 92 2.72 -7.85 -44.22
N LEU A 93 3.58 -7.06 -43.59
CA LEU A 93 5.01 -7.29 -43.67
C LEU A 93 5.73 -7.79 -42.42
N GLU A 94 5.16 -7.57 -41.25
CA GLU A 94 5.83 -7.98 -40.01
C GLU A 94 5.72 -9.45 -39.67
N LYS A 95 6.86 -10.06 -39.35
CA LYS A 95 6.92 -11.45 -38.98
C LYS A 95 6.70 -11.57 -37.47
N ILE A 96 7.16 -10.56 -36.74
CA ILE A 96 6.98 -10.50 -35.29
C ILE A 96 6.16 -9.24 -35.03
N VAL A 97 5.14 -9.35 -34.19
CA VAL A 97 4.26 -8.22 -33.95
C VAL A 97 4.15 -7.74 -32.50
N GLY A 98 3.78 -6.47 -32.34
CA GLY A 98 3.62 -5.90 -31.01
C GLY A 98 4.18 -4.50 -30.80
N LEU A 99 3.30 -3.58 -30.46
CA LEU A 99 3.69 -2.19 -30.20
C LEU A 99 3.09 -1.78 -28.85
N GLN A 100 3.76 -0.86 -28.16
CA GLN A 100 3.27 -0.40 -26.85
C GLN A 100 1.89 0.22 -26.96
N THR A 101 1.70 1.04 -27.98
CA THR A 101 0.41 1.69 -28.19
C THR A 101 -0.19 1.21 -29.51
N GLU A 102 -1.14 1.96 -30.06
CA GLU A 102 -1.76 1.58 -31.31
C GLU A 102 -1.01 2.11 -32.53
N ALA A 103 0.08 2.86 -32.29
CA ALA A 103 0.85 3.44 -33.40
C ALA A 103 2.34 3.46 -33.17
N PRO A 104 3.12 3.24 -34.23
CA PRO A 104 4.57 3.23 -34.12
C PRO A 104 5.13 4.48 -33.46
N LEU A 105 5.92 4.28 -32.42
CA LEU A 105 6.58 5.35 -31.67
C LEU A 105 5.68 6.28 -30.86
N LYS A 106 4.38 6.05 -30.83
CA LYS A 106 3.51 6.90 -30.03
C LYS A 106 3.71 6.48 -28.58
N ARG A 107 4.09 7.43 -27.72
CA ARG A 107 4.33 7.11 -26.32
C ARG A 107 3.07 7.10 -25.46
N ALA A 108 3.05 6.26 -24.42
CA ALA A 108 1.88 6.16 -23.55
C ALA A 108 2.04 6.93 -22.25
N LEU A 109 0.98 6.87 -21.44
CA LEU A 109 0.99 7.47 -20.12
C LEU A 109 0.98 6.33 -19.12
N ILE A 110 1.99 6.31 -18.24
CA ILE A 110 2.09 5.30 -17.19
C ILE A 110 1.91 6.14 -15.92
N PRO A 111 0.67 6.49 -15.60
CA PRO A 111 0.30 7.29 -14.43
C PRO A 111 0.67 6.80 -13.03
N PHE A 112 0.71 5.48 -12.84
CA PHE A 112 1.01 4.94 -11.52
C PHE A 112 2.28 5.47 -10.88
N GLY A 113 3.22 5.94 -11.71
CA GLY A 113 4.45 6.47 -11.16
C GLY A 113 4.33 7.89 -10.63
N GLY A 114 3.37 8.64 -11.16
CA GLY A 114 3.17 10.01 -10.73
C GLY A 114 2.50 10.82 -11.83
N ILE A 115 1.64 11.75 -11.45
CA ILE A 115 0.94 12.55 -12.44
C ILE A 115 1.67 13.84 -12.80
N LYS A 116 2.45 14.38 -11.87
CA LYS A 116 3.21 15.61 -12.12
C LYS A 116 4.17 15.52 -13.31
N MET A 117 4.86 14.40 -13.43
CA MET A 117 5.79 14.24 -14.54
C MET A 117 5.03 14.22 -15.86
N ILE A 118 3.85 13.62 -15.87
CA ILE A 118 3.06 13.56 -17.09
C ILE A 118 2.63 14.97 -17.49
N GLU A 119 2.27 15.79 -16.50
CA GLU A 119 1.89 17.18 -16.77
C GLU A 119 3.09 17.93 -17.33
N GLY A 120 4.25 17.72 -16.72
CA GLY A 120 5.44 18.38 -17.19
C GLY A 120 5.70 18.06 -18.65
N SER A 121 5.54 16.80 -19.02
CA SER A 121 5.75 16.39 -20.40
C SER A 121 4.74 17.09 -21.31
N CYS A 122 3.47 17.01 -20.93
CA CYS A 122 2.42 17.65 -21.71
C CYS A 122 2.73 19.11 -21.97
N LYS A 123 3.16 19.81 -20.94
CA LYS A 123 3.47 21.20 -21.09
C LYS A 123 4.67 21.39 -22.01
N ALA A 124 5.74 20.64 -21.76
CA ALA A 124 6.94 20.75 -22.57
C ALA A 124 6.73 20.45 -24.05
N TYR A 125 5.86 19.50 -24.36
CA TYR A 125 5.63 19.14 -25.75
C TYR A 125 4.36 19.74 -26.30
N ASN A 126 3.82 20.72 -25.59
CA ASN A 126 2.62 21.41 -26.05
C ASN A 126 1.45 20.47 -26.34
N ARG A 127 0.91 19.88 -25.28
CA ARG A 127 -0.24 18.99 -25.36
C ARG A 127 -0.98 19.17 -24.06
N GLU A 128 -2.27 18.83 -24.04
CA GLU A 128 -3.07 19.00 -22.84
C GLU A 128 -3.49 17.68 -22.21
N LEU A 129 -3.15 17.50 -20.94
CA LEU A 129 -3.47 16.31 -20.20
C LEU A 129 -4.99 16.24 -20.01
N ASP A 130 -5.60 15.06 -20.21
CA ASP A 130 -7.03 14.94 -20.00
C ASP A 130 -7.30 15.21 -18.53
N PRO A 131 -8.23 16.12 -18.23
CA PRO A 131 -8.54 16.45 -16.83
C PRO A 131 -9.02 15.30 -15.96
N MET A 132 -9.68 14.32 -16.57
CA MET A 132 -10.14 13.19 -15.79
C MET A 132 -8.95 12.34 -15.33
N ILE A 133 -7.97 12.16 -16.22
CA ILE A 133 -6.78 11.39 -15.87
C ILE A 133 -6.06 12.09 -14.73
N LYS A 134 -5.98 13.41 -14.79
CA LYS A 134 -5.31 14.18 -13.75
C LYS A 134 -6.02 14.04 -12.41
N LYS A 135 -7.34 14.10 -12.43
CA LYS A 135 -8.14 13.99 -11.22
C LYS A 135 -7.98 12.61 -10.57
N ILE A 136 -8.06 11.57 -11.39
CA ILE A 136 -7.93 10.17 -10.94
C ILE A 136 -6.61 9.89 -10.24
N PHE A 137 -5.52 10.36 -10.83
CA PHE A 137 -4.21 10.10 -10.26
C PHE A 137 -3.62 11.15 -9.32
N THR A 138 -4.51 11.93 -8.70
CA THR A 138 -4.11 12.92 -7.71
C THR A 138 -5.02 12.77 -6.50
N GLU A 139 -6.28 12.38 -6.74
CA GLU A 139 -7.24 12.20 -5.65
C GLU A 139 -7.68 10.77 -5.36
N TYR A 140 -7.76 9.92 -6.38
CA TYR A 140 -8.21 8.54 -6.17
C TYR A 140 -7.09 7.50 -6.04
N ARG A 141 -6.18 7.49 -7.00
CA ARG A 141 -5.09 6.54 -6.99
C ARG A 141 -3.80 7.28 -6.68
N LYS A 142 -3.27 7.03 -5.49
CA LYS A 142 -2.03 7.68 -5.09
C LYS A 142 -0.90 7.09 -5.90
N THR A 143 0.04 7.94 -6.27
CA THR A 143 1.16 7.50 -7.08
C THR A 143 2.46 7.35 -6.31
N HIS A 144 3.46 6.76 -6.96
CA HIS A 144 4.76 6.56 -6.36
C HIS A 144 5.36 7.90 -6.00
N ASN A 145 5.30 8.85 -6.93
CA ASN A 145 5.84 10.18 -6.69
C ASN A 145 5.23 10.85 -5.45
N GLN A 146 3.91 10.75 -5.30
CA GLN A 146 3.25 11.36 -4.16
C GLN A 146 3.70 10.71 -2.86
N GLY A 147 3.79 9.39 -2.85
CA GLY A 147 4.19 8.66 -1.66
C GLY A 147 5.59 8.97 -1.17
N VAL A 148 6.52 9.13 -2.10
CA VAL A 148 7.89 9.43 -1.74
C VAL A 148 8.02 10.82 -1.12
N PHE A 149 7.48 11.82 -1.79
CA PHE A 149 7.56 13.19 -1.27
C PHE A 149 6.74 13.43 -0.01
N ASP A 150 5.92 12.46 0.37
CA ASP A 150 5.14 12.60 1.58
C ASP A 150 5.97 12.10 2.75
N VAL A 151 7.00 11.31 2.45
CA VAL A 151 7.86 10.74 3.49
C VAL A 151 9.29 11.27 3.51
N TYR A 152 9.68 12.02 2.47
CA TYR A 152 11.03 12.59 2.39
C TYR A 152 11.35 13.53 3.57
N THR A 153 12.64 13.66 3.89
CA THR A 153 13.03 14.56 4.96
C THR A 153 13.50 15.86 4.33
N PRO A 154 13.49 16.97 5.08
CA PRO A 154 13.94 18.22 4.46
C PRO A 154 15.44 18.17 4.08
N ASP A 155 16.19 17.30 4.74
CA ASP A 155 17.61 17.13 4.47
C ASP A 155 17.80 16.56 3.07
N ILE A 156 17.05 15.52 2.78
CA ILE A 156 17.11 14.88 1.47
C ILE A 156 16.69 15.88 0.41
N LEU A 157 15.71 16.71 0.74
CA LEU A 157 15.22 17.73 -0.18
C LEU A 157 16.32 18.74 -0.48
N ARG A 158 17.09 19.09 0.53
CA ARG A 158 18.19 20.03 0.34
C ARG A 158 19.29 19.39 -0.52
N CYS A 159 19.59 18.12 -0.28
CA CYS A 159 20.60 17.41 -1.06
C CYS A 159 20.17 17.33 -2.52
N ARG A 160 18.88 17.16 -2.73
CA ARG A 160 18.30 17.07 -4.06
C ARG A 160 18.51 18.41 -4.79
N LYS A 161 18.23 19.51 -4.09
CA LYS A 161 18.37 20.83 -4.67
C LYS A 161 19.82 21.28 -4.88
N SER A 162 20.69 21.02 -3.91
CA SER A 162 22.07 21.45 -4.00
C SER A 162 22.89 20.70 -5.03
N GLY A 163 22.45 19.51 -5.40
CA GLY A 163 23.18 18.74 -6.39
C GLY A 163 24.16 17.72 -5.83
N VAL A 164 23.88 17.21 -4.63
CA VAL A 164 24.75 16.21 -4.03
C VAL A 164 24.08 14.84 -4.15
N LEU A 165 22.76 14.83 -4.16
CA LEU A 165 22.00 13.60 -4.28
C LEU A 165 20.78 13.95 -5.11
N THR A 166 20.96 13.97 -6.42
CA THR A 166 19.91 14.33 -7.36
C THR A 166 19.68 13.27 -8.43
N GLY A 167 18.45 13.22 -8.94
CA GLY A 167 18.13 12.26 -9.98
C GLY A 167 17.68 10.87 -9.54
N LEU A 168 17.50 10.65 -8.25
CA LEU A 168 17.07 9.34 -7.79
C LEU A 168 15.69 9.01 -8.36
N PRO A 169 15.36 7.72 -8.43
CA PRO A 169 14.08 7.25 -8.97
C PRO A 169 12.81 7.56 -8.16
N ASP A 170 12.53 8.84 -7.98
CA ASP A 170 11.34 9.27 -7.25
C ASP A 170 10.37 9.98 -8.18
N ALA A 171 10.71 10.02 -9.46
CA ALA A 171 9.88 10.69 -10.46
C ALA A 171 9.89 9.96 -11.79
N TYR A 172 10.09 8.64 -11.72
CA TYR A 172 10.11 7.80 -12.92
C TYR A 172 10.28 6.36 -12.47
N GLY A 173 9.88 5.40 -13.30
CA GLY A 173 10.01 4.00 -12.94
C GLY A 173 11.42 3.63 -12.54
N ARG A 174 11.54 2.83 -11.47
CA ARG A 174 12.84 2.42 -10.98
C ARG A 174 13.57 1.49 -11.91
N GLY A 175 12.83 0.61 -12.57
CA GLY A 175 13.44 -0.31 -13.51
C GLY A 175 14.39 -1.31 -12.87
N ARG A 176 15.50 -1.58 -13.55
CA ARG A 176 16.49 -2.53 -13.07
C ARG A 176 15.90 -3.91 -12.75
N ILE A 177 14.85 -4.30 -13.48
CA ILE A 177 14.19 -5.57 -13.29
C ILE A 177 14.06 -6.25 -14.64
N ILE A 178 14.55 -7.49 -14.75
CA ILE A 178 14.44 -8.23 -15.99
C ILE A 178 13.61 -9.49 -15.78
N GLY A 179 12.39 -9.50 -16.30
CA GLY A 179 11.58 -10.70 -16.16
C GLY A 179 12.12 -11.74 -17.14
N ASP A 180 12.09 -13.02 -16.78
CA ASP A 180 12.58 -14.04 -17.70
C ASP A 180 11.51 -14.21 -18.78
N TYR A 181 11.59 -13.39 -19.82
CA TYR A 181 10.60 -13.46 -20.90
C TYR A 181 10.65 -14.76 -21.69
N ARG A 182 11.79 -15.46 -21.63
CA ARG A 182 11.96 -16.74 -22.32
C ARG A 182 10.97 -17.78 -21.77
N ARG A 183 10.59 -17.63 -20.50
CA ARG A 183 9.66 -18.55 -19.86
C ARG A 183 8.33 -18.75 -20.58
N VAL A 184 7.79 -17.67 -21.14
CA VAL A 184 6.50 -17.76 -21.81
C VAL A 184 6.61 -18.52 -23.14
N ALA A 185 7.76 -18.43 -23.79
CA ALA A 185 7.95 -19.16 -25.04
C ALA A 185 8.13 -20.65 -24.72
N LEU A 186 8.88 -20.96 -23.66
CA LEU A 186 9.17 -22.32 -23.26
C LEU A 186 8.00 -23.08 -22.65
N TYR A 187 7.26 -22.45 -21.74
CA TYR A 187 6.15 -23.13 -21.07
C TYR A 187 4.73 -22.70 -21.41
N GLY A 188 4.56 -21.48 -21.88
CA GLY A 188 3.22 -21.00 -22.17
C GLY A 188 2.67 -20.34 -20.92
N ILE A 189 1.72 -19.43 -21.09
CA ILE A 189 1.14 -18.73 -19.95
C ILE A 189 0.45 -19.66 -18.97
N ASP A 190 -0.42 -20.53 -19.46
CA ASP A 190 -1.13 -21.44 -18.58
C ASP A 190 -0.23 -22.21 -17.61
N TYR A 191 0.88 -22.72 -18.10
CA TYR A 191 1.78 -23.47 -17.24
C TYR A 191 2.37 -22.56 -16.17
N LEU A 192 2.70 -21.33 -16.56
CA LEU A 192 3.27 -20.39 -15.60
C LEU A 192 2.24 -19.96 -14.56
N MET A 193 0.98 -19.88 -14.96
CA MET A 193 -0.06 -19.50 -14.02
C MET A 193 -0.28 -20.59 -12.96
N LYS A 194 -0.17 -21.86 -13.37
CA LYS A 194 -0.34 -22.98 -12.44
C LYS A 194 0.81 -22.96 -11.45
N ASP A 195 1.99 -22.61 -11.95
CA ASP A 195 3.18 -22.54 -11.11
C ASP A 195 3.04 -21.42 -10.06
N LYS A 196 2.52 -20.28 -10.47
CA LYS A 196 2.32 -19.16 -9.56
C LYS A 196 1.27 -19.52 -8.51
N LEU A 197 0.21 -20.18 -8.96
CA LEU A 197 -0.85 -20.58 -8.03
C LEU A 197 -0.27 -21.47 -6.94
N ALA A 198 0.70 -22.30 -7.33
CA ALA A 198 1.35 -23.19 -6.38
C ALA A 198 2.18 -22.36 -5.41
N GLN A 199 2.90 -21.39 -5.93
CA GLN A 199 3.73 -20.52 -5.08
C GLN A 199 2.85 -19.81 -4.07
N PHE A 200 1.71 -19.34 -4.55
CA PHE A 200 0.73 -18.64 -3.72
C PHE A 200 0.28 -19.51 -2.56
N THR A 201 -0.05 -20.77 -2.85
CA THR A 201 -0.52 -21.69 -1.84
C THR A 201 0.56 -22.09 -0.83
N SER A 202 1.82 -22.06 -1.28
CA SER A 202 2.91 -22.46 -0.40
C SER A 202 3.17 -21.48 0.74
N LEU A 203 2.47 -20.35 0.72
CA LEU A 203 2.65 -19.35 1.75
C LEU A 203 1.54 -19.41 2.79
N GLN A 204 0.51 -20.20 2.51
CA GLN A 204 -0.63 -20.30 3.43
C GLN A 204 -0.26 -20.75 4.83
N ALA A 205 0.59 -21.77 4.95
CA ALA A 205 0.97 -22.28 6.25
C ALA A 205 1.53 -21.15 7.12
N ASP A 206 2.61 -20.53 6.66
CA ASP A 206 3.26 -19.41 7.37
C ASP A 206 2.26 -18.36 7.77
N LEU A 207 1.37 -18.01 6.85
CA LEU A 207 0.35 -17.02 7.10
C LEU A 207 -0.46 -17.43 8.33
N GLU A 208 -1.12 -18.59 8.24
CA GLU A 208 -1.93 -19.10 9.33
C GLU A 208 -1.16 -19.19 10.65
N ASN A 209 0.14 -19.46 10.57
CA ASN A 209 0.94 -19.59 11.78
C ASN A 209 1.63 -18.30 12.23
N GLY A 210 1.24 -17.17 11.65
CA GLY A 210 1.82 -15.89 12.03
C GLY A 210 3.33 -15.81 11.89
N VAL A 211 3.88 -16.50 10.89
CA VAL A 211 5.32 -16.48 10.66
C VAL A 211 5.64 -15.33 9.70
N ASN A 212 6.37 -14.32 10.19
CA ASN A 212 6.70 -13.16 9.36
C ASN A 212 5.39 -12.66 8.75
N LEU A 213 4.39 -12.49 9.60
CA LEU A 213 3.06 -12.05 9.20
C LEU A 213 2.95 -11.05 8.07
N GLU A 214 3.50 -9.85 8.26
CA GLU A 214 3.44 -8.81 7.25
C GLU A 214 4.19 -9.08 5.94
N GLN A 215 5.37 -9.69 6.04
CA GLN A 215 6.16 -10.02 4.85
C GLN A 215 5.41 -11.08 4.02
N THR A 216 4.75 -12.00 4.72
CA THR A 216 4.01 -13.09 4.06
C THR A 216 2.77 -12.56 3.37
N ILE A 217 2.07 -11.63 4.02
CA ILE A 217 0.87 -11.07 3.43
C ILE A 217 1.24 -10.30 2.17
N ARG A 218 2.34 -9.55 2.25
CA ARG A 218 2.80 -8.76 1.11
C ARG A 218 3.11 -9.65 -0.08
N LEU A 219 3.89 -10.70 0.16
CA LEU A 219 4.27 -11.63 -0.89
C LEU A 219 3.06 -12.33 -1.50
N ARG A 220 2.10 -12.67 -0.66
CA ARG A 220 0.89 -13.31 -1.15
C ARG A 220 0.18 -12.42 -2.15
N GLU A 221 -0.05 -11.18 -1.76
CA GLU A 221 -0.74 -10.24 -2.64
C GLU A 221 0.06 -9.99 -3.91
N GLU A 222 1.38 -9.94 -3.80
CA GLU A 222 2.23 -9.71 -4.96
C GLU A 222 2.09 -10.85 -5.94
N ILE A 223 2.11 -12.07 -5.42
CA ILE A 223 1.99 -13.23 -6.27
C ILE A 223 0.60 -13.30 -6.90
N ALA A 224 -0.39 -12.83 -6.18
CA ALA A 224 -1.75 -12.81 -6.72
C ALA A 224 -1.80 -11.83 -7.88
N GLU A 225 -1.16 -10.68 -7.71
CA GLU A 225 -1.14 -9.65 -8.74
C GLU A 225 -0.32 -10.15 -9.93
N GLN A 226 0.63 -11.02 -9.65
CA GLN A 226 1.46 -11.61 -10.70
C GLN A 226 0.64 -12.57 -11.53
N HIS A 227 -0.14 -13.39 -10.85
CA HIS A 227 -1.00 -14.35 -11.48
C HIS A 227 -1.96 -13.61 -12.40
N ARG A 228 -2.56 -12.55 -11.87
CA ARG A 228 -3.50 -11.77 -12.65
C ARG A 228 -2.83 -11.12 -13.87
N ALA A 229 -1.55 -10.77 -13.73
CA ALA A 229 -0.85 -10.16 -14.86
C ALA A 229 -0.65 -11.16 -15.99
N LEU A 230 -0.32 -12.41 -15.65
CA LEU A 230 -0.10 -13.44 -16.67
C LEU A 230 -1.34 -13.62 -17.52
N GLY A 231 -2.51 -13.53 -16.91
CA GLY A 231 -3.75 -13.67 -17.66
C GLY A 231 -3.94 -12.52 -18.64
N GLN A 232 -3.54 -11.33 -18.23
CA GLN A 232 -3.64 -10.14 -19.06
C GLN A 232 -2.70 -10.26 -20.24
N MET A 233 -1.57 -10.94 -20.03
CA MET A 233 -0.62 -11.14 -21.13
C MET A 233 -1.34 -11.87 -22.27
N LYS A 234 -2.14 -12.88 -21.92
CA LYS A 234 -2.89 -13.65 -22.91
C LYS A 234 -3.85 -12.76 -23.67
N GLU A 235 -4.60 -11.93 -22.95
CA GLU A 235 -5.55 -11.03 -23.58
C GLU A 235 -4.82 -10.10 -24.52
N MET A 236 -3.66 -9.61 -24.06
CA MET A 236 -2.87 -8.71 -24.88
C MET A 236 -2.52 -9.37 -26.20
N ALA A 237 -2.02 -10.60 -26.12
CA ALA A 237 -1.65 -11.35 -27.30
C ALA A 237 -2.85 -11.58 -28.21
N ALA A 238 -3.96 -12.01 -27.61
CA ALA A 238 -5.20 -12.28 -28.34
C ALA A 238 -5.57 -11.11 -29.27
N LYS A 239 -5.43 -9.89 -28.79
CA LYS A 239 -5.74 -8.73 -29.58
C LYS A 239 -4.92 -8.76 -30.87
N TYR A 240 -3.84 -9.54 -30.85
CA TYR A 240 -2.97 -9.67 -32.01
C TYR A 240 -3.22 -10.97 -32.76
N GLY A 241 -4.25 -11.71 -32.34
CA GLY A 241 -4.59 -12.97 -32.99
C GLY A 241 -3.76 -14.16 -32.54
N TYR A 242 -2.99 -14.00 -31.49
CA TYR A 242 -2.17 -15.10 -30.99
C TYR A 242 -2.69 -15.69 -29.69
N ASP A 243 -2.57 -17.01 -29.57
CA ASP A 243 -2.96 -17.71 -28.37
C ASP A 243 -1.66 -18.19 -27.76
N ILE A 244 -1.24 -17.55 -26.67
CA ILE A 244 0.01 -17.91 -26.02
C ILE A 244 -0.21 -18.68 -24.72
N SER A 245 -1.40 -19.27 -24.59
CA SER A 245 -1.70 -20.05 -23.40
C SER A 245 -0.81 -21.28 -23.38
N GLY A 246 -0.46 -21.78 -24.56
CA GLY A 246 0.39 -22.95 -24.66
C GLY A 246 1.81 -22.57 -25.06
N PRO A 247 2.77 -23.52 -24.98
CA PRO A 247 4.18 -23.30 -25.32
C PRO A 247 4.42 -22.97 -26.81
N ALA A 248 5.54 -22.32 -27.09
CA ALA A 248 5.90 -21.97 -28.45
C ALA A 248 6.23 -23.26 -29.24
N THR A 249 5.58 -23.39 -30.40
CA THR A 249 5.70 -24.55 -31.30
C THR A 249 6.88 -24.53 -32.27
N ASN A 250 7.29 -23.34 -32.74
CA ASN A 250 8.40 -23.21 -33.69
C ASN A 250 9.27 -21.99 -33.34
N ALA A 251 10.24 -21.69 -34.18
CA ALA A 251 11.13 -20.56 -33.98
C ALA A 251 10.33 -19.26 -33.93
N GLN A 252 9.52 -19.06 -34.95
CA GLN A 252 8.68 -17.88 -35.06
C GLN A 252 7.86 -17.60 -33.79
N GLU A 253 7.31 -18.66 -33.19
CA GLU A 253 6.51 -18.48 -32.00
C GLU A 253 7.40 -18.26 -30.78
N ALA A 254 8.56 -18.91 -30.76
CA ALA A 254 9.46 -18.75 -29.62
C ALA A 254 9.83 -17.28 -29.48
N ILE A 255 10.13 -16.65 -30.63
CA ILE A 255 10.50 -15.25 -30.68
C ILE A 255 9.31 -14.37 -30.32
N GLN A 256 8.18 -14.62 -30.95
CA GLN A 256 6.97 -13.85 -30.70
C GLN A 256 6.54 -13.96 -29.24
N TRP A 257 6.51 -15.18 -28.72
CA TRP A 257 6.12 -15.43 -27.33
C TRP A 257 7.03 -14.69 -26.34
N THR A 258 8.34 -14.71 -26.60
CA THR A 258 9.28 -14.04 -25.71
C THR A 258 9.09 -12.54 -25.78
N TYR A 259 8.89 -12.01 -26.99
CA TYR A 259 8.69 -10.57 -27.13
C TYR A 259 7.37 -10.18 -26.46
N PHE A 260 6.34 -11.00 -26.61
CA PHE A 260 5.06 -10.71 -26.00
C PHE A 260 5.20 -10.53 -24.48
N GLY A 261 6.10 -11.30 -23.88
CA GLY A 261 6.33 -11.19 -22.46
C GLY A 261 6.92 -9.84 -22.11
N TYR A 262 7.87 -9.41 -22.93
CA TYR A 262 8.53 -8.13 -22.75
C TYR A 262 7.58 -6.97 -23.06
N LEU A 263 6.69 -7.15 -24.03
CA LEU A 263 5.76 -6.11 -24.41
C LEU A 263 4.83 -5.74 -23.27
N ALA A 264 4.34 -6.74 -22.56
CA ALA A 264 3.45 -6.51 -21.43
C ALA A 264 4.16 -5.62 -20.42
N ALA A 265 5.46 -5.86 -20.27
CA ALA A 265 6.26 -5.09 -19.34
C ALA A 265 6.38 -3.62 -19.75
N VAL A 266 6.77 -3.35 -21.00
CA VAL A 266 6.93 -1.98 -21.48
C VAL A 266 5.59 -1.28 -21.77
N LYS A 267 4.51 -2.00 -21.52
CA LYS A 267 3.17 -1.46 -21.70
C LYS A 267 2.63 -1.09 -20.31
N SER A 268 3.26 -1.63 -19.26
CA SER A 268 2.77 -1.38 -17.93
C SER A 268 3.72 -0.68 -16.96
N GLN A 269 5.01 -0.69 -17.25
CA GLN A 269 5.98 -0.06 -16.37
C GLN A 269 6.91 0.93 -17.06
N ASN A 270 7.21 1.99 -16.33
CA ASN A 270 8.05 3.13 -16.71
C ASN A 270 9.55 2.97 -16.62
N GLY A 271 10.00 1.89 -16.00
CA GLY A 271 11.43 1.65 -15.83
C GLY A 271 12.42 2.45 -16.66
N ALA A 272 13.38 3.08 -15.98
CA ALA A 272 14.42 3.84 -16.66
C ALA A 272 15.13 2.88 -17.63
N ALA A 273 15.38 1.67 -17.14
CA ALA A 273 16.00 0.63 -17.94
C ALA A 273 15.04 -0.56 -17.98
N MET A 274 14.66 -0.98 -19.17
CA MET A 274 13.78 -2.12 -19.32
C MET A 274 14.54 -3.13 -20.19
N SER A 275 15.54 -3.77 -19.59
CA SER A 275 16.38 -4.73 -20.31
C SER A 275 15.70 -6.02 -20.79
N PHE A 276 16.20 -6.54 -21.90
CA PHE A 276 15.68 -7.75 -22.52
C PHE A 276 16.14 -9.06 -21.88
N GLY A 277 17.40 -9.11 -21.44
CA GLY A 277 17.93 -10.30 -20.81
C GLY A 277 19.02 -11.02 -21.60
N ARG A 278 19.04 -12.35 -21.51
CA ARG A 278 20.00 -13.20 -22.22
C ARG A 278 19.13 -14.18 -23.02
N THR A 279 18.75 -13.77 -24.23
CA THR A 279 17.86 -14.56 -25.05
C THR A 279 18.32 -15.09 -26.39
N SER A 280 19.34 -14.46 -26.99
CA SER A 280 19.81 -14.91 -28.30
C SER A 280 20.11 -16.42 -28.39
N THR A 281 20.94 -16.95 -27.49
CA THR A 281 21.26 -18.38 -27.51
C THR A 281 20.01 -19.22 -27.29
N PHE A 282 19.20 -18.82 -26.32
CA PHE A 282 17.96 -19.52 -26.01
C PHE A 282 17.12 -19.68 -27.27
N LEU A 283 16.90 -18.58 -27.98
CA LEU A 283 16.10 -18.63 -29.19
C LEU A 283 16.74 -19.47 -30.28
N ASP A 284 18.07 -19.59 -30.24
CA ASP A 284 18.77 -20.38 -31.25
C ASP A 284 18.31 -21.83 -31.24
N VAL A 285 17.95 -22.34 -30.07
CA VAL A 285 17.47 -23.71 -29.95
C VAL A 285 16.27 -23.92 -30.87
N TYR A 286 15.36 -22.94 -30.92
CA TYR A 286 14.19 -23.09 -31.77
C TYR A 286 14.51 -22.86 -33.24
N ILE A 287 15.47 -21.99 -33.50
CA ILE A 287 15.87 -21.69 -34.86
C ILE A 287 16.56 -22.92 -35.46
N GLU A 288 17.51 -23.51 -34.73
CA GLU A 288 18.23 -24.68 -35.19
C GLU A 288 17.24 -25.77 -35.61
N ARG A 289 16.40 -26.17 -34.65
CA ARG A 289 15.38 -27.20 -34.88
C ARG A 289 14.56 -26.96 -36.16
N ASP A 290 14.03 -25.75 -36.33
CA ASP A 290 13.25 -25.43 -37.54
C ASP A 290 14.12 -25.50 -38.80
N LEU A 291 15.37 -25.11 -38.66
CA LEU A 291 16.31 -25.14 -39.78
C LEU A 291 16.50 -26.61 -40.17
N LYS A 292 16.98 -27.41 -39.21
CA LYS A 292 17.20 -28.84 -39.42
C LYS A 292 16.01 -29.59 -40.01
N ALA A 293 14.80 -29.13 -39.72
CA ALA A 293 13.62 -29.78 -40.26
C ALA A 293 13.26 -29.13 -41.60
N GLY A 294 14.11 -28.22 -42.05
CA GLY A 294 13.88 -27.53 -43.31
C GLY A 294 12.56 -26.78 -43.32
N LYS A 295 12.14 -26.30 -42.16
CA LYS A 295 10.87 -25.57 -42.05
C LYS A 295 11.10 -24.09 -42.28
N ILE A 296 12.34 -23.66 -42.06
CA ILE A 296 12.71 -22.25 -42.19
C ILE A 296 14.07 -22.15 -42.89
N THR A 297 14.26 -21.13 -43.72
CA THR A 297 15.54 -20.93 -44.39
C THR A 297 16.39 -20.04 -43.49
N GLU A 298 17.65 -19.85 -43.84
CA GLU A 298 18.49 -19.00 -43.01
C GLU A 298 18.10 -17.53 -43.13
N GLN A 299 17.77 -17.11 -44.34
CA GLN A 299 17.38 -15.73 -44.55
C GLN A 299 16.07 -15.43 -43.82
N GLU A 300 15.25 -16.47 -43.66
CA GLU A 300 13.98 -16.32 -42.95
C GLU A 300 14.24 -16.23 -41.46
N ALA A 301 15.39 -16.76 -41.05
CA ALA A 301 15.80 -16.76 -39.66
C ALA A 301 16.16 -15.33 -39.29
N GLN A 302 17.02 -14.71 -40.11
CA GLN A 302 17.44 -13.33 -39.87
C GLN A 302 16.26 -12.38 -39.87
N GLU A 303 15.32 -12.59 -40.79
CA GLU A 303 14.16 -11.74 -40.91
C GLU A 303 13.45 -11.68 -39.56
N MET A 304 13.19 -12.85 -38.99
CA MET A 304 12.53 -12.94 -37.69
C MET A 304 13.30 -12.15 -36.62
N VAL A 305 14.60 -12.41 -36.53
CA VAL A 305 15.44 -11.72 -35.56
C VAL A 305 15.39 -10.23 -35.83
N ASP A 306 15.50 -9.87 -37.10
CA ASP A 306 15.44 -8.47 -37.50
C ASP A 306 14.15 -7.81 -37.03
N HIS A 307 13.01 -8.47 -37.25
CA HIS A 307 11.74 -7.91 -36.83
C HIS A 307 11.61 -7.85 -35.31
N LEU A 308 12.32 -8.73 -34.61
CA LEU A 308 12.31 -8.72 -33.16
C LEU A 308 13.14 -7.53 -32.73
N VAL A 309 14.38 -7.50 -33.19
CA VAL A 309 15.30 -6.43 -32.85
C VAL A 309 14.75 -5.07 -33.28
N MET A 310 13.96 -5.07 -34.35
CA MET A 310 13.37 -3.82 -34.86
C MET A 310 12.36 -3.27 -33.85
N LYS A 311 11.56 -4.15 -33.28
CA LYS A 311 10.59 -3.72 -32.29
C LYS A 311 11.33 -3.18 -31.07
N LEU A 312 12.49 -3.77 -30.76
CA LEU A 312 13.26 -3.30 -29.62
C LEU A 312 13.80 -1.91 -29.90
N ARG A 313 13.93 -1.57 -31.18
CA ARG A 313 14.42 -0.25 -31.56
C ARG A 313 13.26 0.74 -31.53
N MET A 314 12.06 0.24 -31.24
CA MET A 314 10.88 1.07 -31.25
C MET A 314 10.25 1.31 -29.88
N VAL A 315 10.90 0.84 -28.83
CA VAL A 315 10.37 1.03 -27.49
C VAL A 315 10.56 2.51 -27.11
N ARG A 316 9.51 3.15 -26.61
CA ARG A 316 9.58 4.56 -26.24
C ARG A 316 8.84 4.82 -24.93
N PHE A 317 9.26 5.89 -24.25
CA PHE A 317 8.64 6.29 -22.99
C PHE A 317 8.58 7.81 -22.87
N LEU A 318 7.45 8.30 -22.37
CA LEU A 318 7.26 9.73 -22.17
C LEU A 318 8.11 10.21 -21.00
N ARG A 319 9.04 11.12 -21.25
CA ARG A 319 9.92 11.64 -20.23
C ARG A 319 9.92 13.18 -20.18
N THR A 320 10.25 13.73 -19.03
CA THR A 320 10.30 15.18 -18.82
C THR A 320 11.67 15.73 -19.24
N PRO A 321 11.76 17.05 -19.46
CA PRO A 321 13.06 17.62 -19.84
C PRO A 321 14.10 17.36 -18.76
N GLU A 322 13.66 17.30 -17.51
CA GLU A 322 14.57 17.04 -16.41
C GLU A 322 15.19 15.67 -16.58
N TYR A 323 14.36 14.70 -16.96
CA TYR A 323 14.80 13.34 -17.17
C TYR A 323 15.74 13.29 -18.35
N ASP A 324 15.43 14.07 -19.39
CA ASP A 324 16.26 14.09 -20.57
C ASP A 324 17.70 14.51 -20.30
N GLU A 325 17.91 15.36 -19.30
CA GLU A 325 19.29 15.78 -19.03
C GLU A 325 20.02 14.84 -18.08
N LEU A 326 19.26 13.99 -17.40
CA LEU A 326 19.80 13.01 -16.46
C LEU A 326 20.15 11.72 -17.21
N PHE A 327 19.35 11.40 -18.23
CA PHE A 327 19.54 10.22 -19.07
C PHE A 327 19.36 10.68 -20.51
N SER A 328 20.43 11.18 -21.10
CA SER A 328 20.42 11.71 -22.47
C SER A 328 20.31 10.69 -23.61
N GLY A 329 19.86 11.18 -24.75
CA GLY A 329 19.73 10.37 -25.94
C GLY A 329 18.49 9.51 -26.08
N ASP A 330 17.43 9.83 -25.35
CA ASP A 330 16.18 9.05 -25.43
C ASP A 330 16.51 7.57 -25.24
N PRO A 331 17.22 7.24 -24.17
CA PRO A 331 17.61 5.84 -23.88
C PRO A 331 16.50 4.91 -23.37
N ILE A 332 16.70 3.62 -23.55
CA ILE A 332 15.73 2.66 -23.10
C ILE A 332 16.42 1.51 -22.38
N TRP A 333 17.61 1.16 -22.84
CA TRP A 333 18.39 0.07 -22.25
C TRP A 333 17.75 -1.31 -22.44
N ALA A 334 17.36 -1.61 -23.68
CA ALA A 334 16.79 -2.92 -24.00
C ALA A 334 18.04 -3.78 -24.21
N THR A 335 18.69 -4.11 -23.10
CA THR A 335 19.92 -4.88 -23.11
C THR A 335 19.82 -6.39 -23.37
N GLU A 336 20.69 -6.85 -24.26
CA GLU A 336 20.77 -8.26 -24.65
C GLU A 336 22.18 -8.77 -24.34
N SER A 337 22.25 -9.86 -23.59
CA SER A 337 23.53 -10.45 -23.25
C SER A 337 23.81 -11.60 -24.22
N ILE A 338 24.88 -11.43 -24.99
CA ILE A 338 25.27 -12.40 -26.00
C ILE A 338 26.57 -13.16 -25.70
N GLY A 339 26.61 -14.40 -26.16
CA GLY A 339 27.79 -15.22 -25.97
C GLY A 339 28.04 -15.70 -24.56
N GLY A 340 29.28 -15.56 -24.13
CA GLY A 340 29.67 -16.02 -22.81
C GLY A 340 30.10 -17.48 -22.86
N MET A 341 30.50 -18.02 -21.71
CA MET A 341 30.92 -19.40 -21.64
C MET A 341 30.12 -20.06 -20.54
N GLY A 342 29.79 -21.34 -20.71
CA GLY A 342 29.06 -22.06 -19.68
C GLY A 342 29.99 -22.50 -18.56
N LEU A 343 29.44 -23.01 -17.48
CA LEU A 343 30.27 -23.46 -16.38
C LEU A 343 30.99 -24.75 -16.78
N ASP A 344 30.44 -25.46 -17.76
CA ASP A 344 31.02 -26.71 -18.24
C ASP A 344 32.09 -26.52 -19.32
N GLY A 345 32.59 -25.29 -19.45
CA GLY A 345 33.64 -25.02 -20.42
C GLY A 345 33.29 -24.70 -21.87
N ARG A 346 32.15 -25.17 -22.36
CA ARG A 346 31.80 -24.87 -23.74
C ARG A 346 31.28 -23.44 -23.87
N THR A 347 31.38 -22.87 -25.06
CA THR A 347 30.93 -21.51 -25.30
C THR A 347 29.42 -21.45 -25.48
N LEU A 348 28.81 -20.37 -25.01
CA LEU A 348 27.37 -20.20 -25.16
C LEU A 348 27.11 -19.49 -26.49
N VAL A 349 28.18 -19.21 -27.24
CA VAL A 349 28.04 -18.55 -28.53
C VAL A 349 27.30 -19.48 -29.48
N THR A 350 26.41 -18.92 -30.29
CA THR A 350 25.63 -19.70 -31.24
C THR A 350 25.50 -18.93 -32.55
N LYS A 351 24.86 -19.55 -33.54
CA LYS A 351 24.67 -18.87 -34.81
C LYS A 351 23.83 -17.62 -34.57
N ASN A 352 22.87 -17.74 -33.65
CA ASN A 352 21.97 -16.63 -33.33
C ASN A 352 22.78 -15.50 -32.72
N SER A 353 23.94 -15.83 -32.14
CA SER A 353 24.79 -14.80 -31.56
C SER A 353 25.16 -13.87 -32.70
N PHE A 354 25.53 -14.46 -33.83
CA PHE A 354 25.92 -13.68 -35.00
C PHE A 354 24.71 -12.99 -35.62
N ARG A 355 23.58 -13.69 -35.67
CA ARG A 355 22.38 -13.09 -36.26
C ARG A 355 22.03 -11.77 -35.59
N PHE A 356 22.23 -11.70 -34.28
CA PHE A 356 21.93 -10.49 -33.54
C PHE A 356 22.85 -9.34 -33.91
N LEU A 357 24.16 -9.57 -33.88
CA LEU A 357 25.09 -8.52 -34.23
C LEU A 357 24.84 -8.08 -35.66
N ASN A 358 24.43 -9.04 -36.49
CA ASN A 358 24.16 -8.80 -37.90
C ASN A 358 22.99 -7.83 -38.15
N THR A 359 22.20 -7.54 -37.13
CA THR A 359 21.10 -6.61 -37.33
C THR A 359 21.71 -5.22 -37.56
N LEU A 360 22.92 -5.02 -37.06
CA LEU A 360 23.63 -3.75 -37.23
C LEU A 360 23.91 -3.50 -38.72
N TYR A 361 24.09 -4.58 -39.49
CA TYR A 361 24.36 -4.46 -40.91
C TYR A 361 23.04 -4.50 -41.66
N THR A 362 22.25 -5.50 -41.33
CA THR A 362 20.96 -5.71 -41.95
C THR A 362 20.06 -4.47 -41.86
N MET A 363 20.16 -3.72 -40.76
CA MET A 363 19.34 -2.52 -40.58
C MET A 363 20.14 -1.28 -40.17
N GLY A 364 21.46 -1.34 -40.32
CA GLY A 364 22.29 -0.19 -39.98
C GLY A 364 22.56 -0.07 -38.48
N PRO A 365 23.35 0.93 -38.08
CA PRO A 365 23.67 1.12 -36.68
C PRO A 365 22.46 1.57 -35.86
N SER A 366 22.42 1.10 -34.61
CA SER A 366 21.31 1.44 -33.74
C SER A 366 21.76 1.42 -32.27
N PRO A 367 21.26 2.36 -31.46
CA PRO A 367 21.56 2.51 -30.04
C PRO A 367 20.90 1.38 -29.25
N GLU A 368 19.74 0.94 -29.73
CA GLU A 368 19.00 -0.13 -29.10
C GLU A 368 18.72 -1.23 -30.13
N PRO A 369 18.71 -2.50 -29.69
CA PRO A 369 18.94 -2.91 -28.30
C PRO A 369 20.38 -2.63 -27.92
N ASN A 370 20.64 -2.64 -26.62
CA ASN A 370 21.98 -2.40 -26.11
C ASN A 370 22.65 -3.78 -26.09
N MET A 371 23.21 -4.18 -27.23
CA MET A 371 23.86 -5.48 -27.38
C MET A 371 25.19 -5.56 -26.61
N THR A 372 25.21 -6.48 -25.66
CA THR A 372 26.38 -6.64 -24.81
C THR A 372 27.03 -8.00 -24.96
N ILE A 373 28.30 -8.00 -25.35
CA ILE A 373 29.05 -9.22 -25.53
C ILE A 373 29.68 -9.68 -24.21
N LEU A 374 29.28 -10.85 -23.73
CA LEU A 374 29.84 -11.41 -22.51
C LEU A 374 31.16 -12.00 -22.97
N TRP A 375 32.24 -11.25 -22.72
CA TRP A 375 33.59 -11.60 -23.13
C TRP A 375 34.32 -12.61 -22.26
N SER A 376 35.10 -13.45 -22.94
CA SER A 376 35.91 -14.47 -22.28
C SER A 376 37.10 -14.79 -23.17
N GLU A 377 38.27 -14.98 -22.55
CA GLU A 377 39.45 -15.28 -23.33
C GLU A 377 39.25 -16.57 -24.11
N LYS A 378 38.40 -17.46 -23.60
CA LYS A 378 38.15 -18.74 -24.24
C LYS A 378 37.11 -18.70 -25.38
N LEU A 379 36.62 -17.52 -25.73
CA LEU A 379 35.64 -17.44 -26.81
C LEU A 379 36.23 -17.90 -28.14
N PRO A 380 35.40 -18.45 -29.04
CA PRO A 380 35.94 -18.87 -30.33
C PRO A 380 36.50 -17.63 -31.01
N LEU A 381 37.78 -17.68 -31.38
CA LEU A 381 38.42 -16.54 -32.04
C LEU A 381 37.56 -15.97 -33.17
N ASN A 382 36.87 -16.84 -33.90
CA ASN A 382 36.02 -16.40 -35.01
C ASN A 382 35.04 -15.36 -34.51
N PHE A 383 34.52 -15.59 -33.32
CA PHE A 383 33.57 -14.66 -32.73
C PHE A 383 34.24 -13.40 -32.22
N LYS A 384 35.39 -13.54 -31.55
CA LYS A 384 36.12 -12.37 -31.04
C LYS A 384 36.36 -11.38 -32.18
N LYS A 385 36.91 -11.88 -33.28
CA LYS A 385 37.20 -11.04 -34.42
C LYS A 385 35.96 -10.38 -35.01
N PHE A 386 34.89 -11.14 -35.18
CA PHE A 386 33.67 -10.56 -35.74
C PHE A 386 33.04 -9.46 -34.88
N ALA A 387 33.08 -9.63 -33.57
CA ALA A 387 32.53 -8.63 -32.65
C ALA A 387 33.33 -7.36 -32.82
N ALA A 388 34.65 -7.51 -32.74
CA ALA A 388 35.56 -6.39 -32.92
C ALA A 388 35.25 -5.69 -34.24
N LYS A 389 34.99 -6.49 -35.28
CA LYS A 389 34.69 -5.97 -36.61
C LYS A 389 33.46 -5.09 -36.56
N VAL A 390 32.42 -5.58 -35.88
CA VAL A 390 31.17 -4.84 -35.75
C VAL A 390 31.41 -3.55 -34.96
N SER A 391 32.26 -3.62 -33.93
CA SER A 391 32.59 -2.44 -33.11
C SER A 391 33.28 -1.42 -34.00
N ILE A 392 34.21 -1.89 -34.83
CA ILE A 392 34.94 -1.02 -35.73
C ILE A 392 33.98 -0.39 -36.75
N ASP A 393 33.01 -1.15 -37.24
CA ASP A 393 32.07 -0.63 -38.23
C ASP A 393 30.93 0.21 -37.66
N THR A 394 30.52 -0.08 -36.43
CA THR A 394 29.39 0.64 -35.86
C THR A 394 29.54 1.36 -34.52
N SER A 395 30.46 0.90 -33.67
CA SER A 395 30.62 1.52 -32.36
C SER A 395 29.32 1.37 -31.60
N SER A 396 28.65 0.25 -31.81
CA SER A 396 27.36 -0.01 -31.18
C SER A 396 27.38 -1.11 -30.13
N LEU A 397 28.55 -1.68 -29.87
CA LEU A 397 28.63 -2.77 -28.90
C LEU A 397 29.36 -2.43 -27.60
N GLN A 398 29.07 -3.19 -26.55
CA GLN A 398 29.77 -3.02 -25.29
C GLN A 398 30.22 -4.41 -24.84
N TYR A 399 31.26 -4.45 -24.01
CA TYR A 399 31.80 -5.72 -23.54
C TYR A 399 31.91 -5.78 -22.04
N GLU A 400 31.53 -6.92 -21.48
CA GLU A 400 31.60 -7.14 -20.04
C GLU A 400 32.37 -8.44 -19.80
N ASN A 401 33.13 -8.48 -18.71
CA ASN A 401 33.98 -9.61 -18.36
C ASN A 401 33.26 -10.87 -17.83
N ASP A 402 32.97 -11.81 -18.72
CA ASP A 402 32.31 -13.07 -18.37
C ASP A 402 33.23 -13.94 -17.50
N ASP A 403 34.54 -13.80 -17.68
CA ASP A 403 35.49 -14.58 -16.89
C ASP A 403 35.43 -14.16 -15.43
N LEU A 404 34.96 -12.94 -15.19
CA LEU A 404 34.85 -12.42 -13.83
C LEU A 404 33.48 -12.70 -13.18
N MET A 405 32.41 -12.32 -13.86
CA MET A 405 31.05 -12.50 -13.33
C MET A 405 30.54 -13.94 -13.27
N ARG A 406 30.76 -14.69 -14.34
CA ARG A 406 30.30 -16.08 -14.37
C ARG A 406 30.76 -16.80 -13.10
N PRO A 407 32.06 -16.72 -12.78
CA PRO A 407 32.56 -17.38 -11.56
C PRO A 407 31.99 -16.76 -10.29
N ASP A 408 31.88 -15.44 -10.26
CA ASP A 408 31.36 -14.77 -9.08
C ASP A 408 29.95 -15.23 -8.74
N PHE A 409 29.16 -15.46 -9.76
CA PHE A 409 27.80 -15.94 -9.59
C PHE A 409 27.78 -17.46 -9.57
N ASN A 410 28.79 -18.07 -10.18
CA ASN A 410 28.85 -19.52 -10.31
C ASN A 410 27.54 -19.91 -10.99
N ASN A 411 27.25 -19.20 -12.07
CA ASN A 411 26.02 -19.42 -12.83
C ASN A 411 26.31 -18.93 -14.24
N ASP A 412 25.83 -19.65 -15.24
CA ASP A 412 26.08 -19.23 -16.61
C ASP A 412 24.82 -18.70 -17.30
N ASP A 413 23.83 -18.30 -16.50
CA ASP A 413 22.59 -17.77 -17.03
C ASP A 413 22.25 -16.44 -16.37
N TYR A 414 23.24 -15.55 -16.25
CA TYR A 414 23.02 -14.24 -15.67
C TYR A 414 22.94 -13.25 -16.82
N ALA A 415 22.24 -12.14 -16.62
CA ALA A 415 22.12 -11.14 -17.67
C ALA A 415 22.54 -9.77 -17.14
N ILE A 416 22.63 -8.81 -18.04
CA ILE A 416 23.03 -7.44 -17.69
C ILE A 416 21.85 -6.48 -17.76
N ALA A 417 21.54 -5.84 -16.65
CA ALA A 417 20.44 -4.89 -16.61
C ALA A 417 21.01 -3.50 -16.83
N CYS A 418 20.38 -2.74 -17.71
CA CYS A 418 20.79 -1.38 -18.03
C CYS A 418 22.17 -1.31 -18.67
N CYS A 419 23.19 -0.89 -17.91
CA CYS A 419 24.54 -0.78 -18.44
C CYS A 419 25.52 -1.86 -18.02
N VAL A 420 25.67 -2.03 -16.72
CA VAL A 420 26.64 -2.98 -16.18
C VAL A 420 26.22 -3.77 -14.92
N SER A 421 24.92 -3.74 -14.60
CA SER A 421 24.39 -4.41 -13.41
C SER A 421 23.95 -5.83 -13.69
N PRO A 422 24.75 -6.82 -13.23
CA PRO A 422 24.47 -8.24 -13.43
C PRO A 422 23.44 -8.86 -12.50
N MET A 423 22.71 -9.85 -13.02
CA MET A 423 21.69 -10.56 -12.24
C MET A 423 21.36 -11.92 -12.88
N ILE A 424 21.13 -12.93 -12.04
CA ILE A 424 20.76 -14.25 -12.55
C ILE A 424 19.30 -14.13 -12.98
N VAL A 425 19.04 -14.34 -14.26
CA VAL A 425 17.69 -14.20 -14.78
C VAL A 425 16.58 -14.98 -14.07
N GLY A 426 15.51 -14.27 -13.75
CA GLY A 426 14.37 -14.86 -13.09
C GLY A 426 14.56 -15.10 -11.61
N LYS A 427 15.76 -14.87 -11.09
CA LYS A 427 16.02 -15.13 -9.68
C LYS A 427 16.58 -13.94 -8.89
N GLN A 428 16.85 -12.83 -9.58
CA GLN A 428 17.45 -11.66 -8.93
C GLN A 428 17.12 -10.34 -9.62
N MET A 429 17.01 -9.28 -8.82
CA MET A 429 16.72 -7.93 -9.35
C MET A 429 17.51 -6.90 -8.54
N GLN A 430 17.54 -5.67 -9.02
CA GLN A 430 18.22 -4.60 -8.29
C GLN A 430 17.21 -3.52 -7.89
N PHE A 431 17.44 -2.88 -6.75
CA PHE A 431 16.59 -1.77 -6.29
C PHE A 431 17.41 -0.60 -6.78
N PHE A 432 17.06 -0.08 -7.93
CA PHE A 432 17.78 1.02 -8.52
C PHE A 432 17.98 2.27 -7.69
N GLY A 433 19.17 2.82 -7.81
CA GLY A 433 19.51 4.06 -7.14
C GLY A 433 20.43 4.74 -8.13
N ALA A 434 20.07 5.94 -8.59
CA ALA A 434 20.91 6.63 -9.54
C ALA A 434 22.36 6.69 -9.02
N ARG A 435 22.83 7.87 -8.69
CA ARG A 435 24.17 7.99 -8.16
C ARG A 435 24.31 9.24 -7.32
N ALA A 436 25.25 9.20 -6.37
CA ALA A 436 25.51 10.32 -5.49
C ALA A 436 26.67 11.12 -6.08
N ASN A 437 26.82 12.38 -5.68
CA ASN A 437 27.90 13.22 -6.18
C ASN A 437 29.06 13.15 -5.18
N LEU A 438 30.05 12.31 -5.44
CA LEU A 438 31.19 12.16 -4.55
C LEU A 438 32.09 13.39 -4.51
N ALA A 439 32.22 14.04 -5.65
CA ALA A 439 33.06 15.22 -5.75
C ALA A 439 32.56 16.33 -4.82
N LYS A 440 31.29 16.70 -4.98
CA LYS A 440 30.70 17.76 -4.17
C LYS A 440 30.81 17.39 -2.69
N THR A 441 30.91 16.09 -2.41
CA THR A 441 31.04 15.64 -1.03
C THR A 441 32.39 16.05 -0.47
N MET A 442 33.41 16.11 -1.32
CA MET A 442 34.72 16.52 -0.86
C MET A 442 34.73 18.01 -0.59
N LEU A 443 34.07 18.79 -1.44
CA LEU A 443 34.00 20.24 -1.25
C LEU A 443 33.30 20.57 0.05
N TYR A 444 32.26 19.81 0.37
CA TYR A 444 31.50 20.00 1.60
C TYR A 444 32.41 19.75 2.79
N ALA A 445 33.32 18.80 2.63
CA ALA A 445 34.25 18.46 3.69
C ALA A 445 35.17 19.65 3.95
N ILE A 446 35.54 20.34 2.87
CA ILE A 446 36.41 21.50 2.97
C ILE A 446 35.66 22.77 3.37
N ASN A 447 34.36 22.81 3.11
CA ASN A 447 33.58 23.99 3.45
C ASN A 447 32.58 23.79 4.59
N GLY A 448 32.84 22.80 5.43
CA GLY A 448 31.98 22.55 6.56
C GLY A 448 30.51 22.33 6.25
N GLY A 449 30.21 21.61 5.17
CA GLY A 449 28.84 21.33 4.82
C GLY A 449 28.06 22.38 4.04
N VAL A 450 28.67 23.54 3.83
CA VAL A 450 27.99 24.59 3.08
C VAL A 450 28.21 24.36 1.61
N ASP A 451 27.13 24.43 0.82
CA ASP A 451 27.27 24.23 -0.61
C ASP A 451 27.95 25.46 -1.24
N GLU A 452 28.95 25.21 -2.09
CA GLU A 452 29.73 26.27 -2.72
C GLU A 452 29.02 27.13 -3.77
N LYS A 453 27.88 26.69 -4.30
CA LYS A 453 27.15 27.49 -5.28
C LYS A 453 25.94 28.19 -4.63
N LEU A 454 25.17 27.45 -3.84
CA LEU A 454 24.00 28.03 -3.17
C LEU A 454 24.37 28.74 -1.88
N LYS A 455 25.51 28.38 -1.29
CA LYS A 455 25.97 28.99 -0.05
C LYS A 455 25.00 28.81 1.12
N MET A 456 24.52 27.59 1.30
CA MET A 456 23.61 27.29 2.39
C MET A 456 24.04 25.97 3.02
N GLN A 457 23.73 25.79 4.29
CA GLN A 457 24.11 24.58 4.97
C GLN A 457 23.32 23.40 4.39
N VAL A 458 24.04 22.37 3.99
CA VAL A 458 23.43 21.18 3.42
C VAL A 458 23.92 19.97 4.20
N GLY A 459 25.23 19.85 4.31
CA GLY A 459 25.82 18.76 5.04
C GLY A 459 25.86 19.09 6.52
N PRO A 460 26.36 18.19 7.38
CA PRO A 460 26.43 18.46 8.83
C PRO A 460 27.23 19.72 9.14
N LYS A 461 26.71 20.57 10.02
CA LYS A 461 27.42 21.79 10.36
C LYS A 461 28.76 21.44 10.99
N SER A 462 29.83 22.06 10.50
CA SER A 462 31.16 21.82 11.01
C SER A 462 32.14 22.86 10.51
N GLU A 463 33.31 22.94 11.14
CA GLU A 463 34.30 23.93 10.75
C GLU A 463 34.94 23.64 9.41
N PRO A 464 35.06 24.68 8.56
CA PRO A 464 35.69 24.51 7.25
C PRO A 464 37.21 24.43 7.46
N ILE A 465 37.91 23.71 6.59
CA ILE A 465 39.37 23.59 6.69
C ILE A 465 39.98 24.99 6.64
N LYS A 466 40.88 25.27 7.58
CA LYS A 466 41.48 26.60 7.66
C LYS A 466 42.78 26.91 6.90
N GLY A 467 43.72 25.98 6.86
CA GLY A 467 44.96 26.26 6.18
C GLY A 467 44.92 27.18 4.94
N ASP A 468 46.09 27.65 4.53
CA ASP A 468 46.20 28.50 3.34
C ASP A 468 46.62 27.55 2.21
N VAL A 469 47.02 26.34 2.62
CA VAL A 469 47.45 25.29 1.72
C VAL A 469 46.87 23.97 2.23
N LEU A 470 46.04 23.34 1.39
CA LEU A 470 45.39 22.08 1.75
C LEU A 470 46.38 20.98 2.09
N ASN A 471 45.99 20.11 3.01
CA ASN A 471 46.85 19.03 3.42
C ASN A 471 46.10 17.70 3.33
N TYR A 472 46.63 16.77 2.54
CA TYR A 472 45.98 15.48 2.30
C TYR A 472 45.31 14.80 3.48
N ASP A 473 46.08 14.39 4.48
CA ASP A 473 45.51 13.71 5.63
C ASP A 473 44.28 14.38 6.22
N GLU A 474 44.37 15.69 6.44
CA GLU A 474 43.27 16.42 7.01
C GLU A 474 42.03 16.41 6.12
N VAL A 475 42.22 16.67 4.84
CA VAL A 475 41.11 16.68 3.89
C VAL A 475 40.46 15.30 3.73
N MET A 476 41.27 14.26 3.83
CA MET A 476 40.76 12.91 3.69
C MET A 476 39.89 12.52 4.87
N GLU A 477 40.30 13.03 6.04
CA GLU A 477 39.63 12.75 7.29
C GLU A 477 38.26 13.40 7.34
N ARG A 478 38.15 14.62 6.84
CA ARG A 478 36.87 15.30 6.85
C ARG A 478 35.98 14.69 5.78
N MET A 479 36.58 14.27 4.67
CA MET A 479 35.78 13.69 3.60
C MET A 479 35.23 12.36 4.06
N ASP A 480 36.02 11.62 4.82
CA ASP A 480 35.61 10.33 5.34
C ASP A 480 34.33 10.48 6.17
N HIS A 481 34.30 11.52 6.99
CA HIS A 481 33.16 11.82 7.83
C HIS A 481 31.94 12.22 6.98
N PHE A 482 32.17 13.11 6.01
CA PHE A 482 31.09 13.55 5.15
C PHE A 482 30.56 12.44 4.27
N MET A 483 31.35 11.39 4.11
CA MET A 483 30.95 10.25 3.31
C MET A 483 30.05 9.36 4.13
N ASP A 484 30.18 9.46 5.45
CA ASP A 484 29.34 8.71 6.38
C ASP A 484 27.95 9.31 6.29
N TRP A 485 27.91 10.64 6.29
CA TRP A 485 26.68 11.40 6.19
C TRP A 485 25.97 11.14 4.85
N LEU A 486 26.75 11.15 3.77
CA LEU A 486 26.20 10.91 2.43
C LEU A 486 25.55 9.52 2.41
N ALA A 487 26.28 8.53 2.92
CA ALA A 487 25.79 7.17 2.95
C ALA A 487 24.48 7.02 3.72
N LYS A 488 24.32 7.76 4.80
CA LYS A 488 23.10 7.66 5.59
C LYS A 488 21.93 8.31 4.85
N GLN A 489 22.16 9.48 4.28
CA GLN A 489 21.11 10.16 3.55
C GLN A 489 20.72 9.35 2.31
N TYR A 490 21.71 8.80 1.62
CA TYR A 490 21.48 8.04 0.40
C TYR A 490 20.64 6.79 0.66
N ILE A 491 21.06 5.98 1.62
CA ILE A 491 20.31 4.77 1.93
C ILE A 491 18.92 5.12 2.41
N THR A 492 18.81 6.19 3.20
CA THR A 492 17.53 6.61 3.71
C THR A 492 16.57 6.98 2.59
N ALA A 493 17.06 7.69 1.58
CA ALA A 493 16.23 8.08 0.46
C ALA A 493 15.76 6.85 -0.32
N LEU A 494 16.68 5.94 -0.58
CA LEU A 494 16.35 4.72 -1.32
C LEU A 494 15.40 3.82 -0.54
N ASN A 495 15.54 3.77 0.79
CA ASN A 495 14.67 2.95 1.61
C ASN A 495 13.23 3.42 1.42
N ILE A 496 12.99 4.73 1.53
CA ILE A 496 11.63 5.20 1.38
C ILE A 496 11.16 5.03 -0.07
N ILE A 497 12.06 5.24 -1.01
CA ILE A 497 11.75 5.13 -2.43
C ILE A 497 11.27 3.74 -2.84
N HIS A 498 12.00 2.71 -2.45
CA HIS A 498 11.63 1.37 -2.83
C HIS A 498 10.48 0.81 -2.04
N TYR A 499 10.20 1.44 -0.90
CA TYR A 499 9.08 1.04 -0.08
C TYR A 499 7.84 1.52 -0.83
N MET A 500 7.87 2.76 -1.32
CA MET A 500 6.74 3.34 -2.06
C MET A 500 6.54 2.71 -3.44
N HIS A 501 7.62 2.32 -4.10
CA HIS A 501 7.49 1.71 -5.42
C HIS A 501 6.83 0.32 -5.31
N ASP A 502 7.16 -0.42 -4.26
CA ASP A 502 6.56 -1.72 -4.05
C ASP A 502 5.08 -1.51 -3.78
N LYS A 503 4.77 -0.41 -3.11
CA LYS A 503 3.39 -0.10 -2.78
C LYS A 503 2.56 0.46 -3.92
N TYR A 504 3.07 1.45 -4.63
CA TYR A 504 2.27 2.05 -5.69
C TYR A 504 2.59 1.72 -7.14
N SER A 505 3.65 0.97 -7.40
CA SER A 505 3.98 0.63 -8.78
C SER A 505 4.68 -0.70 -8.91
N TYR A 506 4.19 -1.69 -8.17
CA TYR A 506 4.76 -3.03 -8.21
C TYR A 506 4.71 -3.55 -9.64
N GLU A 507 5.86 -3.93 -10.16
CA GLU A 507 5.95 -4.42 -11.51
C GLU A 507 5.47 -5.87 -11.64
N ALA A 508 4.15 -6.04 -11.51
CA ALA A 508 3.53 -7.35 -11.56
C ALA A 508 3.88 -8.22 -12.76
N SER A 509 3.78 -7.68 -13.97
CA SER A 509 4.05 -8.48 -15.15
C SER A 509 5.49 -8.98 -15.25
N LEU A 510 6.44 -8.25 -14.69
CA LEU A 510 7.83 -8.68 -14.74
C LEU A 510 8.15 -9.68 -13.63
N MET A 511 7.62 -9.43 -12.44
CA MET A 511 7.86 -10.30 -11.31
C MET A 511 7.18 -11.65 -11.51
N ALA A 512 6.16 -11.67 -12.36
CA ALA A 512 5.44 -12.90 -12.66
C ALA A 512 6.37 -13.87 -13.37
N LEU A 513 7.41 -13.33 -13.98
CA LEU A 513 8.37 -14.15 -14.68
C LEU A 513 9.65 -14.40 -13.87
N HIS A 514 9.53 -14.37 -12.55
CA HIS A 514 10.63 -14.62 -11.63
C HIS A 514 10.18 -15.74 -10.69
N ASP A 515 11.11 -16.30 -9.92
CA ASP A 515 10.80 -17.34 -8.95
C ASP A 515 9.95 -16.71 -7.85
N ARG A 516 9.50 -17.51 -6.90
CA ARG A 516 8.70 -16.98 -5.82
C ARG A 516 9.50 -15.99 -4.97
N ASP A 517 10.72 -16.36 -4.65
CA ASP A 517 11.57 -15.51 -3.83
C ASP A 517 12.68 -14.98 -4.72
N VAL A 518 12.85 -13.66 -4.70
CA VAL A 518 13.85 -13.05 -5.55
C VAL A 518 14.91 -12.29 -4.78
N ILE A 519 16.17 -12.49 -5.16
CA ILE A 519 17.27 -11.80 -4.52
C ILE A 519 17.25 -10.33 -4.91
N ARG A 520 17.43 -9.46 -3.93
CA ARG A 520 17.40 -8.03 -4.12
C ARG A 520 18.63 -7.31 -3.60
N THR A 521 19.18 -6.42 -4.41
CA THR A 521 20.32 -5.62 -3.98
C THR A 521 19.91 -4.14 -3.99
N MET A 522 20.59 -3.35 -3.16
CA MET A 522 20.32 -1.91 -3.11
C MET A 522 21.52 -1.28 -3.82
N ALA A 523 21.38 -1.05 -5.13
CA ALA A 523 22.44 -0.49 -5.96
C ALA A 523 22.67 1.01 -5.81
N CYS A 524 23.79 1.36 -5.21
CA CYS A 524 24.15 2.76 -5.01
C CYS A 524 25.23 3.18 -6.01
N GLY A 525 25.05 4.35 -6.61
CA GLY A 525 26.03 4.79 -7.59
C GLY A 525 26.89 5.96 -7.19
N ILE A 526 28.10 5.98 -7.73
CA ILE A 526 29.07 7.03 -7.46
C ILE A 526 29.43 7.83 -8.70
N ALA A 527 29.23 9.14 -8.63
CA ALA A 527 29.54 10.01 -9.75
C ALA A 527 30.75 10.88 -9.45
N GLY A 528 31.58 11.13 -10.47
CA GLY A 528 32.77 11.93 -10.28
C GLY A 528 33.92 11.25 -9.54
N LEU A 529 34.10 9.94 -9.72
CA LEU A 529 35.18 9.26 -9.02
C LEU A 529 36.54 9.86 -9.40
N SER A 530 36.76 10.05 -10.69
CA SER A 530 38.02 10.60 -11.18
C SER A 530 38.29 12.04 -10.76
N VAL A 531 37.25 12.86 -10.63
CA VAL A 531 37.53 14.23 -10.22
C VAL A 531 37.86 14.19 -8.74
N ALA A 532 37.27 13.24 -8.03
CA ALA A 532 37.52 13.11 -6.60
C ALA A 532 38.94 12.59 -6.36
N ALA A 533 39.31 11.53 -7.07
CA ALA A 533 40.63 10.93 -6.92
C ALA A 533 41.75 11.90 -7.29
N ASP A 534 41.63 12.56 -8.44
CA ASP A 534 42.64 13.50 -8.87
C ASP A 534 42.76 14.62 -7.85
N SER A 535 41.63 15.19 -7.45
CA SER A 535 41.62 16.28 -6.49
C SER A 535 42.49 15.95 -5.29
N LEU A 536 42.40 14.71 -4.81
CA LEU A 536 43.20 14.27 -3.69
C LEU A 536 44.68 14.18 -4.08
N SER A 537 44.95 13.67 -5.29
CA SER A 537 46.30 13.52 -5.79
C SER A 537 46.96 14.89 -5.83
N ALA A 538 46.21 15.86 -6.35
CA ALA A 538 46.70 17.22 -6.45
C ALA A 538 47.11 17.68 -5.06
N ILE A 539 46.24 17.43 -4.10
CA ILE A 539 46.48 17.81 -2.71
C ILE A 539 47.62 17.02 -2.05
N LYS A 540 47.73 15.75 -2.39
CA LYS A 540 48.77 14.91 -1.80
C LYS A 540 50.11 14.90 -2.51
N TYR A 541 50.19 15.44 -3.72
CA TYR A 541 51.46 15.46 -4.43
C TYR A 541 51.90 16.83 -4.89
N ALA A 542 50.98 17.79 -4.89
CA ALA A 542 51.30 19.16 -5.29
C ALA A 542 50.90 20.08 -4.14
N LYS A 543 50.91 21.39 -4.40
CA LYS A 543 50.52 22.38 -3.38
C LYS A 543 49.23 23.04 -3.81
N VAL A 544 48.12 22.62 -3.20
CA VAL A 544 46.83 23.20 -3.54
C VAL A 544 46.44 24.24 -2.49
N LYS A 545 46.17 25.47 -2.93
CA LYS A 545 45.79 26.54 -2.00
C LYS A 545 44.39 27.03 -2.29
N PRO A 546 43.52 27.05 -1.28
CA PRO A 546 42.14 27.52 -1.47
C PRO A 546 42.06 29.03 -1.55
N ILE A 547 41.21 29.49 -2.43
CA ILE A 547 40.98 30.91 -2.56
C ILE A 547 39.59 31.05 -1.96
N ARG A 548 39.49 31.75 -0.82
CA ARG A 548 38.23 31.91 -0.12
C ARG A 548 37.60 33.28 -0.29
N ASP A 549 36.28 33.35 -0.15
CA ASP A 549 35.57 34.63 -0.26
C ASP A 549 35.37 35.24 1.14
N GLU A 550 34.79 36.43 1.19
CA GLU A 550 34.57 37.15 2.45
C GLU A 550 34.11 36.26 3.62
N ASP A 551 33.32 35.22 3.31
CA ASP A 551 32.82 34.33 4.35
C ASP A 551 33.72 33.13 4.65
N GLY A 552 34.83 33.02 3.90
CA GLY A 552 35.76 31.93 4.10
C GLY A 552 35.45 30.68 3.28
N LEU A 553 34.44 30.76 2.43
CA LEU A 553 34.06 29.63 1.59
C LEU A 553 35.07 29.46 0.44
N ALA A 554 35.57 28.24 0.27
CA ALA A 554 36.53 27.94 -0.78
C ALA A 554 35.83 27.90 -2.14
N ILE A 555 35.98 28.98 -2.90
CA ILE A 555 35.35 29.09 -4.22
C ILE A 555 36.30 28.76 -5.37
N ASP A 556 37.56 28.51 -5.07
CA ASP A 556 38.52 28.20 -6.13
C ASP A 556 39.79 27.58 -5.54
N PHE A 557 40.70 27.17 -6.42
CA PHE A 557 41.94 26.57 -5.98
C PHE A 557 43.09 26.88 -6.91
N GLU A 558 44.26 27.14 -6.32
CA GLU A 558 45.45 27.41 -7.12
C GLU A 558 46.33 26.22 -6.89
N ILE A 559 47.02 25.80 -7.94
CA ILE A 559 47.88 24.65 -7.83
C ILE A 559 49.32 24.99 -8.24
N GLU A 560 50.27 24.51 -7.44
CA GLU A 560 51.67 24.70 -7.74
C GLU A 560 52.27 23.32 -7.92
N GLY A 561 52.60 23.00 -9.17
CA GLY A 561 53.17 21.71 -9.45
C GLY A 561 52.21 20.81 -10.21
N GLU A 562 52.71 19.63 -10.56
CA GLU A 562 51.92 18.67 -11.30
C GLU A 562 51.74 17.46 -10.41
N TYR A 563 50.68 16.70 -10.67
CA TYR A 563 50.39 15.53 -9.88
C TYR A 563 49.85 14.43 -10.79
N PRO A 564 49.99 13.16 -10.39
CA PRO A 564 49.51 12.00 -11.17
C PRO A 564 47.98 11.93 -11.31
N GLN A 565 47.50 11.98 -12.55
CA GLN A 565 46.07 11.92 -12.78
C GLN A 565 45.58 10.49 -13.03
N PHE A 566 44.30 10.24 -12.80
CA PHE A 566 43.79 8.90 -12.99
C PHE A 566 43.72 8.50 -14.46
N GLY A 567 44.11 7.26 -14.74
CA GLY A 567 44.09 6.76 -16.11
C GLY A 567 45.44 6.69 -16.80
N ASN A 568 46.53 6.93 -16.07
CA ASN A 568 47.85 6.87 -16.67
C ASN A 568 48.66 5.77 -16.00
N ASN A 569 47.96 4.73 -15.56
CA ASN A 569 48.57 3.60 -14.88
C ASN A 569 49.65 4.01 -13.87
N ASP A 570 49.29 4.93 -12.97
CA ASP A 570 50.20 5.42 -11.93
C ASP A 570 49.58 5.08 -10.59
N PRO A 571 50.16 4.11 -9.86
CA PRO A 571 49.62 3.74 -8.56
C PRO A 571 49.35 4.90 -7.59
N ARG A 572 50.23 5.90 -7.61
CA ARG A 572 50.08 7.04 -6.71
C ARG A 572 48.67 7.61 -6.69
N VAL A 573 48.06 7.76 -7.87
CA VAL A 573 46.72 8.31 -7.96
C VAL A 573 45.64 7.24 -8.08
N ASP A 574 45.96 6.17 -8.81
CA ASP A 574 45.05 5.08 -9.01
C ASP A 574 44.70 4.43 -7.67
N ASP A 575 45.70 4.27 -6.79
CA ASP A 575 45.44 3.68 -5.48
C ASP A 575 44.46 4.54 -4.68
N LEU A 576 44.36 5.82 -5.00
CA LEU A 576 43.43 6.71 -4.30
C LEU A 576 42.00 6.45 -4.76
N ALA A 577 41.85 6.15 -6.04
CA ALA A 577 40.54 5.86 -6.61
C ALA A 577 40.06 4.52 -6.07
N VAL A 578 40.95 3.54 -6.08
CA VAL A 578 40.63 2.21 -5.57
C VAL A 578 40.17 2.33 -4.13
N ASP A 579 40.82 3.22 -3.39
CA ASP A 579 40.51 3.43 -1.98
C ASP A 579 39.13 4.06 -1.77
N LEU A 580 38.79 5.06 -2.58
CA LEU A 580 37.48 5.70 -2.46
C LEU A 580 36.38 4.65 -2.64
N VAL A 581 36.43 3.91 -3.74
CA VAL A 581 35.45 2.88 -4.01
C VAL A 581 35.28 2.01 -2.78
N GLU A 582 36.39 1.65 -2.16
CA GLU A 582 36.34 0.80 -0.97
C GLU A 582 35.65 1.47 0.21
N ARG A 583 36.04 2.69 0.53
CA ARG A 583 35.44 3.39 1.66
C ARG A 583 33.93 3.48 1.61
N PHE A 584 33.43 4.01 0.51
CA PHE A 584 31.99 4.18 0.38
C PHE A 584 31.26 2.85 0.54
N MET A 585 31.75 1.82 -0.11
CA MET A 585 31.10 0.51 -0.03
C MET A 585 31.02 0.01 1.41
N LYS A 586 32.13 0.12 2.14
CA LYS A 586 32.15 -0.34 3.53
C LYS A 586 31.22 0.48 4.41
N LYS A 587 30.82 1.67 3.93
CA LYS A 587 29.93 2.50 4.71
C LYS A 587 28.45 2.17 4.47
N ILE A 588 28.00 2.21 3.21
CA ILE A 588 26.60 1.92 2.92
C ILE A 588 26.31 0.49 3.34
N GLN A 589 27.37 -0.28 3.50
CA GLN A 589 27.27 -1.68 3.87
C GLN A 589 26.80 -1.93 5.30
N LYS A 590 26.93 -0.92 6.16
CA LYS A 590 26.52 -1.07 7.56
C LYS A 590 25.10 -0.60 7.88
N LEU A 591 24.39 -0.10 6.87
CA LEU A 591 23.05 0.42 7.09
C LEU A 591 21.91 -0.54 6.81
N HIS A 592 20.84 -0.41 7.60
CA HIS A 592 19.66 -1.25 7.42
C HIS A 592 18.95 -0.81 6.15
N THR A 593 18.47 -1.77 5.37
CA THR A 593 17.79 -1.48 4.12
C THR A 593 16.40 -2.10 4.01
N TYR A 594 15.52 -1.44 3.25
CA TYR A 594 14.17 -1.92 3.02
C TYR A 594 14.18 -3.33 2.41
N ARG A 595 13.31 -4.18 2.93
CA ARG A 595 13.17 -5.57 2.50
C ARG A 595 14.52 -6.30 2.47
N ASP A 596 15.45 -5.81 3.27
CA ASP A 596 16.78 -6.40 3.37
C ASP A 596 17.53 -6.51 2.06
N ALA A 597 17.42 -5.47 1.25
CA ALA A 597 18.15 -5.47 -0.01
C ALA A 597 19.62 -5.36 0.32
N ILE A 598 20.43 -6.22 -0.27
CA ILE A 598 21.85 -6.20 0.00
C ILE A 598 22.51 -5.01 -0.67
N PRO A 599 23.02 -4.07 0.13
CA PRO A 599 23.67 -2.90 -0.47
C PRO A 599 24.76 -3.26 -1.45
N THR A 600 24.73 -2.59 -2.59
CA THR A 600 25.69 -2.82 -3.65
C THR A 600 26.15 -1.47 -4.17
N GLN A 601 27.27 -1.44 -4.89
CA GLN A 601 27.77 -0.20 -5.44
C GLN A 601 28.12 -0.27 -6.92
N SER A 602 28.06 0.88 -7.60
CA SER A 602 28.43 0.95 -9.00
C SER A 602 29.06 2.29 -9.31
N VAL A 603 30.02 2.28 -10.24
CA VAL A 603 30.68 3.50 -10.66
C VAL A 603 30.07 3.77 -12.03
N LEU A 604 28.83 4.28 -12.01
CA LEU A 604 28.06 4.56 -13.21
C LEU A 604 27.45 5.95 -13.06
N THR A 605 27.25 6.67 -14.16
CA THR A 605 26.69 8.02 -14.05
C THR A 605 25.61 8.35 -15.06
N ILE A 606 25.72 7.77 -16.25
CA ILE A 606 24.79 8.08 -17.32
C ILE A 606 25.06 9.58 -17.54
N THR A 607 24.06 10.37 -17.88
CA THR A 607 24.33 11.78 -18.11
C THR A 607 24.42 12.62 -16.81
N SER A 608 24.50 11.94 -15.67
CA SER A 608 24.62 12.63 -14.39
C SER A 608 25.97 13.30 -14.30
N ASN A 609 26.88 12.89 -15.16
CA ASN A 609 28.21 13.48 -15.16
C ASN A 609 28.07 14.94 -15.63
N VAL A 610 27.04 15.19 -16.42
CA VAL A 610 26.80 16.54 -16.90
C VAL A 610 26.00 17.34 -15.89
N VAL A 611 24.91 16.77 -15.42
CA VAL A 611 24.06 17.46 -14.46
C VAL A 611 24.77 17.78 -13.15
N TYR A 612 25.52 16.83 -12.61
CA TYR A 612 26.25 17.08 -11.37
C TYR A 612 27.41 18.05 -11.62
N GLY A 613 28.01 17.96 -12.80
CA GLY A 613 29.11 18.83 -13.13
C GLY A 613 28.73 20.29 -13.09
N LYS A 614 27.64 20.66 -13.73
CA LYS A 614 27.25 22.07 -13.76
C LYS A 614 26.73 22.57 -12.44
N LYS A 615 26.50 21.66 -11.49
CA LYS A 615 26.02 22.05 -10.18
C LYS A 615 27.15 21.96 -9.16
N THR A 616 28.38 21.75 -9.63
CA THR A 616 29.54 21.65 -8.73
C THR A 616 30.56 22.72 -9.08
N GLY A 617 31.01 23.44 -8.06
CA GLY A 617 31.98 24.51 -8.26
C GLY A 617 33.39 24.03 -8.52
N ASN A 618 34.32 24.97 -8.66
CA ASN A 618 35.72 24.64 -8.90
C ASN A 618 36.20 23.58 -7.91
N THR A 619 36.98 22.63 -8.38
CA THR A 619 37.49 21.60 -7.48
C THR A 619 39.02 21.58 -7.42
N PRO A 620 39.59 21.03 -6.32
CA PRO A 620 41.03 20.93 -6.10
C PRO A 620 41.83 20.33 -7.26
N ASP A 621 41.25 19.36 -7.96
CA ASP A 621 41.95 18.75 -9.09
C ASP A 621 42.23 19.73 -10.20
N GLY A 622 41.50 20.84 -10.23
CA GLY A 622 41.69 21.82 -11.27
C GLY A 622 40.49 22.03 -12.19
N ARG A 623 39.53 21.09 -12.17
CA ARG A 623 38.33 21.19 -12.99
C ARG A 623 37.59 22.48 -12.66
N ARG A 624 37.19 23.24 -13.67
CA ARG A 624 36.47 24.49 -13.41
C ARG A 624 35.00 24.21 -13.08
N ALA A 625 34.36 25.20 -12.46
CA ALA A 625 32.95 25.09 -12.08
C ALA A 625 32.02 24.88 -13.29
N GLY A 626 31.05 23.97 -13.14
CA GLY A 626 30.10 23.72 -14.21
C GLY A 626 30.58 22.73 -15.26
N ALA A 627 31.83 22.31 -15.13
CA ALA A 627 32.42 21.37 -16.07
C ALA A 627 31.92 19.97 -15.78
N PRO A 628 31.60 19.21 -16.84
CA PRO A 628 31.11 17.84 -16.69
C PRO A 628 32.15 16.93 -16.05
N PHE A 629 31.69 15.96 -15.28
CA PHE A 629 32.61 15.01 -14.68
C PHE A 629 32.86 14.03 -15.80
N GLY A 630 33.60 12.97 -15.51
CA GLY A 630 33.86 11.96 -16.51
C GLY A 630 32.74 10.94 -16.50
N PRO A 631 32.41 10.38 -17.66
CA PRO A 631 31.32 9.39 -17.63
C PRO A 631 31.76 8.18 -16.81
N GLY A 632 30.86 7.71 -15.95
CA GLY A 632 31.16 6.55 -15.13
C GLY A 632 32.48 6.61 -14.38
N ALA A 633 33.35 5.64 -14.63
CA ALA A 633 34.65 5.56 -13.96
C ALA A 633 35.78 6.08 -14.84
N ASN A 634 35.43 6.79 -15.91
CA ASN A 634 36.41 7.34 -16.84
C ASN A 634 37.27 8.45 -16.27
N PRO A 635 38.53 8.54 -16.72
CA PRO A 635 39.41 9.60 -16.23
C PRO A 635 38.75 10.89 -16.71
N MET A 636 39.06 12.00 -16.05
CA MET A 636 38.47 13.27 -16.46
C MET A 636 38.91 13.56 -17.89
N HIS A 637 38.02 14.14 -18.68
CA HIS A 637 38.30 14.45 -20.08
C HIS A 637 39.76 14.77 -20.41
N GLY A 638 40.31 14.02 -21.35
CA GLY A 638 41.69 14.22 -21.80
C GLY A 638 42.86 14.00 -20.87
N ARG A 639 42.62 13.60 -19.62
CA ARG A 639 43.74 13.40 -18.68
C ARG A 639 44.51 12.09 -18.86
N ASP A 640 43.91 11.11 -19.52
CA ASP A 640 44.59 9.83 -19.74
C ASP A 640 45.37 9.96 -21.04
N GLN A 641 46.67 10.24 -20.92
CA GLN A 641 47.51 10.46 -22.10
C GLN A 641 48.59 9.44 -22.44
N LYS A 642 48.69 8.35 -21.67
CA LYS A 642 49.71 7.34 -21.94
C LYS A 642 49.21 6.22 -22.86
N GLY A 643 48.21 6.53 -23.70
CA GLY A 643 47.68 5.53 -24.59
C GLY A 643 46.66 4.60 -23.94
N ALA A 644 46.16 3.68 -24.75
CA ALA A 644 45.16 2.72 -24.33
C ALA A 644 45.59 1.83 -23.16
N VAL A 645 46.55 0.95 -23.41
CA VAL A 645 47.01 0.01 -22.39
C VAL A 645 47.10 0.60 -20.99
N ALA A 646 47.52 1.85 -20.92
CA ALA A 646 47.63 2.54 -19.64
C ALA A 646 46.25 2.79 -19.05
N SER A 647 45.44 3.59 -19.74
CA SER A 647 44.10 3.92 -19.26
C SER A 647 43.29 2.66 -18.92
N LEU A 648 43.40 1.64 -19.75
CA LEU A 648 42.69 0.38 -19.50
C LEU A 648 43.16 -0.25 -18.19
N THR A 649 44.47 -0.21 -17.96
CA THR A 649 45.06 -0.79 -16.76
C THR A 649 44.61 -0.06 -15.50
N SER A 650 44.50 1.26 -15.58
CA SER A 650 44.06 2.05 -14.43
C SER A 650 42.63 1.64 -14.05
N VAL A 651 41.73 1.68 -15.03
CA VAL A 651 40.33 1.33 -14.78
C VAL A 651 40.15 -0.11 -14.29
N ALA A 652 40.84 -1.05 -14.93
CA ALA A 652 40.74 -2.45 -14.54
C ALA A 652 41.10 -2.64 -13.08
N LYS A 653 41.94 -1.75 -12.56
CA LYS A 653 42.38 -1.80 -11.17
C LYS A 653 41.21 -1.51 -10.23
N LEU A 654 40.19 -0.83 -10.72
CA LEU A 654 39.03 -0.53 -9.89
C LEU A 654 38.43 -1.86 -9.45
N PRO A 655 38.22 -2.04 -8.14
CA PRO A 655 37.68 -3.24 -7.49
C PRO A 655 36.21 -3.59 -7.67
N PHE A 656 35.93 -4.50 -8.60
CA PHE A 656 34.57 -4.96 -8.84
C PHE A 656 34.04 -5.62 -7.57
N ALA A 657 34.94 -6.04 -6.70
CA ALA A 657 34.56 -6.69 -5.44
C ALA A 657 33.90 -5.70 -4.47
N TYR A 658 33.98 -4.42 -4.80
CA TYR A 658 33.37 -3.39 -3.97
C TYR A 658 32.38 -2.56 -4.79
N ALA A 659 32.24 -2.92 -6.06
CA ALA A 659 31.33 -2.24 -6.98
C ALA A 659 30.58 -3.32 -7.75
N LYS A 660 29.94 -4.21 -7.01
CA LYS A 660 29.19 -5.31 -7.57
C LYS A 660 28.11 -4.93 -8.58
N ASP A 661 27.72 -3.65 -8.57
CA ASP A 661 26.68 -3.15 -9.49
C ASP A 661 27.26 -2.68 -10.82
N GLY A 662 28.57 -2.86 -10.99
CA GLY A 662 29.21 -2.46 -12.22
C GLY A 662 30.15 -1.27 -12.18
N ILE A 663 31.09 -1.25 -13.11
CA ILE A 663 32.07 -0.18 -13.25
C ILE A 663 32.14 0.14 -14.75
N SER A 664 31.48 1.23 -15.13
CA SER A 664 31.41 1.67 -16.52
C SER A 664 32.65 2.41 -17.01
N TYR A 665 33.09 2.09 -18.24
CA TYR A 665 34.24 2.76 -18.85
C TYR A 665 33.99 2.92 -20.36
N THR A 666 34.02 4.15 -20.85
CA THR A 666 33.80 4.43 -22.27
C THR A 666 35.13 4.65 -22.96
N PHE A 667 35.49 3.70 -23.83
CA PHE A 667 36.76 3.74 -24.56
C PHE A 667 36.62 4.20 -26.02
N SER A 668 37.16 5.39 -26.32
CA SER A 668 37.14 5.97 -27.68
C SER A 668 38.56 5.92 -28.27
N ILE A 669 38.73 5.22 -29.39
CA ILE A 669 40.04 5.11 -30.02
C ILE A 669 39.95 5.36 -31.53
N VAL A 670 40.88 6.17 -32.03
CA VAL A 670 40.94 6.54 -33.45
C VAL A 670 41.30 5.32 -34.31
N PRO A 671 40.68 5.18 -35.50
CA PRO A 671 40.92 4.07 -36.43
C PRO A 671 42.37 3.59 -36.62
N ASN A 672 43.25 4.51 -37.00
CA ASN A 672 44.65 4.15 -37.23
C ASN A 672 45.38 3.73 -35.96
N ALA A 673 44.86 4.09 -34.80
CA ALA A 673 45.51 3.72 -33.55
C ALA A 673 45.48 2.20 -33.38
N LEU A 674 44.50 1.57 -34.02
CA LEU A 674 44.32 0.11 -33.95
C LEU A 674 45.05 -0.68 -35.02
N GLY A 675 45.42 -0.03 -36.13
CA GLY A 675 46.10 -0.73 -37.21
C GLY A 675 45.88 -0.09 -38.56
N LYS A 676 46.66 -0.49 -39.56
CA LYS A 676 46.57 0.08 -40.91
C LYS A 676 45.43 -0.48 -41.76
N ASP A 677 44.93 -1.67 -41.41
CA ASP A 677 43.80 -2.29 -42.13
C ASP A 677 42.91 -2.99 -41.10
N ASP A 678 41.67 -3.32 -41.48
CA ASP A 678 40.75 -3.96 -40.55
C ASP A 678 41.26 -5.25 -39.92
N GLU A 679 41.92 -6.11 -40.71
CA GLU A 679 42.44 -7.36 -40.15
C GLU A 679 43.32 -7.13 -38.91
N VAL A 680 44.17 -6.12 -38.99
CA VAL A 680 45.05 -5.78 -37.89
C VAL A 680 44.21 -5.18 -36.76
N ARG A 681 43.30 -4.28 -37.12
CA ARG A 681 42.45 -3.63 -36.13
C ARG A 681 41.65 -4.68 -35.37
N LYS A 682 40.98 -5.58 -36.11
CA LYS A 682 40.18 -6.64 -35.48
C LYS A 682 41.02 -7.41 -34.48
N THR A 683 42.20 -7.81 -34.92
CA THR A 683 43.09 -8.58 -34.07
C THR A 683 43.58 -7.78 -32.88
N ASN A 684 43.95 -6.52 -33.12
CA ASN A 684 44.44 -5.69 -32.02
C ASN A 684 43.35 -5.35 -31.00
N LEU A 685 42.15 -5.06 -31.49
CA LEU A 685 41.04 -4.71 -30.61
C LEU A 685 40.82 -5.89 -29.69
N ALA A 686 40.68 -7.07 -30.28
CA ALA A 686 40.47 -8.28 -29.51
C ALA A 686 41.59 -8.43 -28.48
N GLY A 687 42.84 -8.26 -28.93
CA GLY A 687 43.97 -8.38 -28.03
C GLY A 687 43.87 -7.45 -26.84
N LEU A 688 43.52 -6.19 -27.11
CA LEU A 688 43.37 -5.19 -26.05
C LEU A 688 42.38 -5.66 -24.98
N MET A 689 41.25 -6.19 -25.45
CA MET A 689 40.21 -6.65 -24.54
C MET A 689 40.61 -7.88 -23.73
N ASP A 690 41.34 -8.80 -24.35
CA ASP A 690 41.79 -10.00 -23.64
C ASP A 690 42.69 -9.56 -22.49
N GLY A 691 43.48 -8.52 -22.73
CA GLY A 691 44.35 -8.03 -21.68
C GLY A 691 43.55 -7.35 -20.59
N TYR A 692 42.68 -6.43 -21.00
CA TYR A 692 41.82 -5.68 -20.08
C TYR A 692 40.95 -6.60 -19.24
N PHE A 693 40.38 -7.63 -19.86
CA PHE A 693 39.52 -8.55 -19.13
C PHE A 693 40.28 -9.69 -18.45
N HIS A 694 41.55 -9.85 -18.78
CA HIS A 694 42.35 -10.93 -18.20
C HIS A 694 42.05 -11.16 -16.73
N HIS A 695 41.44 -12.30 -16.43
CA HIS A 695 41.09 -12.61 -15.04
C HIS A 695 41.93 -13.74 -14.46
N GLU A 696 42.57 -13.44 -13.34
CA GLU A 696 43.42 -14.40 -12.67
C GLU A 696 43.15 -14.33 -11.17
N ALA A 697 43.58 -15.34 -10.42
CA ALA A 697 43.37 -15.37 -8.98
C ALA A 697 43.88 -14.10 -8.25
N SER A 698 44.94 -13.50 -8.79
CA SER A 698 45.51 -12.29 -8.18
C SER A 698 45.37 -11.07 -9.08
N ILE A 699 44.48 -11.18 -10.07
CA ILE A 699 44.21 -10.09 -11.00
C ILE A 699 42.73 -10.10 -11.34
N GLU A 700 41.96 -9.33 -10.58
CA GLU A 700 40.52 -9.24 -10.76
C GLU A 700 40.18 -8.96 -12.22
N GLY A 701 40.74 -7.88 -12.76
CA GLY A 701 40.48 -7.52 -14.13
C GLY A 701 39.36 -6.50 -14.32
N GLY A 702 39.18 -6.03 -15.55
CA GLY A 702 38.13 -5.06 -15.84
C GLY A 702 36.76 -5.72 -15.88
N GLN A 703 35.70 -4.92 -15.72
CA GLN A 703 34.35 -5.45 -15.73
C GLN A 703 33.56 -5.06 -16.98
N HIS A 704 33.77 -3.85 -17.46
CA HIS A 704 33.06 -3.36 -18.64
C HIS A 704 33.91 -2.49 -19.57
N LEU A 705 33.48 -2.40 -20.81
CA LEU A 705 34.17 -1.58 -21.78
C LEU A 705 33.29 -1.20 -22.97
N ASN A 706 33.09 0.10 -23.17
CA ASN A 706 32.33 0.57 -24.33
C ASN A 706 33.39 0.73 -25.40
N VAL A 707 33.08 0.37 -26.64
CA VAL A 707 34.08 0.53 -27.69
C VAL A 707 33.69 1.46 -28.84
N ASN A 708 34.36 2.60 -28.88
CA ASN A 708 34.13 3.59 -29.92
C ASN A 708 35.38 3.67 -30.77
N VAL A 709 35.23 3.45 -32.07
CA VAL A 709 36.34 3.52 -33.02
C VAL A 709 35.95 4.63 -34.00
N MET A 710 36.49 5.83 -33.79
CA MET A 710 36.12 6.96 -34.63
C MET A 710 37.10 8.13 -34.52
N ASN A 711 36.90 9.13 -35.39
CA ASN A 711 37.74 10.32 -35.40
C ASN A 711 36.90 11.51 -34.95
N ARG A 712 37.43 12.27 -33.98
CA ARG A 712 36.73 13.44 -33.46
C ARG A 712 36.22 14.29 -34.63
N GLU A 713 37.00 14.33 -35.71
CA GLU A 713 36.64 15.10 -36.89
C GLU A 713 35.25 14.72 -37.43
N MET A 714 34.96 13.42 -37.43
CA MET A 714 33.70 12.88 -37.92
C MET A 714 32.50 13.40 -37.12
N LEU A 715 32.68 13.52 -35.80
CA LEU A 715 31.62 14.04 -34.95
C LEU A 715 31.39 15.52 -35.26
N LEU A 716 32.48 16.29 -35.31
CA LEU A 716 32.40 17.71 -35.62
C LEU A 716 31.58 17.86 -36.90
N ASP A 717 31.87 17.02 -37.88
CA ASP A 717 31.15 17.05 -39.15
C ASP A 717 29.65 16.79 -38.91
N ALA A 718 29.36 15.78 -38.11
CA ALA A 718 27.98 15.41 -37.80
C ALA A 718 27.24 16.57 -37.17
N MET A 719 27.88 17.22 -36.20
CA MET A 719 27.26 18.36 -35.52
C MET A 719 26.76 19.40 -36.53
N GLU A 720 27.61 19.69 -37.51
CA GLU A 720 27.28 20.65 -38.56
C GLU A 720 26.22 20.10 -39.53
N ASN A 721 26.35 18.82 -39.88
CA ASN A 721 25.42 18.19 -40.83
C ASN A 721 24.63 16.96 -40.31
N PRO A 722 23.67 17.18 -39.40
CA PRO A 722 22.86 16.10 -38.84
C PRO A 722 22.32 15.16 -39.92
N GLU A 723 21.56 15.72 -40.86
CA GLU A 723 20.95 14.95 -41.96
C GLU A 723 21.89 14.00 -42.69
N LYS A 724 23.19 14.09 -42.43
CA LYS A 724 24.16 13.23 -43.10
C LYS A 724 24.48 11.94 -42.31
N TYR A 725 24.11 11.90 -41.03
CA TYR A 725 24.36 10.70 -40.21
C TYR A 725 23.09 10.32 -39.43
N PRO A 726 22.00 10.01 -40.15
CA PRO A 726 20.76 9.65 -39.46
C PRO A 726 20.92 8.51 -38.46
N GLN A 727 21.76 7.54 -38.79
CA GLN A 727 21.94 6.40 -37.91
C GLN A 727 23.25 6.34 -37.15
N LEU A 728 24.02 7.43 -37.18
CA LEU A 728 25.28 7.46 -36.45
C LEU A 728 25.01 7.09 -34.99
N THR A 729 25.73 6.11 -34.47
CA THR A 729 25.55 5.67 -33.09
C THR A 729 26.89 5.67 -32.34
N ILE A 730 26.85 6.02 -31.06
CA ILE A 730 28.06 6.03 -30.24
C ILE A 730 27.81 5.62 -28.80
N ARG A 731 28.84 5.04 -28.18
CA ARG A 731 28.81 4.63 -26.80
C ARG A 731 29.12 5.90 -25.99
N VAL A 732 28.31 6.16 -24.97
CA VAL A 732 28.51 7.37 -24.19
C VAL A 732 28.59 7.25 -22.67
N SER A 733 28.29 6.07 -22.12
CA SER A 733 28.35 5.93 -20.66
C SER A 733 28.04 4.51 -20.18
N GLY A 734 27.85 3.60 -21.13
CA GLY A 734 27.51 2.24 -20.76
C GLY A 734 26.27 1.84 -21.52
N TYR A 735 25.94 2.66 -22.53
CA TYR A 735 24.79 2.45 -23.40
C TYR A 735 25.07 3.27 -24.66
N ALA A 736 24.30 3.04 -25.72
CA ALA A 736 24.49 3.74 -26.98
C ALA A 736 23.46 4.83 -27.20
N VAL A 737 23.77 5.73 -28.13
CA VAL A 737 22.89 6.84 -28.45
C VAL A 737 23.09 7.30 -29.89
N ARG A 738 22.02 7.72 -30.55
CA ARG A 738 22.18 8.25 -31.90
C ARG A 738 22.71 9.64 -31.65
N PHE A 739 23.88 9.96 -32.21
CA PHE A 739 24.47 11.28 -32.00
C PHE A 739 23.45 12.40 -32.14
N ASN A 740 22.65 12.37 -33.21
CA ASN A 740 21.65 13.42 -33.45
C ASN A 740 20.54 13.54 -32.40
N SER A 741 20.42 12.56 -31.52
CA SER A 741 19.39 12.60 -30.48
C SER A 741 19.84 13.39 -29.26
N LEU A 742 21.12 13.78 -29.23
CA LEU A 742 21.67 14.52 -28.11
C LEU A 742 21.44 16.01 -28.26
N THR A 743 21.59 16.72 -27.14
CA THR A 743 21.43 18.17 -27.14
C THR A 743 22.78 18.75 -27.53
N LYS A 744 22.82 20.07 -27.70
CA LYS A 744 24.06 20.75 -28.07
C LYS A 744 25.08 20.52 -26.95
N GLU A 745 24.68 20.89 -25.74
CA GLU A 745 25.50 20.77 -24.55
C GLU A 745 25.99 19.34 -24.32
N GLN A 746 25.08 18.37 -24.48
CA GLN A 746 25.45 16.97 -24.30
C GLN A 746 26.46 16.54 -25.37
N GLN A 747 26.28 17.04 -26.60
CA GLN A 747 27.24 16.69 -27.66
C GLN A 747 28.58 17.31 -27.29
N GLN A 748 28.51 18.51 -26.72
CA GLN A 748 29.69 19.26 -26.28
C GLN A 748 30.53 18.39 -25.35
N ASP A 749 29.86 17.69 -24.44
CA ASP A 749 30.54 16.80 -23.50
C ASP A 749 31.27 15.72 -24.30
N VAL A 750 30.50 14.94 -25.06
CA VAL A 750 31.00 13.85 -25.89
C VAL A 750 32.29 14.19 -26.66
N ILE A 751 32.25 15.27 -27.43
CA ILE A 751 33.38 15.70 -28.25
C ILE A 751 34.63 16.13 -27.48
N THR A 752 34.45 16.47 -26.21
CA THR A 752 35.58 16.93 -25.42
C THR A 752 36.24 15.78 -24.67
N ARG A 753 35.64 14.60 -24.76
CA ARG A 753 36.17 13.44 -24.05
C ARG A 753 37.44 12.94 -24.71
N THR A 754 38.13 12.06 -24.02
CA THR A 754 39.40 11.52 -24.51
C THR A 754 39.26 10.61 -25.74
N PHE A 755 40.03 10.95 -26.77
CA PHE A 755 40.06 10.16 -28.01
C PHE A 755 41.45 9.52 -28.09
N THR A 756 41.58 8.32 -27.53
CA THR A 756 42.87 7.62 -27.53
C THR A 756 43.50 7.64 -28.92
N GLN A 757 44.73 8.16 -29.00
CA GLN A 757 45.46 8.27 -30.26
C GLN A 757 46.47 7.14 -30.49
N SER A 758 46.78 6.37 -29.46
CA SER A 758 47.73 5.29 -29.62
C SER A 758 47.46 4.25 -28.57
N MET A 759 48.18 3.13 -28.64
CA MET A 759 47.98 2.08 -27.66
C MET A 759 48.98 2.19 -26.51
N SER B 1 6.18 33.44 27.08
CA SER B 1 5.26 32.29 26.75
C SER B 1 3.84 32.76 26.40
N GLU B 2 3.76 33.81 25.57
CA GLU B 2 2.47 34.41 25.14
C GLU B 2 1.64 33.59 24.16
N LEU B 3 0.36 33.40 24.49
CA LEU B 3 -0.54 32.64 23.62
C LEU B 3 -0.93 33.44 22.37
N ASN B 4 -0.79 32.81 21.21
CA ASN B 4 -1.16 33.45 19.95
C ASN B 4 -2.53 34.09 20.20
N GLU B 5 -2.65 35.38 19.87
CA GLU B 5 -3.90 36.13 20.09
C GLU B 5 -5.18 35.33 19.83
N LYS B 6 -5.31 34.79 18.63
CA LYS B 6 -6.49 34.01 18.30
C LYS B 6 -6.85 33.01 19.40
N LEU B 7 -5.83 32.36 19.98
CA LEU B 7 -6.07 31.42 21.07
C LEU B 7 -6.56 32.14 22.33
N ALA B 8 -5.82 33.16 22.74
CA ALA B 8 -6.16 33.93 23.95
C ALA B 8 -7.57 34.54 23.94
N THR B 9 -8.03 34.92 22.75
CA THR B 9 -9.36 35.50 22.59
C THR B 9 -10.43 34.45 22.76
N ALA B 10 -10.41 33.44 21.90
CA ALA B 10 -11.40 32.38 21.96
C ALA B 10 -11.42 31.72 23.32
N TRP B 11 -10.30 31.78 24.03
CA TRP B 11 -10.20 31.15 25.34
C TRP B 11 -10.43 32.08 26.51
N GLU B 12 -10.96 33.26 26.22
CA GLU B 12 -11.26 34.25 27.25
C GLU B 12 -12.15 33.68 28.37
N GLY B 13 -11.65 33.70 29.61
CA GLY B 13 -12.43 33.22 30.73
C GLY B 13 -12.19 31.77 31.11
N PHE B 14 -11.45 31.06 30.27
CA PHE B 14 -11.19 29.66 30.54
C PHE B 14 -10.04 29.50 31.53
N THR B 15 -10.16 28.50 32.40
CA THR B 15 -9.14 28.21 33.41
C THR B 15 -7.88 27.65 32.74
N LYS B 16 -6.71 28.07 33.21
CA LYS B 16 -5.43 27.62 32.66
C LYS B 16 -5.13 26.14 32.93
N GLY B 17 -4.21 25.58 32.14
CA GLY B 17 -3.82 24.20 32.32
C GLY B 17 -2.91 23.79 31.19
N ASP B 18 -2.35 22.58 31.29
CA ASP B 18 -1.47 22.09 30.23
C ASP B 18 -2.15 22.11 28.88
N TRP B 19 -3.47 21.94 28.90
CA TRP B 19 -4.28 21.94 27.69
C TRP B 19 -4.04 23.13 26.75
N GLN B 20 -3.44 24.20 27.28
CA GLN B 20 -3.17 25.38 26.44
C GLN B 20 -1.80 25.28 25.76
N ASN B 21 -0.98 24.35 26.22
CA ASN B 21 0.36 24.18 25.66
C ASN B 21 0.54 22.91 24.85
N GLU B 22 -0.41 22.00 24.96
CA GLU B 22 -0.34 20.74 24.24
C GLU B 22 -1.77 20.33 23.90
N VAL B 23 -1.91 19.26 23.13
CA VAL B 23 -3.25 18.78 22.80
C VAL B 23 -3.64 17.87 23.97
N ASN B 24 -4.61 18.32 24.74
CA ASN B 24 -5.09 17.59 25.91
C ASN B 24 -6.52 18.03 26.16
N VAL B 25 -7.46 17.36 25.51
CA VAL B 25 -8.88 17.69 25.66
C VAL B 25 -9.36 17.33 27.07
N ARG B 26 -8.85 16.23 27.60
CA ARG B 26 -9.23 15.77 28.94
C ARG B 26 -8.93 16.83 30.00
N ASP B 27 -7.74 17.42 29.94
CA ASP B 27 -7.34 18.44 30.89
C ASP B 27 -8.26 19.64 30.79
N PHE B 28 -8.53 20.09 29.56
CA PHE B 28 -9.41 21.23 29.33
C PHE B 28 -10.75 20.98 30.00
N ILE B 29 -11.32 19.80 29.79
CA ILE B 29 -12.60 19.50 30.40
C ILE B 29 -12.46 19.59 31.91
N GLN B 30 -11.47 18.88 32.45
CA GLN B 30 -11.25 18.89 33.89
C GLN B 30 -11.15 20.30 34.52
N LYS B 31 -10.41 21.19 33.89
CA LYS B 31 -10.24 22.54 34.42
C LYS B 31 -11.40 23.50 34.13
N ASN B 32 -12.38 23.08 33.33
CA ASN B 32 -13.43 24.02 32.98
C ASN B 32 -14.90 23.62 33.10
N TYR B 33 -15.21 22.33 32.98
CA TYR B 33 -16.61 21.93 33.06
C TYR B 33 -17.17 22.19 34.43
N THR B 34 -18.47 22.44 34.50
CA THR B 34 -19.12 22.67 35.79
C THR B 34 -20.12 21.54 36.05
N PRO B 35 -19.85 20.74 37.09
CA PRO B 35 -20.75 19.63 37.45
C PRO B 35 -22.15 20.15 37.73
N TYR B 36 -23.16 19.32 37.44
CA TYR B 36 -24.55 19.69 37.69
C TYR B 36 -25.27 18.56 38.43
N GLU B 37 -25.99 18.87 39.49
CA GLU B 37 -26.69 17.83 40.23
C GLU B 37 -28.19 18.11 40.33
N GLY B 38 -28.64 19.16 39.63
CA GLY B 38 -30.04 19.53 39.63
C GLY B 38 -30.91 18.57 38.83
N ASP B 39 -32.10 19.01 38.45
CA ASP B 39 -33.02 18.17 37.70
C ASP B 39 -33.34 18.76 36.32
N GLU B 40 -34.34 18.19 35.64
CA GLU B 40 -34.72 18.63 34.30
C GLU B 40 -35.51 19.92 34.27
N SER B 41 -35.89 20.38 35.45
CA SER B 41 -36.67 21.60 35.59
C SER B 41 -36.33 22.73 34.61
N PHE B 42 -35.06 22.84 34.23
CA PHE B 42 -34.64 23.93 33.35
C PHE B 42 -34.82 23.70 31.83
N LEU B 43 -34.85 22.44 31.41
CA LEU B 43 -34.99 22.12 29.99
C LEU B 43 -36.05 22.92 29.25
N ALA B 44 -35.69 23.40 28.06
CA ALA B 44 -36.59 24.18 27.21
C ALA B 44 -37.18 23.27 26.13
N GLY B 45 -38.20 23.77 25.44
CA GLY B 45 -38.83 22.99 24.38
C GLY B 45 -38.28 23.35 23.02
N ALA B 46 -38.73 22.63 22.00
CA ALA B 46 -38.29 22.84 20.63
C ALA B 46 -38.72 24.19 20.07
N THR B 47 -37.88 24.76 19.23
CA THR B 47 -38.21 26.02 18.59
C THR B 47 -38.99 25.64 17.33
N GLU B 48 -39.60 26.64 16.71
CA GLU B 48 -40.39 26.39 15.51
C GLU B 48 -39.52 25.99 14.34
N ALA B 49 -38.28 26.46 14.34
CA ALA B 49 -37.34 26.14 13.28
C ALA B 49 -37.00 24.65 13.36
N THR B 50 -36.79 24.19 14.59
CA THR B 50 -36.46 22.80 14.85
C THR B 50 -37.55 21.86 14.33
N THR B 51 -38.77 22.08 14.82
CA THR B 51 -39.92 21.27 14.43
C THR B 51 -40.16 21.27 12.93
N THR B 52 -40.00 22.44 12.32
CA THR B 52 -40.20 22.55 10.88
C THR B 52 -39.15 21.71 10.17
N LEU B 53 -37.89 21.83 10.60
CA LEU B 53 -36.79 21.09 10.02
C LEU B 53 -36.95 19.60 10.22
N TRP B 54 -37.25 19.20 11.45
CA TRP B 54 -37.40 17.78 11.73
C TRP B 54 -38.54 17.13 10.95
N ASP B 55 -39.70 17.77 10.94
CA ASP B 55 -40.85 17.21 10.22
C ASP B 55 -40.51 17.01 8.75
N LYS B 56 -39.76 17.94 8.18
CA LYS B 56 -39.39 17.81 6.77
C LYS B 56 -38.56 16.56 6.62
N VAL B 57 -37.61 16.38 7.53
CA VAL B 57 -36.75 15.22 7.47
C VAL B 57 -37.51 13.92 7.70
N MET B 58 -38.51 13.93 8.59
CA MET B 58 -39.26 12.71 8.83
C MET B 58 -39.92 12.20 7.55
N GLU B 59 -40.30 13.12 6.67
CA GLU B 59 -40.92 12.71 5.41
C GLU B 59 -39.98 11.76 4.65
N GLY B 60 -38.69 12.10 4.65
CA GLY B 60 -37.71 11.25 3.99
C GLY B 60 -37.53 9.95 4.77
N VAL B 61 -37.61 10.02 6.10
CA VAL B 61 -37.45 8.84 6.94
C VAL B 61 -38.57 7.83 6.72
N LYS B 62 -39.78 8.33 6.52
CA LYS B 62 -40.94 7.47 6.27
C LYS B 62 -40.78 6.77 4.93
N LEU B 63 -40.20 7.47 3.98
CA LEU B 63 -40.00 6.91 2.65
C LEU B 63 -39.02 5.75 2.76
N GLU B 64 -37.95 5.97 3.53
CA GLU B 64 -36.92 4.95 3.72
C GLU B 64 -37.52 3.72 4.35
N ASN B 65 -38.21 3.89 5.47
CA ASN B 65 -38.80 2.75 6.17
C ASN B 65 -39.79 2.01 5.28
N ARG B 66 -40.66 2.78 4.63
CA ARG B 66 -41.68 2.25 3.76
C ARG B 66 -41.07 1.42 2.62
N THR B 67 -40.09 1.99 1.91
CA THR B 67 -39.45 1.29 0.79
C THR B 67 -38.25 0.42 1.17
N HIS B 68 -37.84 0.49 2.44
CA HIS B 68 -36.68 -0.26 2.90
C HIS B 68 -35.53 -0.04 1.92
N ALA B 69 -35.43 1.19 1.43
CA ALA B 69 -34.38 1.55 0.49
C ALA B 69 -33.97 3.02 0.67
N PRO B 70 -32.81 3.39 0.10
CA PRO B 70 -32.35 4.77 0.22
C PRO B 70 -33.31 5.72 -0.45
N VAL B 71 -33.38 6.96 0.03
CA VAL B 71 -34.24 7.96 -0.56
C VAL B 71 -33.63 8.29 -1.91
N ASP B 72 -32.30 8.28 -1.95
CA ASP B 72 -31.53 8.57 -3.15
C ASP B 72 -30.06 8.35 -2.80
N PHE B 73 -29.20 8.32 -3.82
CA PHE B 73 -27.77 8.14 -3.59
C PHE B 73 -26.96 8.40 -4.86
N ASP B 74 -25.68 8.68 -4.68
CA ASP B 74 -24.80 8.96 -5.82
C ASP B 74 -24.61 7.76 -6.70
N THR B 75 -24.32 8.03 -7.97
CA THR B 75 -24.15 7.00 -8.97
C THR B 75 -22.91 7.24 -9.81
N ALA B 76 -22.43 8.48 -9.79
CA ALA B 76 -21.29 8.84 -10.60
C ALA B 76 -20.24 9.68 -9.88
N VAL B 77 -20.38 9.87 -8.58
CA VAL B 77 -19.40 10.67 -7.86
C VAL B 77 -18.73 9.87 -6.76
N ALA B 78 -17.39 9.93 -6.72
CA ALA B 78 -16.63 9.25 -5.68
C ALA B 78 -16.54 10.20 -4.49
N SER B 79 -17.17 9.82 -3.39
CA SER B 79 -17.16 10.68 -2.21
C SER B 79 -15.78 10.92 -1.60
N THR B 80 -15.59 12.17 -1.19
CA THR B 80 -14.35 12.64 -0.61
C THR B 80 -14.71 13.70 0.42
N ILE B 81 -13.74 14.17 1.20
CA ILE B 81 -14.03 15.20 2.19
C ILE B 81 -14.50 16.48 1.52
N THR B 82 -13.95 16.77 0.35
CA THR B 82 -14.28 17.99 -0.39
C THR B 82 -15.06 17.76 -1.69
N SER B 83 -15.46 16.53 -1.96
CA SER B 83 -16.17 16.24 -3.20
C SER B 83 -17.55 16.91 -3.39
N HIS B 84 -18.33 17.02 -2.32
CA HIS B 84 -19.65 17.60 -2.46
C HIS B 84 -19.76 19.08 -2.08
N ASP B 85 -20.77 19.75 -2.62
CA ASP B 85 -21.02 21.15 -2.29
C ASP B 85 -21.87 21.12 -1.04
N ALA B 86 -22.07 22.29 -0.44
CA ALA B 86 -22.88 22.38 0.76
C ALA B 86 -24.31 21.97 0.43
N GLY B 87 -24.95 21.28 1.36
CA GLY B 87 -26.32 20.86 1.18
C GLY B 87 -27.08 21.29 2.42
N TYR B 88 -28.37 21.58 2.29
CA TYR B 88 -29.15 21.99 3.43
C TYR B 88 -30.56 21.41 3.38
N ILE B 89 -31.28 21.57 4.48
CA ILE B 89 -32.66 21.13 4.59
C ILE B 89 -33.44 22.42 4.34
N ASN B 90 -32.92 23.50 4.92
CA ASN B 90 -33.50 24.83 4.85
C ASN B 90 -32.45 25.78 5.45
N LYS B 91 -31.55 26.25 4.62
CA LYS B 91 -30.47 27.13 5.05
C LYS B 91 -30.88 28.28 6.00
N GLN B 92 -32.09 28.80 5.85
CA GLN B 92 -32.53 29.91 6.69
C GLN B 92 -32.91 29.48 8.11
N LEU B 93 -33.05 28.17 8.32
CA LEU B 93 -33.46 27.67 9.62
C LEU B 93 -32.42 26.94 10.47
N GLU B 94 -31.40 26.38 9.84
CA GLU B 94 -30.40 25.60 10.58
C GLU B 94 -29.37 26.42 11.34
N LYS B 95 -29.18 26.07 12.61
CA LYS B 95 -28.20 26.75 13.45
C LYS B 95 -26.87 26.05 13.30
N ILE B 96 -26.92 24.74 13.05
CA ILE B 96 -25.72 23.92 12.83
C ILE B 96 -25.87 23.34 11.43
N VAL B 97 -24.81 23.42 10.63
CA VAL B 97 -24.89 22.97 9.26
C VAL B 97 -23.92 21.86 8.83
N GLY B 98 -24.30 21.11 7.80
CA GLY B 98 -23.45 20.05 7.30
C GLY B 98 -24.13 18.74 6.94
N LEU B 99 -24.06 18.37 5.67
CA LEU B 99 -24.63 17.12 5.20
C LEU B 99 -23.55 16.36 4.45
N GLN B 100 -23.65 15.03 4.42
CA GLN B 100 -22.66 14.20 3.72
C GLN B 100 -22.61 14.54 2.24
N THR B 101 -23.78 14.69 1.63
CA THR B 101 -23.86 15.01 0.21
C THR B 101 -24.52 16.38 0.04
N GLU B 102 -25.02 16.66 -1.15
CA GLU B 102 -25.65 17.95 -1.40
C GLU B 102 -27.14 17.93 -1.05
N ALA B 103 -27.65 16.79 -0.60
CA ALA B 103 -29.07 16.69 -0.28
C ALA B 103 -29.38 15.82 0.94
N PRO B 104 -30.37 16.21 1.73
CA PRO B 104 -30.75 15.45 2.93
C PRO B 104 -31.00 13.98 2.65
N LEU B 105 -30.29 13.12 3.37
CA LEU B 105 -30.44 11.68 3.25
C LEU B 105 -29.94 11.02 1.96
N LYS B 106 -29.39 11.78 1.02
CA LYS B 106 -28.89 11.18 -0.21
C LYS B 106 -27.56 10.50 0.15
N ARG B 107 -27.44 9.21 -0.13
CA ARG B 107 -26.23 8.48 0.23
C ARG B 107 -25.13 8.59 -0.83
N ALA B 108 -23.88 8.56 -0.39
CA ALA B 108 -22.75 8.67 -1.31
C ALA B 108 -22.10 7.34 -1.65
N LEU B 109 -21.08 7.41 -2.51
CA LEU B 109 -20.32 6.24 -2.91
C LEU B 109 -18.94 6.38 -2.29
N ILE B 110 -18.56 5.41 -1.47
CA ILE B 110 -17.24 5.40 -0.85
C ILE B 110 -16.57 4.19 -1.50
N PRO B 111 -16.07 4.38 -2.72
CA PRO B 111 -15.41 3.35 -3.53
C PRO B 111 -14.15 2.69 -2.98
N PHE B 112 -13.36 3.42 -2.19
CA PHE B 112 -12.12 2.86 -1.66
C PHE B 112 -12.27 1.53 -0.94
N GLY B 113 -13.47 1.24 -0.45
CA GLY B 113 -13.71 0.00 0.24
C GLY B 113 -13.92 -1.19 -0.69
N GLY B 114 -14.38 -0.91 -1.90
CA GLY B 114 -14.64 -1.96 -2.87
C GLY B 114 -15.72 -1.53 -3.84
N ILE B 115 -15.59 -1.92 -5.10
CA ILE B 115 -16.56 -1.53 -6.10
C ILE B 115 -17.74 -2.52 -6.23
N LYS B 116 -17.50 -3.78 -5.92
CA LYS B 116 -18.54 -4.80 -6.03
C LYS B 116 -19.76 -4.51 -5.16
N MET B 117 -19.53 -4.04 -3.93
CA MET B 117 -20.64 -3.73 -3.04
C MET B 117 -21.47 -2.60 -3.61
N ILE B 118 -20.81 -1.64 -4.23
CA ILE B 118 -21.52 -0.50 -4.81
C ILE B 118 -22.40 -0.99 -5.95
N GLU B 119 -21.89 -1.93 -6.76
CA GLU B 119 -22.66 -2.50 -7.86
C GLU B 119 -23.86 -3.25 -7.31
N GLY B 120 -23.64 -4.00 -6.25
CA GLY B 120 -24.71 -4.74 -5.63
C GLY B 120 -25.84 -3.81 -5.20
N SER B 121 -25.47 -2.69 -4.58
CA SER B 121 -26.46 -1.73 -4.13
C SER B 121 -27.20 -1.16 -5.34
N CYS B 122 -26.45 -0.73 -6.33
CA CYS B 122 -27.06 -0.18 -7.54
C CYS B 122 -28.08 -1.15 -8.13
N LYS B 123 -27.71 -2.44 -8.14
CA LYS B 123 -28.58 -3.46 -8.70
C LYS B 123 -29.82 -3.67 -7.85
N ALA B 124 -29.63 -3.68 -6.54
CA ALA B 124 -30.73 -3.88 -5.61
C ALA B 124 -31.71 -2.72 -5.58
N TYR B 125 -31.22 -1.50 -5.73
CA TYR B 125 -32.11 -0.34 -5.67
C TYR B 125 -32.45 0.21 -7.05
N ASN B 126 -32.18 -0.60 -8.07
CA ASN B 126 -32.51 -0.21 -9.44
C ASN B 126 -31.91 1.14 -9.85
N ARG B 127 -30.59 1.17 -9.97
CA ARG B 127 -29.86 2.37 -10.39
C ARG B 127 -28.65 1.85 -11.15
N GLU B 128 -28.07 2.69 -12.01
CA GLU B 128 -26.91 2.26 -12.79
C GLU B 128 -25.62 2.96 -12.38
N LEU B 129 -24.62 2.17 -12.04
CA LEU B 129 -23.31 2.68 -11.65
C LEU B 129 -22.63 3.34 -12.84
N ASP B 130 -22.04 4.52 -12.66
CA ASP B 130 -21.34 5.18 -13.76
C ASP B 130 -20.19 4.27 -14.18
N PRO B 131 -20.11 3.95 -15.47
CA PRO B 131 -19.04 3.08 -15.95
C PRO B 131 -17.62 3.55 -15.68
N MET B 132 -17.42 4.86 -15.66
CA MET B 132 -16.08 5.38 -15.40
C MET B 132 -15.69 5.10 -13.95
N ILE B 133 -16.63 5.25 -13.04
CA ILE B 133 -16.35 4.98 -11.64
C ILE B 133 -15.99 3.51 -11.48
N LYS B 134 -16.71 2.63 -12.19
CA LYS B 134 -16.44 1.20 -12.09
C LYS B 134 -15.05 0.84 -12.62
N LYS B 135 -14.68 1.46 -13.74
CA LYS B 135 -13.39 1.21 -14.37
C LYS B 135 -12.23 1.66 -13.47
N ILE B 136 -12.38 2.85 -12.90
CA ILE B 136 -11.38 3.44 -12.01
C ILE B 136 -11.09 2.57 -10.80
N PHE B 137 -12.15 2.09 -10.15
CA PHE B 137 -11.98 1.29 -8.96
C PHE B 137 -11.92 -0.23 -9.12
N THR B 138 -11.52 -0.67 -10.30
CA THR B 138 -11.33 -2.09 -10.57
C THR B 138 -9.97 -2.26 -11.26
N GLU B 139 -9.57 -1.27 -12.05
CA GLU B 139 -8.30 -1.32 -12.77
C GLU B 139 -7.21 -0.36 -12.32
N TYR B 140 -7.58 0.84 -11.84
CA TYR B 140 -6.61 1.84 -11.44
C TYR B 140 -6.34 1.93 -9.94
N ARG B 141 -7.40 2.05 -9.16
CA ARG B 141 -7.29 2.14 -7.71
C ARG B 141 -7.80 0.85 -7.10
N LYS B 142 -6.88 0.07 -6.54
CA LYS B 142 -7.26 -1.19 -5.92
C LYS B 142 -8.01 -0.89 -4.65
N THR B 143 -9.03 -1.69 -4.36
CA THR B 143 -9.84 -1.48 -3.17
C THR B 143 -9.55 -2.47 -2.04
N HIS B 144 -10.08 -2.15 -0.88
CA HIS B 144 -9.92 -3.01 0.29
C HIS B 144 -10.47 -4.40 0.00
N ASN B 145 -11.67 -4.45 -0.57
CA ASN B 145 -12.30 -5.72 -0.90
C ASN B 145 -11.42 -6.57 -1.82
N GLN B 146 -10.85 -5.97 -2.86
CA GLN B 146 -10.01 -6.72 -3.77
C GLN B 146 -8.77 -7.28 -3.08
N GLY B 147 -8.14 -6.46 -2.25
CA GLY B 147 -6.94 -6.89 -1.55
C GLY B 147 -7.16 -8.04 -0.60
N VAL B 148 -8.28 -8.04 0.11
CA VAL B 148 -8.58 -9.09 1.05
C VAL B 148 -8.79 -10.43 0.34
N PHE B 149 -9.65 -10.44 -0.68
CA PHE B 149 -9.92 -11.66 -1.41
C PHE B 149 -8.77 -12.17 -2.27
N ASP B 150 -7.72 -11.37 -2.37
CA ASP B 150 -6.56 -11.79 -3.14
C ASP B 150 -5.63 -12.56 -2.22
N VAL B 151 -5.79 -12.37 -0.90
CA VAL B 151 -4.94 -13.01 0.08
C VAL B 151 -5.64 -14.05 0.96
N TYR B 152 -6.97 -14.11 0.88
CA TYR B 152 -7.76 -15.09 1.66
C TYR B 152 -7.36 -16.54 1.35
N THR B 153 -7.59 -17.44 2.29
CA THR B 153 -7.28 -18.86 2.07
C THR B 153 -8.58 -19.55 1.72
N PRO B 154 -8.53 -20.71 1.04
CA PRO B 154 -9.79 -21.38 0.71
C PRO B 154 -10.54 -21.85 1.96
N ASP B 155 -9.81 -22.05 3.06
CA ASP B 155 -10.40 -22.47 4.32
C ASP B 155 -11.33 -21.36 4.82
N ILE B 156 -10.80 -20.14 4.85
CA ILE B 156 -11.57 -18.99 5.31
C ILE B 156 -12.80 -18.82 4.43
N LEU B 157 -12.62 -19.08 3.14
CA LEU B 157 -13.70 -18.98 2.18
C LEU B 157 -14.79 -19.97 2.52
N ARG B 158 -14.38 -21.18 2.92
CA ARG B 158 -15.34 -22.21 3.27
C ARG B 158 -16.09 -21.82 4.54
N CYS B 159 -15.34 -21.30 5.52
CA CYS B 159 -15.95 -20.85 6.77
C CYS B 159 -16.97 -19.75 6.50
N ARG B 160 -16.64 -18.89 5.54
CA ARG B 160 -17.51 -17.78 5.18
C ARG B 160 -18.81 -18.33 4.62
N LYS B 161 -18.70 -19.30 3.73
CA LYS B 161 -19.87 -19.90 3.10
C LYS B 161 -20.73 -20.77 4.03
N SER B 162 -20.08 -21.59 4.85
CA SER B 162 -20.81 -22.49 5.74
C SER B 162 -21.56 -21.79 6.86
N GLY B 163 -21.12 -20.59 7.22
CA GLY B 163 -21.79 -19.86 8.28
C GLY B 163 -21.13 -19.99 9.64
N VAL B 164 -19.83 -20.30 9.66
CA VAL B 164 -19.12 -20.42 10.94
C VAL B 164 -18.34 -19.10 11.18
N LEU B 165 -17.84 -18.51 10.09
CA LEU B 165 -17.11 -17.23 10.13
C LEU B 165 -17.63 -16.38 8.96
N THR B 166 -18.72 -15.63 9.21
CA THR B 166 -19.36 -14.85 8.16
C THR B 166 -19.65 -13.41 8.57
N GLY B 167 -19.71 -12.51 7.59
CA GLY B 167 -19.99 -11.12 7.91
C GLY B 167 -18.83 -10.31 8.46
N LEU B 168 -17.61 -10.69 8.13
CA LEU B 168 -16.40 -9.98 8.58
C LEU B 168 -16.15 -8.73 7.71
N PRO B 169 -15.52 -7.69 8.30
CA PRO B 169 -15.22 -6.45 7.58
C PRO B 169 -14.33 -6.58 6.35
N ASP B 170 -14.80 -7.30 5.34
CA ASP B 170 -14.05 -7.47 4.12
C ASP B 170 -14.83 -6.90 2.94
N ALA B 171 -16.03 -6.37 3.24
CA ALA B 171 -16.89 -5.81 2.21
C ALA B 171 -17.62 -4.55 2.67
N TYR B 172 -17.00 -3.82 3.61
CA TYR B 172 -17.55 -2.59 4.15
C TYR B 172 -16.52 -1.99 5.10
N GLY B 173 -16.61 -0.69 5.35
CA GLY B 173 -15.67 -0.05 6.25
C GLY B 173 -15.58 -0.75 7.60
N ARG B 174 -14.37 -0.89 8.13
CA ARG B 174 -14.18 -1.55 9.41
C ARG B 174 -14.72 -0.75 10.57
N GLY B 175 -14.60 0.58 10.50
CA GLY B 175 -15.10 1.43 11.55
C GLY B 175 -14.39 1.26 12.88
N ARG B 176 -15.15 1.29 13.96
CA ARG B 176 -14.61 1.15 15.32
C ARG B 176 -13.48 2.15 15.62
N ILE B 177 -13.56 3.32 15.01
CA ILE B 177 -12.57 4.37 15.21
C ILE B 177 -13.30 5.68 15.55
N ILE B 178 -12.92 6.31 16.64
CA ILE B 178 -13.53 7.58 17.02
C ILE B 178 -12.48 8.67 17.08
N GLY B 179 -12.51 9.58 16.09
CA GLY B 179 -11.57 10.67 16.11
C GLY B 179 -12.02 11.65 17.19
N ASP B 180 -11.10 12.30 17.88
CA ASP B 180 -11.49 13.27 18.91
C ASP B 180 -11.93 14.53 18.18
N TYR B 181 -13.19 14.56 17.79
CA TYR B 181 -13.72 15.69 17.06
C TYR B 181 -13.74 16.97 17.89
N ARG B 182 -13.71 16.84 19.21
CA ARG B 182 -13.69 18.00 20.10
C ARG B 182 -12.43 18.84 19.88
N ARG B 183 -11.35 18.20 19.44
CA ARG B 183 -10.08 18.87 19.19
C ARG B 183 -10.16 20.05 18.24
N VAL B 184 -10.96 19.94 17.20
CA VAL B 184 -11.07 21.01 16.23
C VAL B 184 -11.80 22.23 16.79
N ALA B 185 -12.73 21.98 17.70
CA ALA B 185 -13.44 23.10 18.32
C ALA B 185 -12.51 23.81 19.32
N LEU B 186 -11.74 23.02 20.06
CA LEU B 186 -10.83 23.54 21.08
C LEU B 186 -9.58 24.26 20.55
N TYR B 187 -8.92 23.68 19.56
CA TYR B 187 -7.70 24.25 19.01
C TYR B 187 -7.72 24.87 17.61
N GLY B 188 -8.67 24.43 16.78
CA GLY B 188 -8.73 24.93 15.43
C GLY B 188 -7.86 24.04 14.56
N ILE B 189 -8.14 24.01 13.27
CA ILE B 189 -7.39 23.17 12.36
C ILE B 189 -5.91 23.53 12.32
N ASP B 190 -5.60 24.81 12.14
CA ASP B 190 -4.21 25.23 12.04
C ASP B 190 -3.33 24.72 13.17
N TYR B 191 -3.83 24.79 14.40
CA TYR B 191 -3.06 24.35 15.54
C TYR B 191 -2.82 22.86 15.46
N LEU B 192 -3.83 22.13 15.03
CA LEU B 192 -3.72 20.68 14.92
C LEU B 192 -2.76 20.28 13.81
N MET B 193 -2.70 21.07 12.75
CA MET B 193 -1.80 20.78 11.65
C MET B 193 -0.33 20.98 12.04
N LYS B 194 -0.09 21.98 12.89
CA LYS B 194 1.26 22.26 13.38
C LYS B 194 1.71 21.11 14.28
N ASP B 195 0.76 20.59 15.07
CA ASP B 195 1.03 19.49 15.98
C ASP B 195 1.36 18.22 15.18
N LYS B 196 0.64 17.98 14.08
CA LYS B 196 0.90 16.81 13.26
C LYS B 196 2.25 16.93 12.58
N LEU B 197 2.57 18.12 12.09
CA LEU B 197 3.84 18.36 11.43
C LEU B 197 4.97 18.02 12.41
N ALA B 198 4.77 18.35 13.67
CA ALA B 198 5.76 18.05 14.70
C ALA B 198 5.88 16.54 14.87
N GLN B 199 4.75 15.86 14.90
CA GLN B 199 4.75 14.41 15.04
C GLN B 199 5.50 13.78 13.88
N PHE B 200 5.24 14.29 12.69
CA PHE B 200 5.88 13.82 11.48
C PHE B 200 7.40 13.93 11.59
N THR B 201 7.87 15.08 12.06
CA THR B 201 9.30 15.32 12.17
C THR B 201 9.96 14.47 13.25
N SER B 202 9.19 14.09 14.27
CA SER B 202 9.75 13.32 15.36
C SER B 202 10.10 11.89 14.96
N LEU B 203 9.76 11.51 13.75
CA LEU B 203 10.06 10.16 13.27
C LEU B 203 11.28 10.14 12.37
N GLN B 204 11.78 11.31 12.01
CA GLN B 204 12.92 11.39 11.12
C GLN B 204 14.19 10.68 11.61
N ALA B 205 14.50 10.85 12.88
CA ALA B 205 15.69 10.23 13.46
C ALA B 205 15.67 8.73 13.24
N ASP B 206 14.64 8.08 13.77
CA ASP B 206 14.46 6.64 13.64
C ASP B 206 14.58 6.20 12.20
N LEU B 207 13.95 6.95 11.31
CA LEU B 207 13.99 6.65 9.89
C LEU B 207 15.45 6.60 9.42
N GLU B 208 16.15 7.71 9.57
CA GLU B 208 17.53 7.79 9.17
C GLU B 208 18.40 6.70 9.80
N ASN B 209 18.06 6.29 11.03
CA ASN B 209 18.85 5.28 11.72
C ASN B 209 18.37 3.84 11.52
N GLY B 210 17.48 3.64 10.57
CA GLY B 210 16.97 2.30 10.30
C GLY B 210 16.33 1.60 11.48
N VAL B 211 15.68 2.36 12.36
CA VAL B 211 15.02 1.79 13.53
C VAL B 211 13.58 1.45 13.17
N ASN B 212 13.25 0.16 13.16
CA ASN B 212 11.91 -0.27 12.78
C ASN B 212 11.58 0.39 11.45
N LEU B 213 12.50 0.27 10.50
CA LEU B 213 12.38 0.84 9.18
C LEU B 213 11.00 0.90 8.53
N GLU B 214 10.40 -0.26 8.30
CA GLU B 214 9.08 -0.31 7.67
C GLU B 214 7.93 0.28 8.48
N GLN B 215 7.92 0.03 9.79
CA GLN B 215 6.88 0.56 10.66
C GLN B 215 6.96 2.10 10.68
N THR B 216 8.18 2.63 10.65
CA THR B 216 8.43 4.06 10.69
C THR B 216 8.01 4.73 9.39
N ILE B 217 8.29 4.09 8.27
CA ILE B 217 7.91 4.65 6.99
C ILE B 217 6.38 4.70 6.90
N ARG B 218 5.73 3.64 7.34
CA ARG B 218 4.28 3.56 7.31
C ARG B 218 3.65 4.68 8.11
N LEU B 219 4.11 4.85 9.35
CA LEU B 219 3.59 5.88 10.23
C LEU B 219 3.84 7.27 9.68
N ARG B 220 5.00 7.47 9.06
CA ARG B 220 5.30 8.76 8.46
C ARG B 220 4.27 9.11 7.38
N GLU B 221 4.04 8.17 6.47
CA GLU B 221 3.09 8.41 5.39
C GLU B 221 1.68 8.61 5.93
N GLU B 222 1.34 7.87 6.99
CA GLU B 222 0.01 7.98 7.59
C GLU B 222 -0.17 9.37 8.16
N ILE B 223 0.83 9.86 8.87
CA ILE B 223 0.75 11.17 9.46
C ILE B 223 0.70 12.24 8.39
N ALA B 224 1.38 12.00 7.27
CA ALA B 224 1.37 12.97 6.19
C ALA B 224 -0.04 13.03 5.62
N GLU B 225 -0.67 11.86 5.46
CA GLU B 225 -2.01 11.78 4.90
C GLU B 225 -3.00 12.41 5.89
N GLN B 226 -2.65 12.36 7.17
CA GLN B 226 -3.47 12.95 8.23
C GLN B 226 -3.42 14.46 8.13
N HIS B 227 -2.21 14.97 7.97
CA HIS B 227 -1.98 16.39 7.83
C HIS B 227 -2.79 16.91 6.66
N ARG B 228 -2.69 16.21 5.53
CA ARG B 228 -3.40 16.60 4.33
C ARG B 228 -4.91 16.57 4.53
N ALA B 229 -5.39 15.66 5.39
CA ALA B 229 -6.82 15.57 5.65
C ALA B 229 -7.32 16.79 6.43
N LEU B 230 -6.54 17.24 7.41
CA LEU B 230 -6.92 18.39 8.21
C LEU B 230 -7.13 19.60 7.30
N GLY B 231 -6.29 19.75 6.29
CA GLY B 231 -6.44 20.87 5.37
C GLY B 231 -7.73 20.79 4.59
N GLN B 232 -8.11 19.56 4.22
CA GLN B 232 -9.34 19.34 3.47
C GLN B 232 -10.54 19.66 4.34
N MET B 233 -10.41 19.44 5.65
CA MET B 233 -11.50 19.76 6.57
C MET B 233 -11.84 21.24 6.45
N LYS B 234 -10.80 22.07 6.36
CA LYS B 234 -11.00 23.51 6.22
C LYS B 234 -11.76 23.84 4.94
N GLU B 235 -11.32 23.25 3.82
CA GLU B 235 -11.98 23.50 2.54
C GLU B 235 -13.43 23.06 2.64
N MET B 236 -13.66 21.93 3.30
CA MET B 236 -15.00 21.42 3.45
C MET B 236 -15.87 22.46 4.16
N ALA B 237 -15.37 22.99 5.26
CA ALA B 237 -16.11 23.99 6.03
C ALA B 237 -16.33 25.25 5.21
N ALA B 238 -15.28 25.71 4.52
CA ALA B 238 -15.35 26.92 3.69
C ALA B 238 -16.53 26.87 2.73
N LYS B 239 -16.80 25.71 2.15
CA LYS B 239 -17.92 25.56 1.24
C LYS B 239 -19.21 25.94 1.97
N TYR B 240 -19.17 25.93 3.31
CA TYR B 240 -20.33 26.29 4.12
C TYR B 240 -20.22 27.71 4.68
N GLY B 241 -19.18 28.43 4.28
CA GLY B 241 -18.98 29.79 4.75
C GLY B 241 -18.28 29.91 6.10
N TYR B 242 -17.75 28.80 6.60
CA TYR B 242 -17.05 28.84 7.88
C TYR B 242 -15.56 28.71 7.77
N ASP B 243 -14.86 29.43 8.63
CA ASP B 243 -13.41 29.39 8.67
C ASP B 243 -13.09 28.71 9.99
N ILE B 244 -12.66 27.45 9.93
CA ILE B 244 -12.34 26.72 11.14
C ILE B 244 -10.84 26.57 11.36
N SER B 245 -10.07 27.46 10.74
CA SER B 245 -8.62 27.41 10.91
C SER B 245 -8.29 27.77 12.36
N GLY B 246 -9.11 28.62 12.95
CA GLY B 246 -8.89 29.02 14.33
C GLY B 246 -9.85 28.32 15.28
N PRO B 247 -9.62 28.42 16.60
CA PRO B 247 -10.45 27.81 17.64
C PRO B 247 -11.89 28.33 17.68
N ALA B 248 -12.80 27.53 18.23
CA ALA B 248 -14.19 27.94 18.36
C ALA B 248 -14.29 29.07 19.39
N THR B 249 -14.98 30.14 19.00
CA THR B 249 -15.18 31.36 19.78
C THR B 249 -16.35 31.36 20.77
N ASN B 250 -17.43 30.66 20.43
CA ASN B 250 -18.61 30.58 21.29
C ASN B 250 -19.21 29.18 21.28
N ALA B 251 -20.36 29.02 21.90
CA ALA B 251 -21.02 27.71 21.98
C ALA B 251 -21.39 27.22 20.59
N GLN B 252 -22.04 28.09 19.84
CA GLN B 252 -22.45 27.78 18.48
C GLN B 252 -21.28 27.26 17.61
N GLU B 253 -20.11 27.87 17.75
CA GLU B 253 -18.97 27.44 16.96
C GLU B 253 -18.36 26.17 17.54
N ALA B 254 -18.43 26.01 18.86
CA ALA B 254 -17.86 24.80 19.46
C ALA B 254 -18.59 23.59 18.90
N ILE B 255 -19.91 23.69 18.83
CA ILE B 255 -20.75 22.63 18.32
C ILE B 255 -20.50 22.43 16.81
N GLN B 256 -20.55 23.51 16.05
CA GLN B 256 -20.34 23.45 14.61
C GLN B 256 -18.95 22.87 14.27
N TRP B 257 -17.93 23.36 14.95
CA TRP B 257 -16.55 22.90 14.74
C TRP B 257 -16.40 21.40 15.02
N THR B 258 -17.00 20.95 16.12
CA THR B 258 -16.93 19.54 16.47
C THR B 258 -17.65 18.68 15.43
N TYR B 259 -18.83 19.11 15.02
CA TYR B 259 -19.59 18.37 14.03
C TYR B 259 -18.84 18.36 12.69
N PHE B 260 -18.23 19.49 12.35
CA PHE B 260 -17.47 19.56 11.10
C PHE B 260 -16.37 18.49 11.06
N GLY B 261 -15.79 18.19 12.23
CA GLY B 261 -14.76 17.18 12.31
C GLY B 261 -15.33 15.82 12.00
N TYR B 262 -16.50 15.55 12.54
CA TYR B 262 -17.20 14.29 12.33
C TYR B 262 -17.73 14.18 10.90
N LEU B 263 -18.13 15.30 10.32
CA LEU B 263 -18.67 15.31 8.96
C LEU B 263 -17.62 14.84 7.96
N ALA B 264 -16.39 15.32 8.12
CA ALA B 264 -15.31 14.95 7.22
C ALA B 264 -15.18 13.43 7.26
N ALA B 265 -15.31 12.87 8.46
CA ALA B 265 -15.21 11.43 8.64
C ALA B 265 -16.29 10.66 7.89
N VAL B 266 -17.56 11.03 8.10
CA VAL B 266 -18.66 10.33 7.44
C VAL B 266 -18.82 10.70 5.97
N LYS B 267 -17.91 11.53 5.48
CA LYS B 267 -17.92 11.93 4.09
C LYS B 267 -16.82 11.14 3.39
N SER B 268 -15.90 10.59 4.18
CA SER B 268 -14.78 9.87 3.60
C SER B 268 -14.64 8.39 3.95
N GLN B 269 -15.27 7.95 5.02
CA GLN B 269 -15.17 6.56 5.43
C GLN B 269 -16.51 5.85 5.64
N ASN B 270 -16.52 4.58 5.24
CA ASN B 270 -17.67 3.66 5.26
C ASN B 270 -17.99 3.00 6.58
N GLY B 271 -17.11 3.13 7.56
CA GLY B 271 -17.30 2.49 8.85
C GLY B 271 -18.68 1.98 9.22
N ALA B 272 -18.75 0.71 9.64
CA ALA B 272 -19.99 0.11 10.07
C ALA B 272 -20.52 0.96 11.22
N ALA B 273 -19.61 1.34 12.11
CA ALA B 273 -19.96 2.19 13.24
C ALA B 273 -19.09 3.44 13.16
N MET B 274 -19.73 4.60 13.12
CA MET B 274 -19.01 5.87 13.06
C MET B 274 -19.45 6.66 14.30
N SER B 275 -18.99 6.23 15.45
CA SER B 275 -19.35 6.86 16.71
C SER B 275 -18.90 8.31 16.92
N PHE B 276 -19.71 9.06 17.66
CA PHE B 276 -19.45 10.47 17.94
C PHE B 276 -18.44 10.72 19.04
N GLY B 277 -18.47 9.91 20.11
CA GLY B 277 -17.53 10.07 21.20
C GLY B 277 -18.16 10.46 22.53
N ARG B 278 -17.44 11.26 23.32
CA ARG B 278 -17.92 11.76 24.63
C ARG B 278 -17.83 13.28 24.50
N THR B 279 -18.88 13.89 24.00
CA THR B 279 -18.86 15.33 23.74
C THR B 279 -19.83 16.24 24.50
N SER B 280 -20.94 15.69 24.97
CA SER B 280 -21.94 16.51 25.65
C SER B 280 -21.37 17.41 26.75
N THR B 281 -20.64 16.83 27.70
CA THR B 281 -20.06 17.61 28.79
C THR B 281 -19.07 18.63 28.26
N PHE B 282 -18.23 18.21 27.33
CA PHE B 282 -17.24 19.07 26.72
C PHE B 282 -17.92 20.33 26.16
N LEU B 283 -18.98 20.13 25.38
CA LEU B 283 -19.67 21.24 24.79
C LEU B 283 -20.33 22.13 25.83
N ASP B 284 -20.67 21.54 26.97
CA ASP B 284 -21.31 22.31 28.03
C ASP B 284 -20.44 23.48 28.49
N VAL B 285 -19.12 23.29 28.44
CA VAL B 285 -18.22 24.34 28.84
C VAL B 285 -18.49 25.60 28.02
N TYR B 286 -18.71 25.44 26.73
CA TYR B 286 -18.97 26.60 25.88
C TYR B 286 -20.37 27.15 26.04
N ILE B 287 -21.31 26.27 26.35
CA ILE B 287 -22.68 26.68 26.55
C ILE B 287 -22.79 27.49 27.83
N GLU B 288 -22.21 26.99 28.92
CA GLU B 288 -22.23 27.68 30.21
C GLU B 288 -21.72 29.11 30.02
N ARG B 289 -20.48 29.23 29.54
CA ARG B 289 -19.84 30.52 29.32
C ARG B 289 -20.73 31.49 28.56
N ASP B 290 -21.30 31.07 27.42
CA ASP B 290 -22.18 31.94 26.64
C ASP B 290 -23.45 32.31 27.43
N LEU B 291 -23.93 31.37 28.22
CA LEU B 291 -25.12 31.59 29.04
C LEU B 291 -24.78 32.68 30.05
N LYS B 292 -23.76 32.42 30.88
CA LYS B 292 -23.32 33.36 31.89
C LYS B 292 -23.05 34.77 31.36
N ALA B 293 -22.65 34.88 30.10
CA ALA B 293 -22.39 36.20 29.53
C ALA B 293 -23.67 36.73 28.90
N GLY B 294 -24.76 36.00 29.09
CA GLY B 294 -26.03 36.41 28.52
C GLY B 294 -25.97 36.57 27.01
N LYS B 295 -25.14 35.76 26.37
CA LYS B 295 -25.01 35.83 24.92
C LYS B 295 -25.99 34.87 24.25
N ILE B 296 -26.43 33.87 25.00
CA ILE B 296 -27.34 32.85 24.50
C ILE B 296 -28.39 32.53 25.57
N THR B 297 -29.63 32.26 25.16
CA THR B 297 -30.70 31.91 26.12
C THR B 297 -30.67 30.39 26.26
N GLU B 298 -31.44 29.85 27.20
CA GLU B 298 -31.46 28.41 27.37
C GLU B 298 -32.15 27.72 26.20
N GLN B 299 -33.23 28.32 25.72
CA GLN B 299 -33.96 27.72 24.61
C GLN B 299 -33.07 27.72 23.37
N GLU B 300 -32.20 28.71 23.27
CA GLU B 300 -31.28 28.82 22.13
C GLU B 300 -30.20 27.75 22.25
N ALA B 301 -29.96 27.33 23.49
CA ALA B 301 -28.97 26.30 23.78
C ALA B 301 -29.48 24.96 23.24
N GLN B 302 -30.73 24.64 23.58
CA GLN B 302 -31.36 23.39 23.12
C GLN B 302 -31.45 23.36 21.63
N GLU B 303 -31.80 24.49 21.03
CA GLU B 303 -31.93 24.54 19.59
C GLU B 303 -30.64 24.07 18.93
N MET B 304 -29.51 24.62 19.38
CA MET B 304 -28.22 24.25 18.84
C MET B 304 -27.99 22.74 18.97
N VAL B 305 -28.18 22.20 20.18
CA VAL B 305 -28.02 20.78 20.44
C VAL B 305 -28.95 19.98 19.56
N ASP B 306 -30.20 20.44 19.45
CA ASP B 306 -31.20 19.79 18.63
C ASP B 306 -30.73 19.71 17.17
N HIS B 307 -30.20 20.82 16.65
CA HIS B 307 -29.75 20.83 15.26
C HIS B 307 -28.51 19.97 15.09
N LEU B 308 -27.74 19.80 16.16
CA LEU B 308 -26.57 18.95 16.09
C LEU B 308 -27.05 17.51 16.08
N VAL B 309 -27.86 17.16 17.07
CA VAL B 309 -28.40 15.82 17.19
C VAL B 309 -29.22 15.44 15.97
N MET B 310 -29.85 16.45 15.37
CA MET B 310 -30.66 16.22 14.17
C MET B 310 -29.79 15.77 13.00
N LYS B 311 -28.64 16.40 12.83
CA LYS B 311 -27.74 16.01 11.77
C LYS B 311 -27.27 14.58 12.02
N LEU B 312 -27.07 14.23 13.29
CA LEU B 312 -26.64 12.88 13.62
C LEU B 312 -27.72 11.88 13.27
N ARG B 313 -28.96 12.35 13.23
CA ARG B 313 -30.07 11.49 12.87
C ARG B 313 -30.16 11.38 11.35
N MET B 314 -29.32 12.13 10.65
CA MET B 314 -29.36 12.15 9.20
C MET B 314 -28.16 11.48 8.51
N VAL B 315 -27.29 10.86 9.28
CA VAL B 315 -26.13 10.21 8.70
C VAL B 315 -26.58 8.93 8.01
N ARG B 316 -26.19 8.75 6.75
CA ARG B 316 -26.59 7.57 5.99
C ARG B 316 -25.44 6.99 5.19
N PHE B 317 -25.53 5.68 4.90
CA PHE B 317 -24.51 4.99 4.12
C PHE B 317 -25.13 3.95 3.19
N LEU B 318 -24.62 3.87 1.97
CA LEU B 318 -25.10 2.92 0.99
C LEU B 318 -24.64 1.51 1.37
N ARG B 319 -25.60 0.63 1.61
CA ARG B 319 -25.28 -0.74 2.00
C ARG B 319 -25.99 -1.77 1.11
N THR B 320 -25.41 -2.98 1.04
CA THR B 320 -25.98 -4.08 0.24
C THR B 320 -27.02 -4.87 1.04
N PRO B 321 -27.89 -5.62 0.33
CA PRO B 321 -28.90 -6.40 1.07
C PRO B 321 -28.24 -7.37 2.04
N GLU B 322 -27.05 -7.84 1.69
CA GLU B 322 -26.32 -8.74 2.55
C GLU B 322 -25.99 -8.03 3.86
N TYR B 323 -25.55 -6.78 3.74
CA TYR B 323 -25.20 -5.98 4.90
C TYR B 323 -26.44 -5.72 5.74
N ASP B 324 -27.55 -5.47 5.06
CA ASP B 324 -28.79 -5.20 5.76
C ASP B 324 -29.23 -6.33 6.69
N GLU B 325 -28.90 -7.56 6.34
CA GLU B 325 -29.31 -8.66 7.22
C GLU B 325 -28.31 -8.96 8.31
N LEU B 326 -27.11 -8.42 8.17
CA LEU B 326 -26.03 -8.59 9.14
C LEU B 326 -26.11 -7.49 10.21
N PHE B 327 -26.56 -6.31 9.78
CA PHE B 327 -26.70 -5.14 10.64
C PHE B 327 -28.04 -4.51 10.27
N SER B 328 -29.11 -5.00 10.90
CA SER B 328 -30.48 -4.54 10.62
C SER B 328 -30.86 -3.16 11.13
N GLY B 329 -31.91 -2.61 10.52
CA GLY B 329 -32.42 -1.31 10.91
C GLY B 329 -31.71 -0.07 10.38
N ASP B 330 -30.96 -0.19 9.30
CA ASP B 330 -30.24 0.95 8.75
C ASP B 330 -29.46 1.66 9.86
N PRO B 331 -28.63 0.91 10.61
CA PRO B 331 -27.84 1.45 11.72
C PRO B 331 -26.62 2.31 11.35
N ILE B 332 -26.21 3.16 12.26
CA ILE B 332 -25.07 4.01 12.01
C ILE B 332 -24.14 4.01 13.21
N TRP B 333 -24.71 3.91 14.40
CA TRP B 333 -23.94 3.90 15.64
C TRP B 333 -23.22 5.22 15.93
N ALA B 334 -23.95 6.33 15.82
CA ALA B 334 -23.40 7.64 16.13
C ALA B 334 -23.54 7.72 17.64
N THR B 335 -22.68 6.99 18.32
CA THR B 335 -22.69 6.89 19.78
C THR B 335 -22.12 8.07 20.57
N GLU B 336 -22.91 8.48 21.57
CA GLU B 336 -22.56 9.58 22.47
C GLU B 336 -22.50 9.04 23.90
N SER B 337 -21.39 9.30 24.58
CA SER B 337 -21.21 8.85 25.96
C SER B 337 -21.52 10.02 26.86
N ILE B 338 -22.57 9.85 27.66
CA ILE B 338 -23.06 10.89 28.56
C ILE B 338 -22.85 10.59 30.04
N GLY B 339 -22.60 11.65 30.80
CA GLY B 339 -22.42 11.48 32.23
C GLY B 339 -21.13 10.86 32.70
N GLY B 340 -21.25 9.91 33.61
CA GLY B 340 -20.08 9.24 34.16
C GLY B 340 -19.55 10.03 35.35
N MET B 341 -18.48 9.53 35.95
CA MET B 341 -17.88 10.20 37.09
C MET B 341 -16.40 10.37 36.77
N GLY B 342 -15.79 11.46 37.25
CA GLY B 342 -14.38 11.68 37.02
C GLY B 342 -13.55 10.85 37.99
N LEU B 343 -12.23 10.85 37.83
CA LEU B 343 -11.39 10.09 38.74
C LEU B 343 -11.32 10.81 40.10
N ASP B 344 -11.57 12.12 40.08
CA ASP B 344 -11.52 12.91 41.30
C ASP B 344 -12.85 12.90 42.09
N GLY B 345 -13.73 11.94 41.79
CA GLY B 345 -14.97 11.83 42.53
C GLY B 345 -16.20 12.64 42.10
N ARG B 346 -16.00 13.79 41.46
CA ARG B 346 -17.16 14.57 41.02
C ARG B 346 -17.79 13.96 39.78
N THR B 347 -19.07 14.25 39.57
CA THR B 347 -19.78 13.72 38.42
C THR B 347 -19.49 14.51 37.15
N LEU B 348 -19.42 13.82 36.02
CA LEU B 348 -19.19 14.49 34.77
C LEU B 348 -20.54 14.92 34.18
N VAL B 349 -21.62 14.66 34.91
CA VAL B 349 -22.95 15.05 34.47
C VAL B 349 -23.02 16.57 34.41
N THR B 350 -23.67 17.10 33.39
CA THR B 350 -23.82 18.55 33.23
C THR B 350 -25.21 18.88 32.72
N LYS B 351 -25.52 20.17 32.61
CA LYS B 351 -26.83 20.56 32.08
C LYS B 351 -26.97 20.02 30.67
N ASN B 352 -25.87 20.03 29.91
CA ASN B 352 -25.89 19.53 28.55
C ASN B 352 -26.18 18.04 28.53
N SER B 353 -25.91 17.36 29.65
CA SER B 353 -26.22 15.94 29.72
C SER B 353 -27.72 15.82 29.53
N PHE B 354 -28.47 16.69 30.21
CA PHE B 354 -29.93 16.70 30.12
C PHE B 354 -30.38 17.18 28.75
N ARG B 355 -29.74 18.22 28.24
CA ARG B 355 -30.11 18.75 26.93
C ARG B 355 -30.12 17.66 25.86
N PHE B 356 -29.14 16.75 25.95
CA PHE B 356 -29.03 15.67 24.97
C PHE B 356 -30.20 14.69 25.07
N LEU B 357 -30.46 14.18 26.27
CA LEU B 357 -31.58 13.25 26.43
C LEU B 357 -32.89 13.94 26.01
N ASN B 358 -32.94 15.24 26.26
CA ASN B 358 -34.11 16.05 25.94
C ASN B 358 -34.42 16.14 24.44
N THR B 359 -33.49 15.73 23.59
CA THR B 359 -33.76 15.75 22.17
C THR B 359 -34.82 14.69 21.87
N LEU B 360 -34.90 13.66 22.73
CA LEU B 360 -35.89 12.61 22.57
C LEU B 360 -37.30 13.17 22.70
N TYR B 361 -37.45 14.22 23.51
CA TYR B 361 -38.75 14.87 23.70
C TYR B 361 -38.92 15.96 22.67
N THR B 362 -37.91 16.82 22.60
CA THR B 362 -37.90 17.93 21.68
C THR B 362 -38.16 17.52 20.23
N MET B 363 -37.67 16.34 19.84
CA MET B 363 -37.84 15.84 18.48
C MET B 363 -38.36 14.39 18.41
N GLY B 364 -38.88 13.89 19.52
CA GLY B 364 -39.42 12.54 19.55
C GLY B 364 -38.37 11.47 19.64
N PRO B 365 -38.78 10.19 19.69
CA PRO B 365 -37.84 9.07 19.79
C PRO B 365 -37.02 8.91 18.53
N SER B 366 -35.76 8.51 18.71
CA SER B 366 -34.85 8.31 17.60
C SER B 366 -33.78 7.26 17.92
N PRO B 367 -33.45 6.41 16.93
CA PRO B 367 -32.44 5.34 17.05
C PRO B 367 -31.05 5.93 17.14
N GLU B 368 -30.87 7.06 16.47
CA GLU B 368 -29.60 7.75 16.46
C GLU B 368 -29.79 9.20 16.90
N PRO B 369 -28.82 9.77 17.61
CA PRO B 369 -27.56 9.12 18.00
C PRO B 369 -27.84 8.02 19.01
N ASN B 370 -26.86 7.13 19.17
CA ASN B 370 -26.98 6.03 20.12
C ASN B 370 -26.51 6.59 21.46
N MET B 371 -27.43 7.25 22.17
CA MET B 371 -27.11 7.86 23.46
C MET B 371 -26.88 6.82 24.56
N THR B 372 -25.68 6.85 25.10
CA THR B 372 -25.25 5.91 26.11
C THR B 372 -24.91 6.57 27.44
N ILE B 373 -25.63 6.17 28.48
CA ILE B 373 -25.42 6.72 29.79
C ILE B 373 -24.32 5.95 30.53
N LEU B 374 -23.24 6.64 30.89
CA LEU B 374 -22.14 6.03 31.63
C LEU B 374 -22.65 6.01 33.07
N TRP B 375 -23.15 4.85 33.47
CA TRP B 375 -23.74 4.67 34.80
C TRP B 375 -22.79 4.46 35.96
N SER B 376 -23.17 5.05 37.09
CA SER B 376 -22.40 4.95 38.32
C SER B 376 -23.33 5.08 39.52
N GLU B 377 -23.11 4.28 40.55
CA GLU B 377 -23.97 4.37 41.72
C GLU B 377 -23.91 5.77 42.33
N LYS B 378 -22.78 6.46 42.12
CA LYS B 378 -22.59 7.79 42.68
C LYS B 378 -23.20 8.91 41.85
N LEU B 379 -23.90 8.59 40.77
CA LEU B 379 -24.52 9.64 39.96
C LEU B 379 -25.58 10.44 40.75
N PRO B 380 -25.76 11.71 40.42
CA PRO B 380 -26.76 12.49 41.14
C PRO B 380 -28.11 11.81 40.90
N LEU B 381 -28.81 11.45 41.98
CA LEU B 381 -30.09 10.78 41.87
C LEU B 381 -31.03 11.48 40.89
N ASN B 382 -30.98 12.80 40.86
CA ASN B 382 -31.81 13.57 39.94
C ASN B 382 -31.62 13.08 38.51
N PHE B 383 -30.36 12.77 38.19
CA PHE B 383 -30.03 12.30 36.85
C PHE B 383 -30.44 10.85 36.66
N LYS B 384 -30.21 10.00 37.67
CA LYS B 384 -30.60 8.58 37.57
C LYS B 384 -32.07 8.47 37.23
N LYS B 385 -32.89 9.19 38.00
CA LYS B 385 -34.34 9.16 37.78
C LYS B 385 -34.73 9.67 36.40
N PHE B 386 -34.15 10.79 35.96
CA PHE B 386 -34.51 11.33 34.66
C PHE B 386 -34.16 10.42 33.50
N ALA B 387 -33.03 9.72 33.60
CA ALA B 387 -32.60 8.82 32.54
C ALA B 387 -33.64 7.71 32.44
N ALA B 388 -33.93 7.13 33.61
CA ALA B 388 -34.89 6.05 33.71
C ALA B 388 -36.20 6.51 33.10
N LYS B 389 -36.57 7.75 33.38
CA LYS B 389 -37.79 8.34 32.87
C LYS B 389 -37.80 8.33 31.34
N VAL B 390 -36.68 8.76 30.76
CA VAL B 390 -36.54 8.81 29.30
C VAL B 390 -36.61 7.39 28.74
N SER B 391 -36.00 6.44 29.46
CA SER B 391 -36.03 5.04 29.03
C SER B 391 -37.47 4.55 29.00
N ILE B 392 -38.21 4.87 30.06
CA ILE B 392 -39.60 4.50 30.19
C ILE B 392 -40.45 5.13 29.09
N ASP B 393 -40.16 6.38 28.76
CA ASP B 393 -40.91 7.08 27.71
C ASP B 393 -40.50 6.75 26.27
N THR B 394 -39.23 6.41 26.05
CA THR B 394 -38.77 6.16 24.69
C THR B 394 -38.07 4.83 24.37
N SER B 395 -37.46 4.20 25.36
CA SER B 395 -36.74 2.94 25.11
C SER B 395 -35.64 3.23 24.09
N SER B 396 -35.04 4.43 24.19
CA SER B 396 -34.01 4.83 23.27
C SER B 396 -32.62 4.92 23.89
N LEU B 397 -32.48 4.59 25.17
CA LEU B 397 -31.18 4.70 25.84
C LEU B 397 -30.53 3.37 26.21
N GLN B 398 -29.21 3.38 26.40
CA GLN B 398 -28.52 2.19 26.82
C GLN B 398 -27.62 2.61 27.98
N TYR B 399 -27.23 1.65 28.81
CA TYR B 399 -26.42 1.95 29.98
C TYR B 399 -25.19 1.06 30.07
N GLU B 400 -24.06 1.69 30.38
CA GLU B 400 -22.80 0.96 30.53
C GLU B 400 -22.21 1.28 31.91
N ASN B 401 -21.55 0.29 32.51
CA ASN B 401 -20.97 0.42 33.84
C ASN B 401 -19.71 1.27 33.97
N ASP B 402 -19.89 2.53 34.30
CA ASP B 402 -18.77 3.46 34.47
C ASP B 402 -17.92 3.09 35.68
N ASP B 403 -18.55 2.46 36.68
CA ASP B 403 -17.83 2.05 37.89
C ASP B 403 -16.84 0.95 37.55
N LEU B 404 -17.08 0.26 36.45
CA LEU B 404 -16.19 -0.82 36.02
C LEU B 404 -15.09 -0.35 35.06
N MET B 405 -15.50 0.30 33.97
CA MET B 405 -14.56 0.77 32.96
C MET B 405 -13.65 1.91 33.37
N ARG B 406 -14.20 2.93 34.02
CA ARG B 406 -13.41 4.07 34.46
C ARG B 406 -12.17 3.59 35.19
N PRO B 407 -12.35 2.70 36.19
CA PRO B 407 -11.20 2.19 36.96
C PRO B 407 -10.29 1.31 36.10
N ASP B 408 -10.88 0.50 35.24
CA ASP B 408 -10.08 -0.38 34.40
C ASP B 408 -9.13 0.41 33.52
N PHE B 409 -9.60 1.55 33.01
CA PHE B 409 -8.79 2.42 32.17
C PHE B 409 -8.02 3.42 33.04
N ASN B 410 -8.55 3.67 34.23
CA ASN B 410 -7.95 4.66 35.13
C ASN B 410 -7.89 5.94 34.30
N ASN B 411 -9.03 6.24 33.66
CA ASN B 411 -9.16 7.40 32.82
C ASN B 411 -10.64 7.77 32.82
N ASP B 412 -10.95 9.05 32.87
CA ASP B 412 -12.35 9.48 32.87
C ASP B 412 -12.75 10.15 31.57
N ASP B 413 -12.00 9.89 30.51
CA ASP B 413 -12.28 10.46 29.20
C ASP B 413 -12.28 9.37 28.13
N TYR B 414 -12.95 8.26 28.42
CA TYR B 414 -13.04 7.15 27.46
C TYR B 414 -14.45 7.24 26.87
N ALA B 415 -14.61 6.70 25.67
CA ALA B 415 -15.91 6.72 25.03
C ALA B 415 -16.29 5.32 24.58
N ILE B 416 -17.51 5.18 24.09
CA ILE B 416 -18.02 3.90 23.63
C ILE B 416 -18.17 3.89 22.11
N ALA B 417 -17.49 2.96 21.45
CA ALA B 417 -17.59 2.85 20.01
C ALA B 417 -18.61 1.79 19.68
N CYS B 418 -19.51 2.12 18.75
CA CYS B 418 -20.56 1.22 18.31
C CYS B 418 -21.57 0.88 19.41
N CYS B 419 -21.46 -0.32 19.98
CA CYS B 419 -22.38 -0.73 21.02
C CYS B 419 -21.82 -0.77 22.43
N VAL B 420 -20.72 -1.48 22.61
CA VAL B 420 -20.13 -1.64 23.94
C VAL B 420 -18.60 -1.66 23.99
N SER B 421 -17.95 -1.23 22.92
CA SER B 421 -16.49 -1.23 22.84
C SER B 421 -15.86 0.07 23.33
N PRO B 422 -15.27 0.06 24.54
CA PRO B 422 -14.64 1.25 25.14
C PRO B 422 -13.24 1.61 24.63
N MET B 423 -12.94 2.90 24.63
CA MET B 423 -11.65 3.40 24.18
C MET B 423 -11.38 4.81 24.70
N ILE B 424 -10.14 5.09 25.08
CA ILE B 424 -9.79 6.42 25.55
C ILE B 424 -9.73 7.30 24.31
N VAL B 425 -10.58 8.33 24.26
CA VAL B 425 -10.65 9.18 23.08
C VAL B 425 -9.35 9.82 22.61
N GLY B 426 -9.11 9.67 21.31
CA GLY B 426 -7.92 10.22 20.68
C GLY B 426 -6.65 9.42 20.95
N LYS B 427 -6.73 8.40 21.78
CA LYS B 427 -5.55 7.61 22.11
C LYS B 427 -5.68 6.10 21.87
N GLN B 428 -6.85 5.66 21.46
CA GLN B 428 -7.07 4.23 21.25
C GLN B 428 -8.18 3.93 20.24
N MET B 429 -8.02 2.80 19.54
CA MET B 429 -8.99 2.37 18.55
C MET B 429 -9.08 0.84 18.55
N GLN B 430 -9.89 0.30 17.65
CA GLN B 430 -10.03 -1.14 17.57
C GLN B 430 -10.00 -1.61 16.13
N PHE B 431 -9.52 -2.85 15.96
CA PHE B 431 -9.49 -3.50 14.65
C PHE B 431 -10.75 -4.36 14.74
N PHE B 432 -11.87 -3.84 14.24
CA PHE B 432 -13.12 -4.55 14.29
C PHE B 432 -13.11 -5.92 13.62
N GLY B 433 -13.72 -6.89 14.29
CA GLY B 433 -13.86 -8.24 13.76
C GLY B 433 -15.31 -8.52 14.02
N ALA B 434 -16.04 -9.08 13.06
CA ALA B 434 -17.45 -9.32 13.33
C ALA B 434 -17.57 -10.30 14.51
N ARG B 435 -18.19 -11.44 14.30
CA ARG B 435 -18.31 -12.42 15.36
C ARG B 435 -18.28 -13.80 14.77
N ALA B 436 -17.79 -14.76 15.55
CA ALA B 436 -17.73 -16.15 15.10
C ALA B 436 -18.95 -16.91 15.59
N ASN B 437 -19.30 -17.99 14.89
CA ASN B 437 -20.45 -18.81 15.31
C ASN B 437 -19.97 -19.89 16.28
N LEU B 438 -20.00 -19.57 17.57
CA LEU B 438 -19.56 -20.52 18.59
C LEU B 438 -20.42 -21.79 18.59
N ALA B 439 -21.72 -21.61 18.37
CA ALA B 439 -22.65 -22.71 18.36
C ALA B 439 -22.29 -23.74 17.29
N LYS B 440 -22.19 -23.26 16.04
CA LYS B 440 -21.87 -24.15 14.93
C LYS B 440 -20.52 -24.81 15.19
N THR B 441 -19.70 -24.16 16.02
CA THR B 441 -18.41 -24.74 16.33
C THR B 441 -18.56 -26.01 17.16
N MET B 442 -19.62 -26.05 17.98
CA MET B 442 -19.87 -27.20 18.81
C MET B 442 -20.37 -28.35 17.95
N LEU B 443 -21.25 -28.05 17.01
CA LEU B 443 -21.77 -29.07 16.10
C LEU B 443 -20.63 -29.71 15.29
N TYR B 444 -19.68 -28.89 14.85
CA TYR B 444 -18.55 -29.38 14.10
C TYR B 444 -17.75 -30.34 14.96
N ALA B 445 -17.70 -30.05 16.25
CA ALA B 445 -16.97 -30.90 17.19
C ALA B 445 -17.62 -32.28 17.23
N ILE B 446 -18.94 -32.30 17.18
CA ILE B 446 -19.72 -33.53 17.21
C ILE B 446 -19.80 -34.23 15.85
N ASN B 447 -19.59 -33.47 14.77
CA ASN B 447 -19.67 -34.07 13.43
C ASN B 447 -18.32 -34.13 12.70
N GLY B 448 -17.24 -34.10 13.47
CA GLY B 448 -15.92 -34.17 12.86
C GLY B 448 -15.59 -33.14 11.81
N GLY B 449 -15.99 -31.89 12.02
CA GLY B 449 -15.68 -30.82 11.07
C GLY B 449 -16.55 -30.73 9.83
N VAL B 450 -17.38 -31.74 9.58
CA VAL B 450 -18.26 -31.70 8.41
C VAL B 450 -19.45 -30.83 8.76
N ASP B 451 -19.78 -29.90 7.88
CA ASP B 451 -20.90 -29.00 8.15
C ASP B 451 -22.24 -29.72 8.11
N GLU B 452 -22.91 -29.75 9.26
CA GLU B 452 -24.20 -30.42 9.39
C GLU B 452 -25.32 -29.85 8.51
N LYS B 453 -24.96 -29.08 7.47
CA LYS B 453 -26.00 -28.53 6.62
C LYS B 453 -25.58 -28.61 5.16
N LEU B 454 -24.30 -28.37 4.91
CA LEU B 454 -23.77 -28.41 3.56
C LEU B 454 -23.02 -29.71 3.32
N LYS B 455 -22.88 -30.48 4.41
CA LYS B 455 -22.22 -31.78 4.36
C LYS B 455 -20.86 -31.72 3.72
N MET B 456 -20.14 -30.63 3.92
CA MET B 456 -18.81 -30.52 3.34
C MET B 456 -17.79 -30.41 4.46
N GLN B 457 -16.54 -30.77 4.14
CA GLN B 457 -15.49 -30.70 5.16
C GLN B 457 -15.06 -29.25 5.30
N VAL B 458 -15.51 -28.62 6.38
CA VAL B 458 -15.15 -27.25 6.66
C VAL B 458 -14.07 -27.25 7.73
N GLY B 459 -14.38 -27.79 8.89
CA GLY B 459 -13.40 -27.83 9.97
C GLY B 459 -12.34 -28.88 9.71
N PRO B 460 -11.37 -29.06 10.62
CA PRO B 460 -10.34 -30.08 10.35
C PRO B 460 -10.97 -31.47 10.40
N LYS B 461 -10.79 -32.25 9.33
CA LYS B 461 -11.34 -33.61 9.24
C LYS B 461 -10.92 -34.46 10.44
N SER B 462 -11.91 -34.99 11.13
CA SER B 462 -11.69 -35.81 12.32
C SER B 462 -12.86 -36.81 12.45
N GLU B 463 -12.81 -37.65 13.47
CA GLU B 463 -13.86 -38.65 13.71
C GLU B 463 -14.99 -38.09 14.56
N PRO B 464 -16.23 -38.23 14.10
CA PRO B 464 -17.36 -37.73 14.87
C PRO B 464 -17.69 -38.65 16.04
N ILE B 465 -18.23 -38.07 17.12
CA ILE B 465 -18.63 -38.84 18.29
C ILE B 465 -19.50 -40.01 17.82
N LYS B 466 -19.33 -41.18 18.43
CA LYS B 466 -20.12 -42.34 18.02
C LYS B 466 -21.24 -42.63 19.03
N GLY B 467 -21.07 -42.12 20.24
CA GLY B 467 -22.09 -42.36 21.26
C GLY B 467 -23.55 -42.22 20.84
N ASP B 468 -24.40 -43.05 21.44
CA ASP B 468 -25.85 -43.06 21.22
C ASP B 468 -26.45 -41.98 22.13
N VAL B 469 -25.63 -41.54 23.08
CA VAL B 469 -25.98 -40.51 24.05
C VAL B 469 -24.73 -39.67 24.18
N LEU B 470 -24.88 -38.34 24.09
CA LEU B 470 -23.73 -37.46 24.18
C LEU B 470 -23.21 -37.30 25.60
N ASN B 471 -21.90 -37.46 25.74
CA ASN B 471 -21.23 -37.34 27.03
C ASN B 471 -20.41 -36.04 27.07
N TYR B 472 -20.77 -35.15 28.00
CA TYR B 472 -20.10 -33.86 28.19
C TYR B 472 -18.57 -33.85 27.97
N ASP B 473 -17.83 -34.48 28.88
CA ASP B 473 -16.36 -34.54 28.76
C ASP B 473 -15.84 -34.78 27.34
N GLU B 474 -16.42 -35.78 26.67
CA GLU B 474 -16.02 -36.17 25.32
C GLU B 474 -16.34 -35.06 24.30
N VAL B 475 -17.58 -34.59 24.32
CA VAL B 475 -18.02 -33.52 23.44
C VAL B 475 -17.09 -32.32 23.61
N MET B 476 -16.99 -31.82 24.86
CA MET B 476 -16.15 -30.67 25.18
C MET B 476 -14.73 -30.83 24.62
N GLU B 477 -14.05 -31.89 25.02
CA GLU B 477 -12.68 -32.14 24.56
C GLU B 477 -12.63 -31.69 23.11
N ARG B 478 -13.50 -32.27 22.29
CA ARG B 478 -13.55 -31.93 20.88
C ARG B 478 -13.75 -30.42 20.73
N MET B 479 -14.85 -29.92 21.30
CA MET B 479 -15.18 -28.50 21.26
C MET B 479 -13.90 -27.69 21.46
N ASP B 480 -13.14 -28.05 22.48
CA ASP B 480 -11.89 -27.35 22.77
C ASP B 480 -10.99 -27.37 21.52
N HIS B 481 -10.71 -28.57 21.03
CA HIS B 481 -9.85 -28.72 19.85
C HIS B 481 -10.37 -27.87 18.68
N PHE B 482 -11.69 -27.82 18.51
CA PHE B 482 -12.27 -27.04 17.43
C PHE B 482 -12.18 -25.55 17.70
N MET B 483 -12.30 -25.15 18.96
CA MET B 483 -12.21 -23.73 19.29
C MET B 483 -10.81 -23.25 18.90
N ASP B 484 -9.80 -24.12 19.03
CA ASP B 484 -8.44 -23.75 18.70
C ASP B 484 -8.36 -23.42 17.22
N TRP B 485 -9.02 -24.26 16.42
CA TRP B 485 -9.06 -24.10 14.99
C TRP B 485 -9.79 -22.82 14.61
N LEU B 486 -10.91 -22.56 15.27
CA LEU B 486 -11.71 -21.36 15.01
C LEU B 486 -10.84 -20.13 15.26
N ALA B 487 -10.18 -20.13 16.42
CA ALA B 487 -9.33 -19.02 16.80
C ALA B 487 -8.22 -18.74 15.80
N LYS B 488 -7.66 -19.79 15.21
CA LYS B 488 -6.58 -19.59 14.24
C LYS B 488 -7.12 -19.04 12.93
N GLN B 489 -8.25 -19.54 12.49
CA GLN B 489 -8.84 -19.06 11.24
C GLN B 489 -9.32 -17.63 11.41
N TYR B 490 -9.94 -17.34 12.56
CA TYR B 490 -10.47 -16.02 12.84
C TYR B 490 -9.37 -14.95 12.89
N ILE B 491 -8.33 -15.21 13.66
CA ILE B 491 -7.24 -14.25 13.76
C ILE B 491 -6.58 -14.06 12.41
N THR B 492 -6.42 -15.16 11.69
CA THR B 492 -5.81 -15.11 10.38
C THR B 492 -6.61 -14.22 9.41
N ALA B 493 -7.93 -14.36 9.43
CA ALA B 493 -8.76 -13.55 8.56
C ALA B 493 -8.66 -12.07 8.91
N LEU B 494 -8.70 -11.77 10.20
CA LEU B 494 -8.60 -10.38 10.65
C LEU B 494 -7.22 -9.79 10.34
N ASN B 495 -6.17 -10.61 10.47
CA ASN B 495 -4.82 -10.11 10.21
C ASN B 495 -4.74 -9.61 8.78
N ILE B 496 -5.21 -10.41 7.82
CA ILE B 496 -5.14 -9.97 6.44
C ILE B 496 -6.08 -8.78 6.21
N ILE B 497 -7.24 -8.82 6.85
CA ILE B 497 -8.24 -7.76 6.70
C ILE B 497 -7.75 -6.38 7.10
N HIS B 498 -7.16 -6.28 8.28
CA HIS B 498 -6.70 -5.00 8.76
C HIS B 498 -5.40 -4.56 8.14
N TYR B 499 -4.74 -5.50 7.49
CA TYR B 499 -3.50 -5.19 6.80
C TYR B 499 -3.95 -4.44 5.54
N MET B 500 -4.95 -4.98 4.87
CA MET B 500 -5.47 -4.39 3.64
C MET B 500 -6.21 -3.08 3.87
N HIS B 501 -6.90 -2.96 5.01
CA HIS B 501 -7.63 -1.74 5.30
C HIS B 501 -6.67 -0.59 5.55
N ASP B 502 -5.56 -0.87 6.23
CA ASP B 502 -4.55 0.15 6.48
C ASP B 502 -3.98 0.58 5.13
N LYS B 503 -3.87 -0.38 4.22
CA LYS B 503 -3.32 -0.11 2.91
C LYS B 503 -4.25 0.61 1.93
N TYR B 504 -5.47 0.13 1.80
CA TYR B 504 -6.36 0.74 0.84
C TYR B 504 -7.49 1.66 1.34
N SER B 505 -7.68 1.76 2.65
CA SER B 505 -8.73 2.63 3.14
C SER B 505 -8.39 3.23 4.50
N TYR B 506 -7.15 3.68 4.65
CA TYR B 506 -6.70 4.30 5.88
C TYR B 506 -7.59 5.51 6.19
N GLU B 507 -8.18 5.51 7.37
CA GLU B 507 -9.07 6.58 7.76
C GLU B 507 -8.31 7.83 8.22
N ALA B 508 -7.71 8.51 7.25
CA ALA B 508 -6.90 9.71 7.48
C ALA B 508 -7.54 10.80 8.31
N SER B 509 -8.77 11.20 7.96
CA SER B 509 -9.43 12.28 8.68
C SER B 509 -9.72 11.96 10.14
N LEU B 510 -9.93 10.69 10.47
CA LEU B 510 -10.21 10.32 11.86
C LEU B 510 -8.92 10.17 12.66
N MET B 511 -7.91 9.57 12.03
CA MET B 511 -6.64 9.37 12.71
C MET B 511 -5.94 10.69 12.93
N ALA B 512 -6.29 11.69 12.12
CA ALA B 512 -5.70 13.02 12.26
C ALA B 512 -6.07 13.62 13.61
N LEU B 513 -7.16 13.11 14.19
CA LEU B 513 -7.65 13.60 15.47
C LEU B 513 -7.27 12.67 16.61
N HIS B 514 -6.17 11.94 16.44
CA HIS B 514 -5.64 11.04 17.47
C HIS B 514 -4.18 11.45 17.72
N ASP B 515 -3.59 10.91 18.78
CA ASP B 515 -2.19 11.17 19.10
C ASP B 515 -1.36 10.51 18.00
N ARG B 516 -0.05 10.70 18.05
CA ARG B 516 0.84 10.11 17.06
C ARG B 516 0.78 8.58 17.13
N ASP B 517 0.84 8.04 18.33
CA ASP B 517 0.82 6.61 18.51
C ASP B 517 -0.52 6.24 19.11
N VAL B 518 -1.20 5.28 18.50
CA VAL B 518 -2.51 4.89 18.98
C VAL B 518 -2.59 3.44 19.39
N ILE B 519 -3.20 3.18 20.56
CA ILE B 519 -3.37 1.81 21.04
C ILE B 519 -4.41 1.10 20.19
N ARG B 520 -4.08 -0.12 19.81
CA ARG B 520 -4.95 -0.92 18.96
C ARG B 520 -5.26 -2.30 19.53
N THR B 521 -6.53 -2.68 19.48
CA THR B 521 -6.95 -4.00 19.94
C THR B 521 -7.53 -4.76 18.77
N MET B 522 -7.40 -6.08 18.81
CA MET B 522 -7.92 -6.98 17.78
C MET B 522 -9.20 -7.57 18.38
N ALA B 523 -10.31 -6.86 18.20
CA ALA B 523 -11.61 -7.26 18.75
C ALA B 523 -12.32 -8.38 18.01
N CYS B 524 -12.46 -9.51 18.69
CA CYS B 524 -13.14 -10.67 18.12
C CYS B 524 -14.46 -10.90 18.84
N GLY B 525 -15.49 -11.26 18.08
CA GLY B 525 -16.77 -11.49 18.72
C GLY B 525 -17.23 -12.93 18.67
N ILE B 526 -17.94 -13.34 19.72
CA ILE B 526 -18.50 -14.67 19.83
C ILE B 526 -20.01 -14.56 19.77
N ALA B 527 -20.63 -15.35 18.90
CA ALA B 527 -22.07 -15.32 18.76
C ALA B 527 -22.66 -16.60 19.35
N GLY B 528 -23.97 -16.57 19.62
CA GLY B 528 -24.63 -17.74 20.18
C GLY B 528 -24.03 -18.30 21.46
N LEU B 529 -23.61 -17.45 22.38
CA LEU B 529 -23.04 -17.94 23.63
C LEU B 529 -24.06 -18.77 24.39
N SER B 530 -25.29 -18.24 24.51
CA SER B 530 -26.36 -18.92 25.24
C SER B 530 -26.81 -20.23 24.62
N VAL B 531 -26.77 -20.35 23.29
CA VAL B 531 -27.20 -21.61 22.72
C VAL B 531 -26.10 -22.63 22.94
N ALA B 532 -24.86 -22.12 23.02
CA ALA B 532 -23.73 -23.00 23.25
C ALA B 532 -23.71 -23.47 24.69
N ALA B 533 -23.91 -22.55 25.62
CA ALA B 533 -23.88 -22.89 27.04
C ALA B 533 -25.01 -23.85 27.42
N ASP B 534 -26.23 -23.56 26.98
CA ASP B 534 -27.37 -24.40 27.28
C ASP B 534 -27.12 -25.79 26.69
N SER B 535 -26.74 -25.84 25.42
CA SER B 535 -26.48 -27.11 24.76
C SER B 535 -25.62 -28.00 25.62
N LEU B 536 -24.61 -27.41 26.26
CA LEU B 536 -23.73 -28.18 27.12
C LEU B 536 -24.50 -28.65 28.36
N SER B 537 -25.37 -27.80 28.88
CA SER B 537 -26.16 -28.16 30.06
C SER B 537 -26.97 -29.44 29.75
N ALA B 538 -27.69 -29.44 28.62
CA ALA B 538 -28.48 -30.58 28.20
C ALA B 538 -27.63 -31.86 28.24
N ILE B 539 -26.52 -31.85 27.50
CA ILE B 539 -25.63 -33.00 27.44
C ILE B 539 -25.09 -33.42 28.81
N LYS B 540 -25.09 -32.48 29.77
CA LYS B 540 -24.55 -32.74 31.08
C LYS B 540 -25.57 -32.92 32.21
N TYR B 541 -26.83 -32.61 31.95
CA TYR B 541 -27.86 -32.74 33.00
C TYR B 541 -29.13 -33.39 32.47
N ALA B 542 -29.00 -34.04 31.32
CA ALA B 542 -30.13 -34.71 30.68
C ALA B 542 -29.60 -35.80 29.76
N LYS B 543 -30.42 -36.21 28.81
CA LYS B 543 -30.06 -37.25 27.85
C LYS B 543 -30.23 -36.76 26.43
N VAL B 544 -29.11 -36.54 25.74
CA VAL B 544 -29.18 -36.05 24.38
C VAL B 544 -28.94 -37.21 23.44
N LYS B 545 -29.96 -37.51 22.62
CA LYS B 545 -29.87 -38.59 21.65
C LYS B 545 -29.65 -37.99 20.27
N PRO B 546 -28.44 -38.22 19.69
CA PRO B 546 -28.04 -37.72 18.36
C PRO B 546 -28.72 -38.40 17.15
N ILE B 547 -29.83 -37.81 16.68
CA ILE B 547 -30.55 -38.34 15.51
C ILE B 547 -29.75 -38.17 14.22
N ARG B 548 -28.90 -39.14 13.89
CA ARG B 548 -28.03 -39.11 12.69
C ARG B 548 -28.68 -39.45 11.34
N ASP B 549 -27.87 -39.42 10.29
CA ASP B 549 -28.37 -39.73 8.95
C ASP B 549 -27.51 -40.81 8.30
N GLU B 550 -27.82 -41.15 7.05
CA GLU B 550 -27.10 -42.20 6.34
C GLU B 550 -25.59 -42.04 6.20
N ASP B 551 -24.99 -41.12 6.95
CA ASP B 551 -23.53 -40.96 6.89
C ASP B 551 -23.00 -40.86 8.31
N GLY B 552 -23.94 -40.82 9.27
CA GLY B 552 -23.55 -40.73 10.67
C GLY B 552 -23.58 -39.29 11.13
N LEU B 553 -23.82 -38.40 10.17
CA LEU B 553 -23.86 -36.97 10.43
C LEU B 553 -25.04 -36.59 11.32
N ALA B 554 -24.76 -36.20 12.56
CA ALA B 554 -25.76 -35.81 13.54
C ALA B 554 -26.57 -34.59 13.06
N ILE B 555 -27.79 -34.81 12.58
CA ILE B 555 -28.64 -33.73 12.09
C ILE B 555 -29.77 -33.37 13.06
N ASP B 556 -29.69 -33.89 14.28
CA ASP B 556 -30.72 -33.61 15.29
C ASP B 556 -30.40 -34.29 16.62
N PHE B 557 -31.12 -33.91 17.67
CA PHE B 557 -30.90 -34.49 19.00
C PHE B 557 -32.21 -34.62 19.81
N GLU B 558 -32.37 -35.78 20.48
CA GLU B 558 -33.55 -36.00 21.32
C GLU B 558 -33.10 -35.66 22.73
N ILE B 559 -33.96 -34.99 23.48
CA ILE B 559 -33.61 -34.60 24.84
C ILE B 559 -34.51 -35.25 25.88
N GLU B 560 -33.88 -35.90 26.86
CA GLU B 560 -34.61 -36.59 27.93
C GLU B 560 -34.26 -35.95 29.28
N GLY B 561 -35.26 -35.35 29.93
CA GLY B 561 -35.04 -34.71 31.22
C GLY B 561 -34.89 -33.20 31.07
N GLU B 562 -35.23 -32.46 32.13
CA GLU B 562 -35.09 -31.01 32.06
C GLU B 562 -33.60 -30.76 32.24
N TYR B 563 -33.17 -29.52 32.02
CA TYR B 563 -31.76 -29.14 32.19
C TYR B 563 -31.61 -27.61 32.39
N PRO B 564 -30.58 -27.20 33.14
CA PRO B 564 -30.29 -25.79 33.44
C PRO B 564 -30.12 -24.91 32.19
N GLN B 565 -30.81 -23.77 32.19
CA GLN B 565 -30.76 -22.82 31.08
C GLN B 565 -30.21 -21.46 31.54
N PHE B 566 -29.40 -20.85 30.68
CA PHE B 566 -28.77 -19.57 31.00
C PHE B 566 -29.76 -18.43 31.20
N GLY B 567 -29.58 -17.67 32.27
CA GLY B 567 -30.46 -16.53 32.54
C GLY B 567 -31.47 -16.75 33.65
N ASN B 568 -31.27 -17.78 34.46
CA ASN B 568 -32.20 -18.03 35.55
C ASN B 568 -31.42 -18.17 36.85
N ASN B 569 -30.20 -17.61 36.84
CA ASN B 569 -29.30 -17.62 37.99
C ASN B 569 -28.98 -19.03 38.45
N ASP B 570 -28.85 -19.96 37.52
CA ASP B 570 -28.50 -21.33 37.88
C ASP B 570 -27.03 -21.55 37.52
N PRO B 571 -26.15 -21.51 38.54
CA PRO B 571 -24.69 -21.71 38.37
C PRO B 571 -24.29 -22.93 37.53
N ARG B 572 -25.20 -23.88 37.31
CA ARG B 572 -24.81 -25.03 36.50
C ARG B 572 -24.81 -24.72 35.00
N VAL B 573 -25.69 -23.81 34.58
CA VAL B 573 -25.76 -23.38 33.18
C VAL B 573 -24.95 -22.09 33.04
N ASP B 574 -25.01 -21.26 34.08
CA ASP B 574 -24.28 -19.99 34.10
C ASP B 574 -22.76 -20.22 34.14
N ASP B 575 -22.30 -21.20 34.90
CA ASP B 575 -20.87 -21.46 34.99
C ASP B 575 -20.27 -22.01 33.71
N LEU B 576 -21.12 -22.52 32.82
CA LEU B 576 -20.64 -23.06 31.55
C LEU B 576 -20.32 -21.85 30.66
N ALA B 577 -21.28 -20.92 30.61
CA ALA B 577 -21.16 -19.70 29.83
C ALA B 577 -19.86 -18.96 30.18
N VAL B 578 -19.73 -18.61 31.46
CA VAL B 578 -18.54 -17.93 31.97
C VAL B 578 -17.27 -18.66 31.53
N ASP B 579 -17.32 -19.99 31.53
CA ASP B 579 -16.18 -20.81 31.14
C ASP B 579 -15.88 -20.68 29.65
N LEU B 580 -16.92 -20.69 28.82
CA LEU B 580 -16.72 -20.55 27.37
C LEU B 580 -15.99 -19.24 27.08
N VAL B 581 -16.55 -18.14 27.58
CA VAL B 581 -15.94 -16.83 27.39
C VAL B 581 -14.47 -16.90 27.71
N GLU B 582 -14.14 -17.56 28.81
CA GLU B 582 -12.74 -17.69 29.22
C GLU B 582 -11.90 -18.47 28.23
N ARG B 583 -12.38 -19.64 27.83
CA ARG B 583 -11.58 -20.47 26.91
C ARG B 583 -11.18 -19.76 25.62
N PHE B 584 -12.17 -19.23 24.92
CA PHE B 584 -11.90 -18.58 23.66
C PHE B 584 -10.90 -17.45 23.83
N MET B 585 -11.08 -16.62 24.86
CA MET B 585 -10.16 -15.51 25.09
C MET B 585 -8.72 -15.98 25.26
N LYS B 586 -8.52 -17.00 26.08
CA LYS B 586 -7.19 -17.53 26.33
C LYS B 586 -6.59 -18.14 25.07
N LYS B 587 -7.44 -18.42 24.07
CA LYS B 587 -6.93 -18.99 22.83
C LYS B 587 -6.49 -17.92 21.83
N ILE B 588 -7.40 -17.03 21.43
CA ILE B 588 -7.04 -15.97 20.49
C ILE B 588 -5.91 -15.15 21.07
N GLN B 589 -5.74 -15.24 22.39
CA GLN B 589 -4.72 -14.50 23.11
C GLN B 589 -3.27 -14.95 22.84
N LYS B 590 -3.11 -16.15 22.31
CA LYS B 590 -1.77 -16.68 22.03
C LYS B 590 -1.31 -16.49 20.57
N LEU B 591 -2.15 -15.89 19.74
CA LEU B 591 -1.81 -15.72 18.33
C LEU B 591 -1.17 -14.38 17.97
N HIS B 592 -0.26 -14.41 16.99
CA HIS B 592 0.38 -13.18 16.53
C HIS B 592 -0.64 -12.38 15.74
N THR B 593 -0.64 -11.07 15.93
CA THR B 593 -1.60 -10.20 15.24
C THR B 593 -0.94 -9.06 14.46
N TYR B 594 -1.61 -8.62 13.40
CA TYR B 594 -1.13 -7.52 12.58
C TYR B 594 -0.94 -6.26 13.41
N ARG B 595 0.18 -5.59 13.18
CA ARG B 595 0.56 -4.36 13.88
C ARG B 595 0.48 -4.51 15.40
N ASP B 596 0.59 -5.75 15.85
CA ASP B 596 0.53 -6.05 17.28
C ASP B 596 -0.72 -5.57 17.99
N ALA B 597 -1.85 -5.74 17.34
CA ALA B 597 -3.11 -5.34 17.95
C ALA B 597 -3.34 -6.33 19.10
N ILE B 598 -3.66 -5.81 20.28
CA ILE B 598 -3.88 -6.67 21.43
C ILE B 598 -5.24 -7.37 21.29
N PRO B 599 -5.23 -8.70 21.14
CA PRO B 599 -6.48 -9.44 20.99
C PRO B 599 -7.45 -9.17 22.14
N THR B 600 -8.69 -8.93 21.77
CA THR B 600 -9.75 -8.63 22.73
C THR B 600 -10.99 -9.41 22.32
N GLN B 601 -11.95 -9.53 23.23
CA GLN B 601 -13.16 -10.27 22.92
C GLN B 601 -14.42 -9.52 23.31
N SER B 602 -15.51 -9.85 22.64
CA SER B 602 -16.81 -9.24 22.94
C SER B 602 -17.92 -10.26 22.66
N VAL B 603 -18.96 -10.20 23.48
CA VAL B 603 -20.12 -11.06 23.32
C VAL B 603 -21.16 -10.13 22.71
N LEU B 604 -21.00 -9.88 21.42
CA LEU B 604 -21.87 -8.97 20.67
C LEU B 604 -22.23 -9.67 19.36
N THR B 605 -23.41 -9.42 18.81
CA THR B 605 -23.82 -10.09 17.58
C THR B 605 -24.47 -9.20 16.53
N ILE B 606 -25.16 -8.16 16.99
CA ILE B 606 -25.90 -7.29 16.08
C ILE B 606 -26.90 -8.27 15.46
N THR B 607 -27.26 -8.10 14.20
CA THR B 607 -28.22 -9.02 13.60
C THR B 607 -27.61 -10.36 13.17
N SER B 608 -26.36 -10.62 13.57
CA SER B 608 -25.71 -11.89 13.25
C SER B 608 -26.38 -13.04 13.97
N ASN B 609 -27.19 -12.72 14.97
CA ASN B 609 -27.90 -13.74 15.72
C ASN B 609 -28.96 -14.34 14.77
N VAL B 610 -29.40 -13.56 13.80
CA VAL B 610 -30.38 -14.04 12.85
C VAL B 610 -29.68 -14.76 11.69
N VAL B 611 -28.66 -14.12 11.12
CA VAL B 611 -27.96 -14.74 9.99
C VAL B 611 -27.28 -16.05 10.34
N TYR B 612 -26.64 -16.12 11.50
CA TYR B 612 -25.97 -17.35 11.91
C TYR B 612 -27.02 -18.38 12.30
N GLY B 613 -28.12 -17.91 12.87
CA GLY B 613 -29.17 -18.81 13.29
C GLY B 613 -29.74 -19.62 12.14
N LYS B 614 -30.11 -18.95 11.05
CA LYS B 614 -30.67 -19.68 9.91
C LYS B 614 -29.66 -20.53 9.17
N LYS B 615 -28.39 -20.39 9.50
CA LYS B 615 -27.36 -21.18 8.84
C LYS B 615 -26.84 -22.27 9.75
N THR B 616 -27.49 -22.44 10.90
CA THR B 616 -27.10 -23.45 11.86
C THR B 616 -28.24 -24.44 12.10
N GLY B 617 -27.92 -25.73 12.01
CA GLY B 617 -28.92 -26.78 12.19
C GLY B 617 -29.33 -27.00 13.62
N ASN B 618 -30.22 -27.97 13.85
CA ASN B 618 -30.68 -28.29 15.19
C ASN B 618 -29.51 -28.42 16.15
N THR B 619 -29.66 -27.91 17.36
CA THR B 619 -28.59 -28.00 18.35
C THR B 619 -29.01 -28.76 19.61
N PRO B 620 -28.04 -29.33 20.34
CA PRO B 620 -28.28 -30.09 21.58
C PRO B 620 -29.19 -29.42 22.61
N ASP B 621 -29.07 -28.09 22.72
CA ASP B 621 -29.90 -27.36 23.68
C ASP B 621 -31.39 -27.49 23.36
N GLY B 622 -31.71 -27.87 22.12
CA GLY B 622 -33.11 -27.99 21.75
C GLY B 622 -33.57 -26.99 20.69
N ARG B 623 -32.78 -25.94 20.44
CA ARG B 623 -33.12 -24.93 19.43
C ARG B 623 -33.25 -25.61 18.06
N ARG B 624 -34.32 -25.32 17.33
CA ARG B 624 -34.48 -25.93 16.01
C ARG B 624 -33.62 -25.24 14.97
N ALA B 625 -33.39 -25.92 13.85
CA ALA B 625 -32.57 -25.38 12.77
C ALA B 625 -33.17 -24.12 12.16
N GLY B 626 -32.31 -23.14 11.89
CA GLY B 626 -32.76 -21.89 11.28
C GLY B 626 -33.27 -20.87 12.29
N ALA B 627 -33.35 -21.26 13.55
CA ALA B 627 -33.84 -20.38 14.60
C ALA B 627 -32.77 -19.40 15.00
N PRO B 628 -33.15 -18.13 15.22
CA PRO B 628 -32.20 -17.09 15.59
C PRO B 628 -31.56 -17.38 16.94
N PHE B 629 -30.31 -16.97 17.11
CA PHE B 629 -29.65 -17.16 18.40
C PHE B 629 -30.16 -15.96 19.20
N GLY B 630 -29.65 -15.83 20.42
CA GLY B 630 -30.04 -14.70 21.24
C GLY B 630 -29.17 -13.49 20.92
N PRO B 631 -29.73 -12.29 21.00
CA PRO B 631 -28.88 -11.13 20.69
C PRO B 631 -27.76 -11.02 21.71
N GLY B 632 -26.54 -10.80 21.23
CA GLY B 632 -25.40 -10.67 22.11
C GLY B 632 -25.24 -11.78 23.13
N ALA B 633 -25.24 -11.42 24.40
CA ALA B 633 -25.08 -12.38 25.49
C ALA B 633 -26.41 -12.76 26.13
N ASN B 634 -27.51 -12.41 25.46
CA ASN B 634 -28.84 -12.71 25.97
C ASN B 634 -29.20 -14.19 26.02
N PRO B 635 -30.01 -14.58 27.01
CA PRO B 635 -30.42 -15.98 27.12
C PRO B 635 -31.21 -16.23 25.84
N MET B 636 -31.33 -17.49 25.42
CA MET B 636 -32.09 -17.79 24.22
C MET B 636 -33.53 -17.35 24.45
N HIS B 637 -34.19 -16.85 23.41
CA HIS B 637 -35.57 -16.38 23.51
C HIS B 637 -36.45 -17.10 24.52
N GLY B 638 -37.03 -16.32 25.44
CA GLY B 638 -37.93 -16.85 26.45
C GLY B 638 -37.43 -17.81 27.52
N ARG B 639 -36.15 -18.18 27.53
CA ARG B 639 -35.65 -19.14 28.52
C ARG B 639 -35.38 -18.55 29.91
N ASP B 640 -35.25 -17.23 30.01
CA ASP B 640 -35.01 -16.60 31.31
C ASP B 640 -36.38 -16.31 31.92
N GLN B 641 -36.82 -17.19 32.81
CA GLN B 641 -38.16 -17.05 33.41
C GLN B 641 -38.27 -16.71 34.89
N LYS B 642 -37.15 -16.49 35.57
CA LYS B 642 -37.20 -16.16 37.00
C LYS B 642 -37.25 -14.64 37.26
N GLY B 643 -37.77 -13.89 36.29
CA GLY B 643 -37.84 -12.46 36.45
C GLY B 643 -36.54 -11.73 36.13
N ALA B 644 -36.56 -10.41 36.29
CA ALA B 644 -35.42 -9.55 36.01
C ALA B 644 -34.18 -9.86 36.84
N VAL B 645 -34.25 -9.60 38.15
CA VAL B 645 -33.11 -9.82 39.03
C VAL B 645 -32.30 -11.07 38.70
N ALA B 646 -32.99 -12.13 38.31
CA ALA B 646 -32.34 -13.39 37.98
C ALA B 646 -31.52 -13.23 36.68
N SER B 647 -32.22 -12.97 35.58
CA SER B 647 -31.56 -12.80 34.28
C SER B 647 -30.41 -11.78 34.33
N LEU B 648 -30.60 -10.67 35.06
CA LEU B 648 -29.56 -9.66 35.19
C LEU B 648 -28.35 -10.24 35.90
N THR B 649 -28.60 -11.03 36.95
CA THR B 649 -27.52 -11.63 37.73
C THR B 649 -26.73 -12.63 36.90
N SER B 650 -27.41 -13.39 36.05
CA SER B 650 -26.74 -14.36 35.20
C SER B 650 -25.76 -13.64 34.26
N VAL B 651 -26.28 -12.65 33.54
CA VAL B 651 -25.47 -11.88 32.60
C VAL B 651 -24.32 -11.14 33.27
N ALA B 652 -24.60 -10.50 34.39
CA ALA B 652 -23.56 -9.75 35.11
C ALA B 652 -22.38 -10.65 35.47
N LYS B 653 -22.66 -11.95 35.62
CA LYS B 653 -21.63 -12.94 35.97
C LYS B 653 -20.65 -13.13 34.81
N LEU B 654 -21.07 -12.79 33.59
CA LEU B 654 -20.18 -12.92 32.45
C LEU B 654 -18.98 -12.01 32.73
N PRO B 655 -17.76 -12.55 32.62
CA PRO B 655 -16.46 -11.89 32.85
C PRO B 655 -15.96 -10.84 31.85
N PHE B 656 -16.18 -9.56 32.17
CA PHE B 656 -15.73 -8.47 31.33
C PHE B 656 -14.19 -8.53 31.23
N ALA B 657 -13.57 -9.19 32.19
CA ALA B 657 -12.12 -9.33 32.22
C ALA B 657 -11.62 -10.20 31.08
N TYR B 658 -12.55 -10.87 30.40
CA TYR B 658 -12.19 -11.75 29.29
C TYR B 658 -12.96 -11.35 28.05
N ALA B 659 -13.76 -10.30 28.19
CA ALA B 659 -14.54 -9.77 27.09
C ALA B 659 -14.39 -8.25 27.11
N LYS B 660 -13.14 -7.79 27.08
CA LYS B 660 -12.81 -6.38 27.12
C LYS B 660 -13.47 -5.53 26.02
N ASP B 661 -13.98 -6.18 24.96
CA ASP B 661 -14.62 -5.47 23.88
C ASP B 661 -16.12 -5.29 24.12
N GLY B 662 -16.58 -5.70 25.29
CA GLY B 662 -17.99 -5.54 25.62
C GLY B 662 -18.85 -6.79 25.68
N ILE B 663 -19.92 -6.70 26.47
CA ILE B 663 -20.87 -7.79 26.67
C ILE B 663 -22.26 -7.16 26.58
N SER B 664 -22.89 -7.35 25.43
CA SER B 664 -24.21 -6.79 25.14
C SER B 664 -25.38 -7.57 25.73
N TYR B 665 -26.37 -6.85 26.25
CA TYR B 665 -27.55 -7.46 26.84
C TYR B 665 -28.84 -6.65 26.66
N THR B 666 -29.74 -7.17 25.83
CA THR B 666 -31.00 -6.49 25.59
C THR B 666 -32.04 -6.92 26.65
N PHE B 667 -32.40 -5.97 27.50
CA PHE B 667 -33.37 -6.20 28.55
C PHE B 667 -34.67 -5.45 28.26
N SER B 668 -35.75 -6.19 28.09
CA SER B 668 -37.04 -5.59 27.81
C SER B 668 -37.99 -5.97 28.94
N ILE B 669 -38.70 -4.98 29.47
CA ILE B 669 -39.62 -5.21 30.57
C ILE B 669 -40.93 -4.48 30.39
N VAL B 670 -42.00 -5.13 30.84
CA VAL B 670 -43.34 -4.59 30.76
C VAL B 670 -43.51 -3.45 31.78
N PRO B 671 -44.24 -2.39 31.39
CA PRO B 671 -44.48 -1.25 32.27
C PRO B 671 -44.88 -1.62 33.71
N ASN B 672 -45.98 -2.35 33.85
CA ASN B 672 -46.43 -2.72 35.19
C ASN B 672 -45.43 -3.56 35.98
N ALA B 673 -44.50 -4.21 35.29
CA ALA B 673 -43.50 -5.01 36.01
C ALA B 673 -42.63 -4.09 36.85
N LEU B 674 -42.52 -2.82 36.44
CA LEU B 674 -41.68 -1.84 37.13
C LEU B 674 -42.39 -1.03 38.22
N GLY B 675 -43.73 -0.98 38.18
CA GLY B 675 -44.47 -0.22 39.17
C GLY B 675 -45.82 0.25 38.65
N LYS B 676 -46.67 0.73 39.56
CA LYS B 676 -48.00 1.18 39.21
C LYS B 676 -48.07 2.57 38.60
N ASP B 677 -47.05 3.39 38.87
CA ASP B 677 -46.96 4.76 38.34
C ASP B 677 -45.50 5.05 37.98
N ASP B 678 -45.26 6.08 37.18
CA ASP B 678 -43.89 6.40 36.76
C ASP B 678 -42.90 6.63 37.91
N GLU B 679 -43.32 7.33 38.96
CA GLU B 679 -42.42 7.58 40.10
C GLU B 679 -41.82 6.28 40.64
N VAL B 680 -42.67 5.25 40.75
CA VAL B 680 -42.22 3.96 41.26
C VAL B 680 -41.33 3.33 40.18
N ARG B 681 -41.79 3.39 38.93
CA ARG B 681 -41.02 2.82 37.83
C ARG B 681 -39.62 3.44 37.77
N LYS B 682 -39.57 4.77 37.77
CA LYS B 682 -38.29 5.48 37.71
C LYS B 682 -37.36 5.00 38.80
N THR B 683 -37.90 4.93 40.01
CA THR B 683 -37.11 4.52 41.14
C THR B 683 -36.70 3.05 41.05
N ASN B 684 -37.61 2.19 40.63
CA ASN B 684 -37.30 0.77 40.51
C ASN B 684 -36.30 0.47 39.40
N LEU B 685 -36.47 1.14 38.27
CA LEU B 685 -35.57 0.95 37.13
C LEU B 685 -34.17 1.31 37.61
N ALA B 686 -34.03 2.50 38.19
CA ALA B 686 -32.74 2.94 38.70
C ALA B 686 -32.17 1.89 39.68
N GLY B 687 -33.01 1.43 40.62
CA GLY B 687 -32.59 0.43 41.59
C GLY B 687 -32.05 -0.83 40.93
N LEU B 688 -32.78 -1.31 39.92
CA LEU B 688 -32.38 -2.51 39.18
C LEU B 688 -30.96 -2.36 38.62
N MET B 689 -30.71 -1.22 38.00
CA MET B 689 -29.42 -0.94 37.39
C MET B 689 -28.29 -0.81 38.41
N ASP B 690 -28.57 -0.16 39.55
CA ASP B 690 -27.55 -0.03 40.58
C ASP B 690 -27.10 -1.42 41.03
N GLY B 691 -28.06 -2.35 41.09
CA GLY B 691 -27.74 -3.70 41.49
C GLY B 691 -26.92 -4.38 40.40
N TYR B 692 -27.44 -4.32 39.18
CA TYR B 692 -26.79 -4.93 38.02
C TYR B 692 -25.38 -4.41 37.82
N PHE B 693 -25.21 -3.09 37.94
CA PHE B 693 -23.88 -2.51 37.75
C PHE B 693 -23.01 -2.53 39.01
N HIS B 694 -23.61 -2.87 40.16
CA HIS B 694 -22.87 -2.87 41.42
C HIS B 694 -21.46 -3.42 41.25
N HIS B 695 -20.46 -2.56 41.41
CA HIS B 695 -19.07 -3.00 41.26
C HIS B 695 -18.31 -3.01 42.58
N GLU B 696 -17.76 -4.17 42.90
CA GLU B 696 -17.01 -4.36 44.13
C GLU B 696 -15.75 -5.15 43.82
N ALA B 697 -14.79 -5.14 44.75
CA ALA B 697 -13.53 -5.85 44.55
C ALA B 697 -13.72 -7.34 44.20
N SER B 698 -14.78 -7.95 44.72
CA SER B 698 -15.07 -9.37 44.48
C SER B 698 -16.36 -9.57 43.67
N ILE B 699 -16.81 -8.49 43.04
CA ILE B 699 -18.03 -8.53 42.22
C ILE B 699 -17.82 -7.61 41.02
N GLU B 700 -17.30 -8.17 39.94
CA GLU B 700 -17.04 -7.41 38.73
C GLU B 700 -18.27 -6.59 38.34
N GLY B 701 -19.41 -7.25 38.17
CA GLY B 701 -20.63 -6.55 37.79
C GLY B 701 -20.94 -6.57 36.30
N GLY B 702 -22.11 -6.08 35.94
CA GLY B 702 -22.48 -6.03 34.53
C GLY B 702 -21.76 -4.92 33.80
N GLN B 703 -21.68 -5.02 32.47
CA GLN B 703 -21.00 -4.02 31.65
C GLN B 703 -21.97 -3.17 30.84
N HIS B 704 -23.00 -3.81 30.28
CA HIS B 704 -23.97 -3.09 29.47
C HIS B 704 -25.42 -3.52 29.68
N LEU B 705 -26.35 -2.64 29.31
CA LEU B 705 -27.76 -2.94 29.45
C LEU B 705 -28.65 -2.07 28.57
N ASN B 706 -29.36 -2.68 27.63
CA ASN B 706 -30.30 -1.96 26.79
C ASN B 706 -31.60 -1.94 27.59
N VAL B 707 -32.33 -0.83 27.57
CA VAL B 707 -33.58 -0.80 28.33
C VAL B 707 -34.83 -0.55 27.53
N ASN B 708 -35.62 -1.60 27.39
CA ASN B 708 -36.89 -1.51 26.69
C ASN B 708 -38.03 -1.68 27.70
N VAL B 709 -38.93 -0.71 27.73
CA VAL B 709 -40.08 -0.73 28.63
C VAL B 709 -41.30 -0.69 27.71
N MET B 710 -41.87 -1.86 27.45
CA MET B 710 -43.01 -1.94 26.52
C MET B 710 -43.81 -3.23 26.63
N ASN B 711 -44.93 -3.27 25.92
CA ASN B 711 -45.79 -4.46 25.91
C ASN B 711 -45.75 -5.10 24.52
N ARG B 712 -45.49 -6.41 24.50
CA ARG B 712 -45.42 -7.14 23.24
C ARG B 712 -46.62 -6.78 22.36
N GLU B 713 -47.75 -6.53 23.00
CA GLU B 713 -48.98 -6.18 22.28
C GLU B 713 -48.81 -4.94 21.39
N MET B 714 -48.06 -3.97 21.91
CA MET B 714 -47.80 -2.71 21.21
C MET B 714 -47.04 -2.94 19.90
N LEU B 715 -46.09 -3.87 19.94
CA LEU B 715 -45.31 -4.19 18.75
C LEU B 715 -46.22 -4.85 17.73
N LEU B 716 -46.98 -5.85 18.19
CA LEU B 716 -47.89 -6.57 17.29
C LEU B 716 -48.74 -5.53 16.57
N ASP B 717 -49.21 -4.55 17.33
CA ASP B 717 -50.03 -3.48 16.76
C ASP B 717 -49.24 -2.73 15.68
N ALA B 718 -48.00 -2.38 16.02
CA ALA B 718 -47.13 -1.65 15.09
C ALA B 718 -46.94 -2.41 13.79
N MET B 719 -46.70 -3.72 13.90
CA MET B 719 -46.51 -4.57 12.71
C MET B 719 -47.68 -4.42 11.76
N GLU B 720 -48.88 -4.44 12.32
CA GLU B 720 -50.09 -4.30 11.52
C GLU B 720 -50.28 -2.88 11.00
N ASN B 721 -49.96 -1.88 11.85
CA ASN B 721 -50.14 -0.48 11.48
C ASN B 721 -48.89 0.41 11.52
N PRO B 722 -47.94 0.19 10.60
CA PRO B 722 -46.69 0.97 10.53
C PRO B 722 -46.94 2.47 10.67
N GLU B 723 -47.73 3.02 9.75
CA GLU B 723 -48.05 4.46 9.73
C GLU B 723 -48.49 5.06 11.08
N LYS B 724 -48.72 4.22 12.08
CA LYS B 724 -49.15 4.70 13.39
C LYS B 724 -47.98 4.93 14.35
N TYR B 725 -46.81 4.39 14.04
CA TYR B 725 -45.64 4.57 14.91
C TYR B 725 -44.41 4.97 14.08
N PRO B 726 -44.49 6.12 13.38
CA PRO B 726 -43.36 6.57 12.55
C PRO B 726 -42.04 6.64 13.31
N GLN B 727 -42.09 7.06 14.58
CA GLN B 727 -40.87 7.19 15.36
C GLN B 727 -40.64 6.14 16.45
N LEU B 728 -41.46 5.09 16.45
CA LEU B 728 -41.29 4.05 17.45
C LEU B 728 -39.84 3.56 17.39
N THR B 729 -39.16 3.54 18.52
CA THR B 729 -37.78 3.11 18.59
C THR B 729 -37.58 2.03 19.67
N ILE B 730 -36.70 1.07 19.40
CA ILE B 730 -36.42 0.00 20.34
C ILE B 730 -34.97 -0.43 20.34
N ARG B 731 -34.53 -0.94 21.49
CA ARG B 731 -33.18 -1.45 21.67
C ARG B 731 -33.23 -2.89 21.15
N VAL B 732 -32.28 -3.27 20.30
CA VAL B 732 -32.30 -4.63 19.74
C VAL B 732 -31.04 -5.47 19.83
N SER B 733 -29.92 -4.88 20.24
CA SER B 733 -28.69 -5.67 20.32
C SER B 733 -27.51 -4.87 20.87
N GLY B 734 -27.76 -3.63 21.27
CA GLY B 734 -26.69 -2.79 21.79
C GLY B 734 -26.72 -1.49 21.02
N TYR B 735 -27.83 -1.28 20.33
CA TYR B 735 -28.08 -0.08 19.53
C TYR B 735 -29.60 0.00 19.33
N ALA B 736 -30.08 1.14 18.85
CA ALA B 736 -31.52 1.33 18.64
C ALA B 736 -31.91 1.24 17.18
N VAL B 737 -33.21 1.05 16.94
CA VAL B 737 -33.73 0.92 15.60
C VAL B 737 -35.18 1.37 15.54
N ARG B 738 -35.58 2.00 14.44
CA ARG B 738 -36.98 2.37 14.31
C ARG B 738 -37.63 1.04 13.92
N PHE B 739 -38.61 0.61 14.70
CA PHE B 739 -39.30 -0.66 14.42
C PHE B 739 -39.65 -0.82 12.94
N ASN B 740 -40.25 0.21 12.35
CA ASN B 740 -40.64 0.16 10.93
C ASN B 740 -39.49 0.00 9.92
N SER B 741 -38.25 0.17 10.37
CA SER B 741 -37.09 0.05 9.48
C SER B 741 -36.63 -1.39 9.34
N LEU B 742 -37.17 -2.28 10.18
CA LEU B 742 -36.81 -3.69 10.15
C LEU B 742 -37.61 -4.46 9.10
N THR B 743 -37.10 -5.65 8.78
CA THR B 743 -37.76 -6.53 7.82
C THR B 743 -38.79 -7.33 8.60
N LYS B 744 -39.60 -8.09 7.88
CA LYS B 744 -40.63 -8.92 8.50
C LYS B 744 -39.93 -9.90 9.44
N GLU B 745 -39.01 -10.67 8.86
CA GLU B 745 -38.23 -11.69 9.56
C GLU B 745 -37.51 -11.13 10.78
N GLN B 746 -36.88 -9.96 10.61
CA GLN B 746 -36.15 -9.34 11.72
C GLN B 746 -37.12 -8.92 12.81
N GLN B 747 -38.30 -8.42 12.42
CA GLN B 747 -39.30 -8.05 13.43
C GLN B 747 -39.74 -9.32 14.16
N GLN B 748 -39.84 -10.40 13.40
CA GLN B 748 -40.23 -11.70 13.90
C GLN B 748 -39.32 -12.09 15.07
N ASP B 749 -38.03 -11.84 14.90
CA ASP B 749 -37.04 -12.14 15.94
C ASP B 749 -37.38 -11.32 17.19
N VAL B 750 -37.37 -10.00 17.02
CA VAL B 750 -37.68 -9.05 18.09
C VAL B 750 -38.87 -9.45 18.96
N ILE B 751 -40.02 -9.67 18.33
CA ILE B 751 -41.25 -10.03 19.04
C ILE B 751 -41.22 -11.37 19.78
N THR B 752 -40.29 -12.23 19.42
CA THR B 752 -40.24 -13.55 20.04
C THR B 752 -39.27 -13.55 21.22
N ARG B 753 -38.58 -12.44 21.39
CA ARG B 753 -37.62 -12.36 22.48
C ARG B 753 -38.31 -12.26 23.83
N THR B 754 -37.54 -12.43 24.90
CA THR B 754 -38.06 -12.41 26.25
C THR B 754 -38.58 -11.03 26.68
N PHE B 755 -39.82 -11.02 27.17
CA PHE B 755 -40.43 -9.79 27.68
C PHE B 755 -40.64 -10.00 29.18
N THR B 756 -39.63 -9.64 29.97
CA THR B 756 -39.69 -9.78 31.42
C THR B 756 -41.04 -9.28 31.95
N GLN B 757 -41.73 -10.16 32.68
CA GLN B 757 -43.07 -9.85 33.23
C GLN B 757 -43.02 -9.46 34.70
N SER B 758 -41.91 -9.71 35.37
CA SER B 758 -41.80 -9.39 36.79
C SER B 758 -40.34 -9.19 37.15
N MET B 759 -40.09 -8.74 38.37
CA MET B 759 -38.71 -8.54 38.80
C MET B 759 -38.14 -9.77 39.50
#